data_8BE0
#
_entry.id   8BE0
#
_cell.length_a   1.00
_cell.length_b   1.00
_cell.length_c   1.00
_cell.angle_alpha   90.00
_cell.angle_beta   90.00
_cell.angle_gamma   90.00
#
_symmetry.space_group_name_H-M   'P 1'
#
loop_
_entity.id
_entity.type
_entity.pdbx_description
1 polymer 'Polymerase acidic protein'
2 polymer 'RNA-directed RNA polymerase catalytic subunit'
3 polymer 'Polymerase basic protein 2'
4 polymer "5' vRNA"
5 polymer "3' vRNA"
6 polymer mRNA
7 non-polymer 'MAGNESIUM ION'
8 non-polymer "P1-7-METHYLGUANOSINE-P3-ADENOSINE-5',5'-TRIPHOSPHATE"
9 water water
#
loop_
_entity_poly.entity_id
_entity_poly.type
_entity_poly.pdbx_seq_one_letter_code
_entity_poly.pdbx_strand_id
1 'polypeptide(L)'
;GSHHHHHHHHGSGSMDTFITRNFQTTIIQKAKNTMAEFSEDPELQPAMLFNICVHLEVCYVISDMNFLDEEGKAYTALEG
QGKEQNLRPQYEVIEGMPRTIAWMVQRSLAQEHGIETPKYLADLFDYKTKRFIEVGITKGLADDYFWKKKEKLGNSMELM
IFSYNQDYSLSNESSLDEEGKGRVLSRLTELQAELSLKNLWQVLIGEEDVEKGIDFKLGQTISRLRDISVPAGFSNFEGM
RSYIDNIDPKGAIERNLARMSPLVSVTPKKLTWEDLRPIGPHIYNHELPEVPYNAFLLMSDELGLANMTEGKSKKPKTLA
KECLEKYSTLRDQTDPILIMKSEKANENFLWKLWRDCVNTISNEEMSNELQKTNYAKWATGDGLTYQKIMKEVAIDDETM
CQEEPKIPNKCRVAAWVQTEMNLLSTLTSKRALDLPEIGPDVAPVEHVGSERRKYFVNEINYCKASTVMMKYVLFHTSLL
NESNASMGKYKVIPITNRVVNEKGESFDMLYGLAVKGQSHLRGDTDVVTVVTFEFSSTDPRVDSGKWPKYTVFRIGSLFV
SGREKSVYLYCRVNGTNKIQMKWGMEARRCLLQSMQQMEAIVEQESSIQGYDMTKACFKGDRVNSPKTFSIGTQEGKLVK
GSFGKALRVIFTKCLMHYVFGNAQLEGFSAESRRLLLLIQALKDRKGPWVFDLEGMYSGIEECISNNPWVIQSAYWFNEW
LGFEKEGSKVLESVDEIMDEGSGSGENLYFQ
;
A
2 'polypeptide(L)'
;GSGSGSGSGMNINPYFLFIDVPIQAAISTTFPYTGVPPYSHGTGTGYTIDTVIRTHEYSNKGKQYISDVTGCTMVDPTNG
PLPEDNEPSAYAQLDCVLEALDRMDEEHPGLFQAASQNAMETLMVTTVDKLTQGRQTFDWTVCRNQPAATALNTTITSFR
LNDLNGADKGGLIPFCQDIIDSLDRPEMTFFSVKNIKKKLPAKNRKGFLIKRIPMKVKDKITKVEYIKRALSLNTMTKDA
ERGKLKRRAIATAGIQIRGFVLVVENLAKNICENLEQSGLPVGGNEKKAKLSNAVAKMLSNCPPGGISMTVTGDNTKWNE
CLNPRIFLAMTERITRDSPIWFRDFCSIAPVLFSNKIARLGKGFMITSKTKRLKAQIPCPDLFSIPLERYNEETRAKLKK
LKPFFNEEGTASLSPGMMMGMFNMLSTVLGVAALGIKNIGNKEYLWDGLQSSDDFALFVNAKDEETCMEGINDFYRTCKL
LGINMSKKKSYCNETGMFEFTSMFYRDGFVSNFAMELPSFGVAGVNESADMAIGMTIIKNNMINNGMGPATAQTAIQLFI
ADYRYTYKCHRGDSKVEGKRMKIIKELWENTKGRDGLLVADGGPNIYNLRNLHIPEIVLKYNLMDPEYKGRLLHPQNPFV
GHLSIEGIKEADITPAHGPVKKMDYDAVSGTHSWRTKRNRSILNTDQRNMILEEQCYAKCCNLFEACFNSASYRKPVGQH
SMLEAMAHRLRMDARLDYESGRMSKDDFEKAMAHLGEIGYIGSGSGENLYFQ
;
B
3 'polypeptide(L)'
;GSGSGSGSGMTLAKIELLKQLLRDNEAKTVLKQTTVDQYNIIRKFNTSRIEKNPSLRMKWAMCSNFPLALTKGDMANRIP
LEYKGIQLKTNAEDIGTKGQMCSIAAVTWWNTYGPIGDTEGFERVYESFFLRKMRLDNATWGRITFGPVERVRKRVLLNP
LTKEMPPDEASNVIMEILFPKEAGIPRESTWIHRELIKEKREKLKGTMITPIVLAYMLERELVARRRFLPVAGATSAEFI
EMLHCLQGENWRQIYHPGGNKLTESRSQSMIVACRKIIRRSIVASNPLELAVEIANKTVIDTEPLKSCLAAIDGGDVACD
IIRAALGLKIRQRQRFGRLELKRISGRGFKNDEEILIGNGTIQKIGIWDGEEEFHVRCGECRGILKKSKMKLEKLLINSA
KKEDMRDLIILCMVFSQDTRMFQGVRGEINFLNRAGQLLSPMYQLQRYFLNRSNDLFDQWGYEESPKASELHGINESMNA
SDYTLKGVVVTRNVIDDFSSTETEKVSITKNLSLIKRTGEVIMGANDVSELESQAQLMITYDTPKMWEMGTTKELVQNTY
QWVLKNLVTLKAQFLLGKEDMFQWDAFEAFESIIPQKMAGQYSGFARAVLKQMRDQEVMKTDQFIKLLPFCFSPPKLRSN
GEPYQFLKLVLKGGGENFIEVRKGSPLFSYNPQTEVLTICGRMMSLKGKIEDEERNRSMGNAVLAGFLVSGKYDPDLGDF
KTIEELEKLKPGEKANILLYQGKPVKVVKRKRYSALSNDISQGIKRQRMTVESMGWALSGWSHPQFEKGSGSENLYFQ
;
C
4 'polyribonucleotide' AGUAGUAACAAGUU V
5 'polyribonucleotide' UAUACAACUGACGAGGCUAUU R
6 'polyribonucleotide' AUCUAUAAUAGCCUC(K1F)UC(K1F)(K1F) M
#
loop_
_chem_comp.id
_chem_comp.type
_chem_comp.name
_chem_comp.formula
A RNA linking ADENOSINE-5'-MONOPHOSPHATE 'C10 H14 N5 O7 P'
C RNA linking CYTIDINE-5'-MONOPHOSPHATE 'C9 H14 N3 O8 P'
G RNA linking GUANOSINE-5'-MONOPHOSPHATE 'C10 H14 N5 O8 P'
GTA non-polymer P1-7-METHYLGUANOSINE-P3-ADENOSINE-5',5'-TRIPHOSPHATE 'C21 H30 N10 O17 P3 1'
K1F RNA linking '[(2R,3S,4R,5R)-5-(3-aminocarbonyl-2-oxidanylidene-pyrazin-1-yl)-3,4-bis(oxidanyl)oxolan-2-yl]methyl dihydrogen phosphate' 'C10 H14 N3 O9 P'
MG non-polymer 'MAGNESIUM ION' 'Mg 2'
U RNA linking URIDINE-5'-MONOPHOSPHATE 'C9 H13 N2 O9 P'
#
# COMPACT_ATOMS: atom_id res chain seq x y z
N MET A 15 47.82 29.28 -21.16
CA MET A 15 46.89 28.23 -21.69
C MET A 15 45.52 28.82 -21.98
N ASP A 16 44.77 29.14 -20.91
CA ASP A 16 43.45 29.71 -21.07
C ASP A 16 43.48 31.19 -21.41
N THR A 17 44.63 31.86 -21.23
CA THR A 17 44.72 33.28 -21.56
C THR A 17 44.47 33.52 -23.04
N PHE A 18 45.02 32.65 -23.89
CA PHE A 18 44.78 32.77 -25.33
C PHE A 18 43.30 32.65 -25.65
N ILE A 19 42.63 31.67 -25.05
CA ILE A 19 41.20 31.46 -25.31
C ILE A 19 40.41 32.68 -24.85
N THR A 20 40.71 33.17 -23.64
CA THR A 20 39.98 34.32 -23.13
C THR A 20 40.17 35.55 -24.02
N ARG A 21 41.40 35.79 -24.48
CA ARG A 21 41.68 36.99 -25.25
C ARG A 21 41.07 36.91 -26.64
N ASN A 22 41.20 35.76 -27.31
CA ASN A 22 40.74 35.66 -28.69
C ASN A 22 39.23 35.46 -28.75
N PHE A 23 38.72 34.37 -28.18
CA PHE A 23 37.30 34.07 -28.23
C PHE A 23 36.54 34.95 -27.24
N GLN A 24 35.43 35.52 -27.68
CA GLN A 24 34.68 36.46 -26.87
C GLN A 24 34.14 35.78 -25.61
N THR A 25 33.58 36.59 -24.71
CA THR A 25 33.07 36.06 -23.45
C THR A 25 31.92 35.09 -23.69
N THR A 26 31.03 35.41 -24.62
CA THR A 26 29.90 34.54 -24.90
C THR A 26 30.36 33.19 -25.41
N ILE A 27 31.36 33.16 -26.27
CA ILE A 27 31.84 31.90 -26.84
C ILE A 27 32.38 31.00 -25.73
N ILE A 28 33.21 31.55 -24.86
CA ILE A 28 33.78 30.75 -23.77
C ILE A 28 32.68 30.30 -22.82
N GLN A 29 31.72 31.18 -22.52
CA GLN A 29 30.64 30.81 -21.62
C GLN A 29 29.83 29.64 -22.19
N LYS A 30 29.48 29.72 -23.47
CA LYS A 30 28.69 28.66 -24.08
C LYS A 30 29.48 27.36 -24.20
N ALA A 31 30.77 27.46 -24.51
CA ALA A 31 31.60 26.26 -24.56
C ALA A 31 31.67 25.59 -23.19
N LYS A 32 31.87 26.39 -22.14
CA LYS A 32 31.90 25.83 -20.78
C LYS A 32 30.57 25.20 -20.42
N ASN A 33 29.46 25.83 -20.80
CA ASN A 33 28.16 25.25 -20.56
C ASN A 33 28.01 23.91 -21.28
N THR A 34 28.51 23.83 -22.51
CA THR A 34 28.44 22.57 -23.25
C THR A 34 29.24 21.48 -22.56
N MET A 35 30.46 21.79 -22.10
CA MET A 35 31.26 20.77 -21.45
C MET A 35 30.66 20.37 -20.10
N ALA A 36 30.01 21.32 -19.43
CA ALA A 36 29.25 20.97 -18.23
C ALA A 36 28.10 20.03 -18.57
N GLU A 37 27.43 20.28 -19.69
CA GLU A 37 26.36 19.39 -20.14
C GLU A 37 26.90 17.97 -20.35
N PHE A 38 28.07 17.87 -20.99
CA PHE A 38 28.69 16.56 -21.18
C PHE A 38 29.49 16.09 -19.98
N SER A 39 29.58 16.91 -18.93
CA SER A 39 30.26 16.53 -17.69
C SER A 39 31.76 16.32 -17.93
N GLU A 40 32.36 17.25 -18.68
CA GLU A 40 33.79 17.24 -18.94
C GLU A 40 34.41 18.46 -18.27
N ASP A 41 35.37 18.22 -17.39
CA ASP A 41 36.00 19.31 -16.66
C ASP A 41 36.82 20.18 -17.62
N PRO A 42 36.71 21.51 -17.56
CA PRO A 42 37.55 22.34 -18.43
C PRO A 42 39.04 22.15 -18.18
N GLU A 43 39.48 22.29 -16.93
CA GLU A 43 40.91 22.30 -16.65
C GLU A 43 41.57 20.99 -17.03
N LEU A 44 40.91 19.86 -16.72
CA LEU A 44 41.49 18.57 -17.04
C LEU A 44 41.54 18.30 -18.54
N GLN A 45 40.64 18.89 -19.31
CA GLN A 45 40.60 18.74 -20.76
C GLN A 45 40.50 20.10 -21.42
N PRO A 46 41.54 20.93 -21.31
CA PRO A 46 41.47 22.27 -21.94
C PRO A 46 41.30 22.21 -23.44
N ALA A 47 42.01 21.30 -24.12
CA ALA A 47 42.00 21.28 -25.57
C ALA A 47 40.58 21.24 -26.11
N MET A 48 39.76 20.33 -25.59
CA MET A 48 38.38 20.22 -26.05
C MET A 48 37.70 21.59 -25.99
N LEU A 49 37.82 22.28 -24.85
CA LEU A 49 37.28 23.63 -24.73
C LEU A 49 37.61 24.44 -25.97
N PHE A 50 38.90 24.58 -26.27
CA PHE A 50 39.31 25.38 -27.41
C PHE A 50 38.56 24.97 -28.65
N ASN A 51 38.55 23.66 -28.95
CA ASN A 51 37.86 23.19 -30.14
C ASN A 51 36.43 23.69 -30.15
N ILE A 52 35.69 23.45 -29.06
CA ILE A 52 34.32 23.92 -28.99
C ILE A 52 34.24 25.36 -29.44
N CYS A 53 35.06 26.22 -28.82
CA CYS A 53 34.99 27.64 -29.13
C CYS A 53 35.11 27.87 -30.62
N VAL A 54 36.17 27.34 -31.25
CA VAL A 54 36.37 27.60 -32.66
C VAL A 54 35.16 27.12 -33.44
N HIS A 55 34.67 25.92 -33.13
CA HIS A 55 33.48 25.43 -33.80
C HIS A 55 32.34 26.42 -33.64
N LEU A 56 32.04 26.79 -32.40
CA LEU A 56 30.98 27.76 -32.18
C LEU A 56 31.26 29.01 -33.01
N GLU A 57 32.51 29.47 -32.99
CA GLU A 57 32.86 30.68 -33.73
C GLU A 57 32.43 30.55 -35.19
N VAL A 58 32.84 29.47 -35.85
CA VAL A 58 32.54 29.38 -37.27
C VAL A 58 31.03 29.43 -37.48
N CYS A 59 30.27 28.75 -36.61
CA CYS A 59 28.83 28.79 -36.74
C CYS A 59 28.33 30.22 -36.80
N TYR A 60 28.74 31.04 -35.83
CA TYR A 60 28.27 32.42 -35.80
C TYR A 60 28.65 33.13 -37.08
N VAL A 61 29.87 32.89 -37.58
CA VAL A 61 30.28 33.53 -38.83
C VAL A 61 29.31 33.15 -39.94
N ILE A 62 29.05 31.85 -40.10
CA ILE A 62 28.15 31.44 -41.18
C ILE A 62 26.72 31.84 -40.90
N SER A 63 26.41 32.27 -39.67
CA SER A 63 25.10 32.80 -39.35
C SER A 63 25.01 34.31 -39.52
N ASP A 64 26.13 35.00 -39.72
CA ASP A 64 26.15 36.45 -39.79
C ASP A 64 26.56 36.96 -41.17
N MET A 65 26.08 36.29 -42.22
CA MET A 65 26.40 36.66 -43.59
C MET A 65 25.19 36.74 -44.51
N ASN A 66 24.00 36.43 -44.01
CA ASN A 66 22.77 36.62 -44.78
C ASN A 66 21.63 37.00 -43.84
N PHE A 67 20.63 37.66 -44.41
CA PHE A 67 19.43 38.05 -43.68
C PHE A 67 18.24 37.96 -44.63
N LEU A 68 17.15 37.38 -44.14
CA LEU A 68 15.95 37.27 -44.95
C LEU A 68 15.26 38.63 -45.07
N ASP A 69 14.71 38.89 -46.25
CA ASP A 69 14.05 40.15 -46.56
C ASP A 69 12.53 39.94 -46.62
N GLU A 70 11.82 41.02 -46.96
CA GLU A 70 10.38 40.95 -47.07
C GLU A 70 9.91 39.99 -48.15
N GLU A 71 10.77 39.70 -49.14
CA GLU A 71 10.45 38.75 -50.20
C GLU A 71 10.95 37.34 -49.88
N GLY A 72 11.50 37.11 -48.69
CA GLY A 72 12.00 35.79 -48.35
C GLY A 72 13.21 35.36 -49.14
N LYS A 73 14.15 36.28 -49.39
CA LYS A 73 15.38 35.98 -50.10
C LYS A 73 16.57 36.53 -49.32
N ALA A 74 17.69 35.85 -49.43
CA ALA A 74 18.88 36.22 -48.68
C ALA A 74 19.58 37.43 -49.29
N TYR A 75 20.19 38.23 -48.43
CA TYR A 75 21.03 39.35 -48.85
C TYR A 75 22.17 39.50 -47.86
N THR A 76 23.29 40.02 -48.34
CA THR A 76 24.48 40.17 -47.50
C THR A 76 24.34 41.39 -46.59
N ALA A 77 25.20 41.45 -45.59
CA ALA A 77 25.24 42.54 -44.63
C ALA A 77 26.44 43.44 -44.91
N LEU A 78 26.40 44.64 -44.35
CA LEU A 78 27.45 45.63 -44.54
C LEU A 78 27.28 46.71 -43.48
N GLU A 79 28.20 47.67 -43.48
CA GLU A 79 28.14 48.76 -42.53
C GLU A 79 27.06 49.76 -42.93
N GLY A 80 26.73 50.66 -41.99
CA GLY A 80 25.74 51.67 -42.22
C GLY A 80 24.30 51.21 -42.09
N GLN A 81 24.07 49.95 -41.72
CA GLN A 81 22.73 49.41 -41.61
C GLN A 81 22.20 49.57 -40.20
N GLY A 82 20.91 49.89 -40.10
CA GLY A 82 20.28 50.00 -38.80
C GLY A 82 19.88 48.65 -38.22
N LYS A 83 19.60 48.65 -36.91
CA LYS A 83 19.20 47.42 -36.24
C LYS A 83 17.85 46.93 -36.73
N GLU A 84 16.93 47.86 -37.02
CA GLU A 84 15.60 47.48 -37.48
C GLU A 84 15.66 46.64 -38.75
N GLN A 85 16.63 46.91 -39.62
CA GLN A 85 16.72 46.18 -40.88
C GLN A 85 17.07 44.71 -40.65
N ASN A 86 17.76 44.40 -39.55
CA ASN A 86 18.07 43.02 -39.19
C ASN A 86 16.95 42.51 -38.30
N LEU A 87 15.99 41.82 -38.92
CA LEU A 87 14.83 41.31 -38.19
C LEU A 87 14.98 39.81 -37.90
N ARG A 88 15.17 39.00 -38.93
CA ARG A 88 15.26 37.56 -38.78
C ARG A 88 16.52 37.07 -39.50
N PRO A 89 17.43 36.37 -38.82
CA PRO A 89 18.65 35.92 -39.49
C PRO A 89 18.35 34.87 -40.55
N GLN A 90 19.25 34.79 -41.54
CA GLN A 90 19.10 33.76 -42.57
C GLN A 90 19.22 32.37 -41.98
N TYR A 91 20.18 32.17 -41.08
CA TYR A 91 20.41 30.89 -40.42
C TYR A 91 20.08 31.00 -38.94
N GLU A 92 19.62 29.89 -38.37
CA GLU A 92 19.39 29.76 -36.94
C GLU A 92 20.46 28.86 -36.35
N VAL A 93 20.99 29.25 -35.19
CA VAL A 93 22.12 28.56 -34.56
C VAL A 93 21.59 27.56 -33.56
N ILE A 94 22.04 26.31 -33.68
CA ILE A 94 21.67 25.24 -32.77
C ILE A 94 22.74 25.01 -31.73
N GLU A 95 24.00 24.89 -32.16
CA GLU A 95 25.10 24.68 -31.23
C GLU A 95 25.30 25.92 -30.36
N GLY A 96 25.93 25.71 -29.20
CA GLY A 96 26.11 26.78 -28.24
C GLY A 96 24.91 27.04 -27.36
N MET A 97 23.99 26.10 -27.28
CA MET A 97 22.76 26.22 -26.49
C MET A 97 22.58 24.98 -25.65
N PRO A 98 21.87 25.09 -24.52
CA PRO A 98 21.61 23.90 -23.71
C PRO A 98 20.88 22.83 -24.50
N ARG A 99 21.19 21.57 -24.18
CA ARG A 99 20.62 20.47 -24.95
C ARG A 99 19.11 20.56 -25.04
N THR A 100 18.44 20.89 -23.93
CA THR A 100 16.99 20.98 -23.94
C THR A 100 16.52 22.09 -24.87
N ILE A 101 17.14 23.26 -24.78
CA ILE A 101 16.73 24.39 -25.62
C ILE A 101 17.00 24.09 -27.09
N ALA A 102 18.18 23.55 -27.40
CA ALA A 102 18.51 23.25 -28.79
C ALA A 102 17.57 22.19 -29.34
N TRP A 103 17.24 21.18 -28.54
CA TRP A 103 16.30 20.16 -29.00
C TRP A 103 14.92 20.73 -29.23
N MET A 104 14.48 21.64 -28.36
CA MET A 104 13.20 22.31 -28.57
C MET A 104 13.21 23.09 -29.88
N VAL A 105 14.31 23.80 -30.14
CA VAL A 105 14.41 24.58 -31.37
C VAL A 105 14.35 23.66 -32.60
N GLN A 106 15.12 22.58 -32.57
CA GLN A 106 15.17 21.68 -33.71
C GLN A 106 13.81 21.02 -33.94
N ARG A 107 13.16 20.57 -32.87
CA ARG A 107 11.85 19.94 -33.02
C ARG A 107 10.82 20.92 -33.52
N SER A 108 10.86 22.17 -33.05
CA SER A 108 9.92 23.17 -33.54
C SER A 108 10.12 23.43 -35.02
N LEU A 109 11.38 23.57 -35.45
CA LEU A 109 11.64 23.78 -36.88
C LEU A 109 11.16 22.60 -37.69
N ALA A 110 11.44 21.38 -37.24
CA ALA A 110 10.98 20.20 -37.96
C ALA A 110 9.46 20.16 -38.05
N GLN A 111 8.77 20.45 -36.95
CA GLN A 111 7.32 20.41 -36.94
C GLN A 111 6.72 21.45 -37.86
N GLU A 112 7.29 22.65 -37.89
CA GLU A 112 6.74 23.74 -38.69
C GLU A 112 7.29 23.77 -40.11
N HIS A 113 8.17 22.83 -40.48
CA HIS A 113 8.62 22.71 -41.86
C HIS A 113 8.34 21.33 -42.45
N GLY A 114 7.56 20.50 -41.77
CA GLY A 114 7.15 19.22 -42.34
C GLY A 114 8.30 18.32 -42.73
N ILE A 115 9.36 18.29 -41.91
CA ILE A 115 10.52 17.44 -42.13
C ILE A 115 10.76 16.65 -40.85
N GLU A 116 10.98 15.35 -40.99
CA GLU A 116 11.19 14.50 -39.83
C GLU A 116 12.42 14.94 -39.05
N THR A 117 12.31 14.91 -37.73
CA THR A 117 13.40 15.34 -36.87
C THR A 117 14.61 14.42 -37.06
N PRO A 118 15.79 14.95 -37.37
CA PRO A 118 16.96 14.08 -37.47
C PRO A 118 17.32 13.48 -36.11
N LYS A 119 17.88 12.28 -36.16
CA LYS A 119 18.14 11.51 -34.95
C LYS A 119 19.21 12.14 -34.06
N TYR A 120 19.94 13.13 -34.55
CA TYR A 120 21.00 13.77 -33.77
C TYR A 120 20.88 15.28 -33.88
N LEU A 121 21.32 15.97 -32.83
CA LEU A 121 21.21 17.42 -32.78
C LEU A 121 22.05 18.07 -33.87
N ALA A 122 21.46 19.02 -34.57
CA ALA A 122 22.15 19.70 -35.66
C ALA A 122 22.96 20.88 -35.13
N ASP A 123 23.74 21.50 -36.01
CA ASP A 123 24.51 22.68 -35.69
C ASP A 123 23.88 23.97 -36.18
N LEU A 124 23.17 23.93 -37.30
CA LEU A 124 22.55 25.11 -37.87
C LEU A 124 21.30 24.71 -38.61
N PHE A 125 20.40 25.66 -38.83
CA PHE A 125 19.23 25.46 -39.67
C PHE A 125 19.17 26.59 -40.69
N ASP A 126 19.00 26.23 -41.95
CA ASP A 126 18.87 27.19 -43.04
C ASP A 126 17.42 27.23 -43.49
N TYR A 127 16.81 28.42 -43.39
CA TYR A 127 15.41 28.58 -43.74
C TYR A 127 15.20 28.61 -45.26
N LYS A 128 16.13 29.24 -45.99
CA LYS A 128 15.98 29.34 -47.44
C LYS A 128 15.80 27.96 -48.06
N THR A 129 16.67 27.02 -47.72
CA THR A 129 16.53 25.63 -48.16
C THR A 129 15.83 24.75 -47.13
N LYS A 130 15.55 25.29 -45.94
CA LYS A 130 14.84 24.54 -44.90
C LYS A 130 15.52 23.21 -44.60
N ARG A 131 16.81 23.29 -44.28
CA ARG A 131 17.59 22.08 -44.03
C ARG A 131 18.47 22.28 -42.80
N PHE A 132 18.83 21.15 -42.18
CA PHE A 132 19.71 21.15 -41.02
C PHE A 132 21.14 20.87 -41.45
N ILE A 133 22.06 21.71 -40.99
CA ILE A 133 23.46 21.66 -41.39
C ILE A 133 24.30 21.28 -40.18
N GLU A 134 25.15 20.28 -40.36
CA GLU A 134 26.11 19.85 -39.33
C GLU A 134 27.49 20.29 -39.77
N VAL A 135 27.97 21.41 -39.24
CA VAL A 135 29.29 21.92 -39.58
C VAL A 135 30.33 21.20 -38.72
N GLY A 136 31.40 20.76 -39.36
CA GLY A 136 32.47 20.07 -38.67
C GLY A 136 33.82 20.67 -39.01
N ILE A 137 34.75 20.53 -38.07
CA ILE A 137 36.13 20.95 -38.23
C ILE A 137 37.01 19.71 -38.08
N THR A 138 37.88 19.46 -39.06
CA THR A 138 38.71 18.27 -39.10
C THR A 138 40.17 18.64 -39.14
N LYS A 139 41.00 17.78 -38.56
CA LYS A 139 42.45 17.96 -38.60
C LYS A 139 43.09 17.23 -39.77
N GLY A 140 42.54 16.08 -40.17
CA GLY A 140 43.05 15.30 -41.28
C GLY A 140 42.36 15.64 -42.59
N LEU A 141 42.29 14.64 -43.47
CA LEU A 141 41.68 14.83 -44.77
C LEU A 141 40.22 15.23 -44.63
N ALA A 142 39.82 16.27 -45.36
CA ALA A 142 38.44 16.74 -45.30
C ALA A 142 37.47 15.71 -45.82
N ASP A 143 37.81 15.03 -46.92
CA ASP A 143 36.90 14.06 -47.52
C ASP A 143 36.64 12.89 -46.59
N ASP A 144 37.68 12.42 -45.88
CA ASP A 144 37.50 11.31 -44.95
C ASP A 144 36.52 11.69 -43.85
N TYR A 145 36.67 12.89 -43.27
CA TYR A 145 35.74 13.34 -42.24
C TYR A 145 34.33 13.48 -42.82
N PHE A 146 34.22 14.02 -44.04
CA PHE A 146 32.92 14.15 -44.67
C PHE A 146 32.24 12.79 -44.80
N TRP A 147 32.97 11.78 -45.26
CA TRP A 147 32.39 10.46 -45.42
C TRP A 147 32.02 9.84 -44.06
N LYS A 148 32.89 9.99 -43.06
CA LYS A 148 32.60 9.42 -41.76
C LYS A 148 31.33 10.04 -41.17
N LYS A 149 31.15 11.35 -41.33
CA LYS A 149 29.89 11.97 -40.93
C LYS A 149 28.73 11.45 -41.77
N LYS A 150 28.97 11.25 -43.07
CA LYS A 150 27.96 10.66 -43.94
C LYS A 150 27.49 9.32 -43.41
N GLU A 151 28.37 8.59 -42.71
CA GLU A 151 28.02 7.26 -42.22
C GLU A 151 26.81 7.31 -41.29
N LYS A 152 26.58 8.44 -40.62
CA LYS A 152 25.47 8.52 -39.66
C LYS A 152 24.12 8.65 -40.37
N LEU A 153 23.92 9.75 -41.08
CA LEU A 153 22.67 10.02 -41.78
C LEU A 153 22.85 10.23 -43.27
N GLY A 154 23.92 10.91 -43.69
CA GLY A 154 24.22 11.08 -45.09
C GLY A 154 23.51 12.25 -45.74
N ASN A 155 22.21 12.09 -46.01
CA ASN A 155 21.45 13.11 -46.73
C ASN A 155 20.45 13.85 -45.86
N SER A 156 20.10 13.30 -44.69
CA SER A 156 19.12 13.96 -43.83
C SER A 156 19.62 15.29 -43.28
N MET A 157 20.93 15.49 -43.22
CA MET A 157 21.52 16.70 -42.61
C MET A 157 22.77 17.07 -43.41
N GLU A 158 22.59 17.94 -44.42
CA GLU A 158 23.68 18.32 -45.29
C GLU A 158 24.80 18.99 -44.49
N LEU A 159 25.99 18.39 -44.51
CA LEU A 159 27.10 18.80 -43.67
C LEU A 159 28.24 19.37 -44.50
N MET A 160 28.81 20.47 -44.04
CA MET A 160 29.98 21.09 -44.64
C MET A 160 31.13 21.05 -43.66
N ILE A 161 32.30 20.61 -44.13
CA ILE A 161 33.47 20.39 -43.29
C ILE A 161 34.55 21.40 -43.65
N PHE A 162 35.19 21.95 -42.63
CA PHE A 162 36.37 22.79 -42.80
C PHE A 162 37.58 22.10 -42.18
N SER A 163 38.76 22.54 -42.61
CA SER A 163 40.01 21.93 -42.14
C SER A 163 41.04 23.03 -41.91
N TYR A 164 41.99 22.73 -41.01
CA TYR A 164 43.05 23.69 -40.70
C TYR A 164 44.01 23.87 -41.87
N ASN A 165 44.01 22.97 -42.84
CA ASN A 165 44.88 23.06 -44.02
C ASN A 165 44.15 23.65 -45.22
N GLN A 166 43.24 24.60 -44.98
CA GLN A 166 42.54 25.30 -46.05
C GLN A 166 41.87 24.32 -47.01
N ASP A 167 41.24 23.30 -46.46
CA ASP A 167 40.52 22.30 -47.23
C ASP A 167 39.06 22.28 -46.76
N TYR A 168 38.15 22.38 -47.71
CA TYR A 168 36.72 22.45 -47.43
C TYR A 168 35.99 21.36 -48.21
N SER A 169 34.93 20.81 -47.61
CA SER A 169 34.08 19.81 -48.24
C SER A 169 32.63 20.25 -48.04
N LEU A 170 32.15 21.09 -48.94
CA LEU A 170 30.78 21.59 -48.87
C LEU A 170 29.80 20.53 -49.35
N SER A 171 28.63 20.50 -48.71
CA SER A 171 27.61 19.52 -49.04
C SER A 171 27.11 19.73 -50.47
N ASN A 172 26.21 18.84 -50.90
CA ASN A 172 25.72 18.88 -52.27
C ASN A 172 25.03 20.21 -52.57
N GLU A 173 24.19 20.68 -51.65
CA GLU A 173 23.42 21.91 -51.84
C GLU A 173 24.20 23.07 -51.23
N SER A 174 25.05 23.70 -52.03
CA SER A 174 25.79 24.86 -51.56
C SER A 174 24.82 25.96 -51.14
N SER A 175 25.07 26.54 -49.97
CA SER A 175 24.20 27.60 -49.44
C SER A 175 25.01 28.76 -48.91
N LEU A 176 26.17 29.03 -49.50
CA LEU A 176 27.01 30.14 -49.07
C LEU A 176 27.86 30.60 -50.24
N ASP A 177 28.40 31.80 -50.12
CA ASP A 177 29.18 32.44 -51.17
C ASP A 177 30.67 32.20 -50.95
N GLU A 178 31.46 32.57 -51.95
CA GLU A 178 32.90 32.43 -51.86
C GLU A 178 33.49 33.38 -50.82
N GLU A 179 32.89 34.56 -50.66
CA GLU A 179 33.42 35.54 -49.71
C GLU A 179 33.38 34.99 -48.29
N GLY A 180 32.26 34.39 -47.90
CA GLY A 180 32.14 33.86 -46.55
C GLY A 180 33.09 32.71 -46.30
N LYS A 181 33.21 31.78 -47.26
CA LYS A 181 34.13 30.66 -47.12
C LYS A 181 35.56 31.17 -46.98
N GLY A 182 35.94 32.12 -47.83
CA GLY A 182 37.27 32.70 -47.73
C GLY A 182 37.50 33.39 -46.41
N ARG A 183 36.50 34.10 -45.90
CA ARG A 183 36.63 34.77 -44.61
C ARG A 183 36.84 33.76 -43.49
N VAL A 184 36.05 32.68 -43.49
CA VAL A 184 36.19 31.66 -42.46
C VAL A 184 37.58 31.02 -42.53
N LEU A 185 38.04 30.70 -43.75
CA LEU A 185 39.35 30.09 -43.88
C LEU A 185 40.46 31.05 -43.44
N SER A 186 40.32 32.33 -43.76
CA SER A 186 41.33 33.31 -43.34
C SER A 186 41.33 33.46 -41.83
N ARG A 187 40.16 33.45 -41.20
CA ARG A 187 40.10 33.52 -39.74
C ARG A 187 40.78 32.30 -39.12
N LEU A 188 40.52 31.11 -39.68
CA LEU A 188 41.17 29.91 -39.17
C LEU A 188 42.69 29.98 -39.36
N THR A 189 43.13 30.52 -40.50
CA THR A 189 44.57 30.67 -40.74
C THR A 189 45.19 31.62 -39.74
N GLU A 190 44.51 32.73 -39.44
CA GLU A 190 45.03 33.66 -38.43
C GLU A 190 45.10 33.00 -37.07
N LEU A 191 44.06 32.21 -36.72
CA LEU A 191 44.08 31.49 -35.46
C LEU A 191 45.27 30.54 -35.39
N GLN A 192 45.51 29.80 -36.47
CA GLN A 192 46.65 28.89 -36.52
C GLN A 192 47.97 29.64 -36.35
N ALA A 193 48.11 30.77 -37.05
CA ALA A 193 49.36 31.52 -36.98
C ALA A 193 49.60 32.07 -35.57
N GLU A 194 48.55 32.62 -34.95
CA GLU A 194 48.72 33.17 -33.60
C GLU A 194 49.02 32.08 -32.59
N LEU A 195 48.33 30.94 -32.67
CA LEU A 195 48.60 29.87 -31.71
C LEU A 195 49.97 29.25 -31.97
N SER A 196 50.47 29.30 -33.21
CA SER A 196 51.81 28.79 -33.49
C SER A 196 52.87 29.73 -32.92
N LEU A 197 52.72 31.04 -33.14
CA LEU A 197 53.69 31.98 -32.59
C LEU A 197 53.56 32.14 -31.09
N LYS A 198 52.46 31.68 -30.49
CA LYS A 198 52.31 31.66 -29.05
C LYS A 198 52.63 30.30 -28.43
N ASN A 199 53.06 29.33 -29.25
CA ASN A 199 53.50 28.03 -28.78
C ASN A 199 52.40 27.33 -27.97
N LEU A 200 51.28 27.06 -28.65
CA LEU A 200 50.16 26.34 -28.05
C LEU A 200 49.66 25.19 -28.90
N TRP A 201 50.20 24.98 -30.10
CA TRP A 201 49.77 23.85 -30.91
C TRP A 201 50.07 22.53 -30.22
N GLN A 202 51.26 22.42 -29.62
CA GLN A 202 51.59 21.21 -28.86
C GLN A 202 50.70 21.07 -27.63
N VAL A 203 50.26 22.20 -27.06
CA VAL A 203 49.39 22.15 -25.90
C VAL A 203 48.07 21.46 -26.24
N LEU A 204 47.59 21.64 -27.47
CA LEU A 204 46.31 21.06 -27.88
C LEU A 204 46.48 19.68 -28.50
N ILE A 205 47.57 19.44 -29.23
CA ILE A 205 47.73 18.18 -29.95
C ILE A 205 47.79 17.00 -28.98
N GLY A 206 48.23 17.25 -27.75
CA GLY A 206 48.38 16.18 -26.77
C GLY A 206 47.10 15.41 -26.49
N GLU A 207 47.18 14.09 -26.52
CA GLU A 207 46.05 13.21 -26.21
C GLU A 207 46.20 12.77 -24.75
N GLU A 208 45.61 13.56 -23.85
CA GLU A 208 45.70 13.33 -22.40
C GLU A 208 44.29 13.38 -21.82
N ASP A 209 43.63 12.22 -21.78
CA ASP A 209 42.29 12.10 -21.21
C ASP A 209 42.26 10.82 -20.38
N VAL A 210 42.58 10.94 -19.09
CA VAL A 210 42.57 9.80 -18.18
C VAL A 210 41.15 9.57 -17.69
N GLU A 211 40.90 8.41 -17.08
CA GLU A 211 39.57 8.10 -16.58
C GLU A 211 39.11 9.15 -15.58
N LYS A 212 37.86 9.59 -15.73
CA LYS A 212 37.27 10.59 -14.86
C LYS A 212 35.94 10.05 -14.32
N GLY A 213 35.72 10.23 -13.02
CA GLY A 213 34.54 9.70 -12.37
C GLY A 213 33.95 10.69 -11.37
N ILE A 214 32.95 10.20 -10.63
CA ILE A 214 32.27 11.04 -9.65
C ILE A 214 33.21 11.41 -8.52
N ASP A 215 33.06 12.61 -7.99
CA ASP A 215 33.87 13.11 -6.89
C ASP A 215 32.97 13.45 -5.71
N PHE A 216 33.31 12.92 -4.53
CA PHE A 216 32.60 13.24 -3.29
C PHE A 216 33.65 13.30 -2.19
N LYS A 217 34.09 14.49 -1.85
CA LYS A 217 35.20 14.70 -0.92
C LYS A 217 34.67 15.19 0.41
N LEU A 218 35.10 14.57 1.49
CA LEU A 218 34.67 14.91 2.84
C LEU A 218 35.50 16.07 3.37
N GLY A 219 34.81 17.04 3.98
CA GLY A 219 35.47 18.18 4.58
C GLY A 219 35.96 17.87 5.99
N GLN A 220 36.45 18.91 6.66
CA GLN A 220 37.06 18.74 7.96
C GLN A 220 36.02 18.39 9.02
N THR A 221 34.90 19.12 9.05
CA THR A 221 33.89 18.89 10.07
C THR A 221 33.27 17.51 9.93
N ILE A 222 32.89 17.14 8.72
CA ILE A 222 32.26 15.83 8.51
C ILE A 222 33.27 14.72 8.78
N SER A 223 34.54 14.94 8.43
CA SER A 223 35.56 13.95 8.73
C SER A 223 35.71 13.74 10.23
N ARG A 224 35.73 14.83 11.01
CA ARG A 224 35.84 14.68 12.46
C ARG A 224 34.58 14.03 13.04
N LEU A 225 33.41 14.39 12.51
CA LEU A 225 32.17 13.77 12.99
C LEU A 225 32.19 12.27 12.75
N ARG A 226 32.67 11.85 11.59
CA ARG A 226 32.80 10.42 11.32
C ARG A 226 33.86 9.78 12.20
N ASP A 227 34.94 10.50 12.48
CA ASP A 227 35.99 9.96 13.34
C ASP A 227 35.48 9.69 14.75
N ILE A 228 34.66 10.59 15.29
CA ILE A 228 34.14 10.43 16.63
C ILE A 228 32.85 9.63 16.61
N SER A 229 32.51 9.07 15.45
CA SER A 229 31.29 8.29 15.28
C SER A 229 31.58 6.80 15.14
N VAL A 230 32.77 6.35 15.51
CA VAL A 230 33.15 4.95 15.36
C VAL A 230 32.82 4.20 16.65
N PRO A 231 32.67 2.88 16.60
CA PRO A 231 32.45 2.10 17.82
C PRO A 231 33.62 2.24 18.81
N ALA A 232 33.40 1.73 20.01
CA ALA A 232 34.45 1.73 21.02
C ALA A 232 35.56 0.76 20.63
N GLY A 233 36.80 1.19 20.84
CA GLY A 233 37.96 0.42 20.47
C GLY A 233 38.63 0.84 19.19
N PHE A 234 38.17 1.92 18.55
CA PHE A 234 38.77 2.44 17.34
C PHE A 234 39.14 3.90 17.55
N SER A 235 40.30 4.29 17.05
CA SER A 235 40.75 5.67 17.18
C SER A 235 40.03 6.58 16.19
N ASN A 236 39.99 6.19 14.92
CA ASN A 236 39.39 7.00 13.87
C ASN A 236 38.61 6.09 12.94
N PHE A 237 38.01 6.68 11.90
CA PHE A 237 37.20 5.90 10.98
C PHE A 237 38.03 5.10 10.00
N GLU A 238 39.25 5.55 9.68
CA GLU A 238 40.09 4.76 8.78
C GLU A 238 40.43 3.41 9.41
N GLY A 239 40.76 3.40 10.70
CA GLY A 239 40.99 2.14 11.38
C GLY A 239 39.77 1.25 11.39
N MET A 240 38.59 1.84 11.61
CA MET A 240 37.36 1.05 11.60
C MET A 240 37.12 0.45 10.22
N ARG A 241 37.32 1.23 9.16
CA ARG A 241 37.13 0.73 7.81
C ARG A 241 38.11 -0.40 7.50
N SER A 242 39.38 -0.21 7.88
CA SER A 242 40.36 -1.27 7.66
C SER A 242 39.98 -2.53 8.42
N TYR A 243 39.53 -2.39 9.65
CA TYR A 243 39.10 -3.54 10.44
C TYR A 243 37.92 -4.25 9.77
N ILE A 244 36.93 -3.48 9.31
CA ILE A 244 35.77 -4.09 8.67
C ILE A 244 36.19 -4.82 7.39
N ASP A 245 37.17 -4.27 6.68
CA ASP A 245 37.57 -4.82 5.40
C ASP A 245 38.44 -6.07 5.52
N ASN A 246 39.29 -6.15 6.53
CA ASN A 246 40.36 -7.15 6.58
C ASN A 246 40.05 -8.31 7.54
N ILE A 247 39.73 -8.02 8.79
CA ILE A 247 39.22 -9.13 9.65
C ILE A 247 38.16 -10.19 9.37
N ASP A 248 38.40 -11.40 9.86
CA ASP A 248 37.52 -12.54 9.72
C ASP A 248 36.80 -12.78 11.04
N PRO A 249 35.49 -12.52 11.12
CA PRO A 249 34.82 -12.61 12.43
C PRO A 249 34.30 -14.00 12.76
N LYS A 250 34.79 -15.02 12.05
CA LYS A 250 34.30 -16.38 12.26
C LYS A 250 34.43 -16.78 13.73
N GLY A 251 33.34 -17.32 14.27
CA GLY A 251 33.32 -17.79 15.64
C GLY A 251 33.08 -16.72 16.69
N ALA A 252 32.88 -15.47 16.29
CA ALA A 252 32.70 -14.40 17.26
C ALA A 252 31.42 -14.59 18.07
N ILE A 253 30.34 -15.00 17.41
CA ILE A 253 29.08 -15.18 18.12
C ILE A 253 29.19 -16.28 19.16
N GLU A 254 29.84 -17.39 18.80
CA GLU A 254 30.05 -18.47 19.76
C GLU A 254 30.87 -18.00 20.95
N ARG A 255 31.95 -17.27 20.70
CA ARG A 255 32.79 -16.79 21.80
C ARG A 255 32.04 -15.84 22.70
N ASN A 256 31.23 -14.94 22.12
CA ASN A 256 30.49 -13.99 22.94
C ASN A 256 29.39 -14.69 23.73
N LEU A 257 28.73 -15.68 23.14
CA LEU A 257 27.71 -16.42 23.87
C LEU A 257 28.31 -17.27 24.98
N ALA A 258 29.55 -17.73 24.80
CA ALA A 258 30.22 -18.49 25.85
C ALA A 258 30.43 -17.66 27.10
N ARG A 259 30.81 -16.39 26.94
CA ARG A 259 31.10 -15.51 28.07
C ARG A 259 29.90 -14.69 28.52
N MET A 260 28.76 -14.81 27.85
CA MET A 260 27.57 -14.08 28.28
C MET A 260 26.91 -14.80 29.45
N SER A 261 26.43 -14.02 30.41
CA SER A 261 25.97 -14.58 31.67
C SER A 261 24.77 -15.49 31.44
N PRO A 262 24.65 -16.59 32.19
CA PRO A 262 23.41 -17.40 32.11
C PRO A 262 22.17 -16.64 32.53
N LEU A 263 22.32 -15.57 33.31
CA LEU A 263 21.15 -14.80 33.72
C LEU A 263 20.43 -14.20 32.52
N VAL A 264 21.15 -13.97 31.42
CA VAL A 264 20.54 -13.49 30.18
C VAL A 264 19.85 -14.69 29.54
N SER A 265 18.54 -14.82 29.77
CA SER A 265 17.80 -16.00 29.33
C SER A 265 16.39 -15.59 28.98
N VAL A 266 15.79 -16.34 28.04
CA VAL A 266 14.39 -16.11 27.68
C VAL A 266 13.44 -16.76 28.66
N THR A 267 13.95 -17.59 29.57
CA THR A 267 13.16 -18.19 30.64
C THR A 267 11.85 -18.79 30.13
N PRO A 268 11.92 -19.76 29.22
CA PRO A 268 10.68 -20.36 28.70
C PRO A 268 9.92 -21.11 29.77
N LYS A 269 8.60 -21.09 29.66
CA LYS A 269 7.72 -21.76 30.62
C LYS A 269 6.52 -22.29 29.86
N LYS A 270 6.27 -23.60 29.98
CA LYS A 270 5.14 -24.21 29.30
C LYS A 270 3.84 -23.73 29.93
N LEU A 271 2.92 -23.25 29.10
CA LEU A 271 1.67 -22.68 29.58
C LEU A 271 0.68 -23.78 29.93
N THR A 272 -0.02 -23.60 31.04
CA THR A 272 -1.08 -24.49 31.47
C THR A 272 -2.31 -23.67 31.82
N TRP A 273 -3.47 -24.33 31.84
CA TRP A 273 -4.70 -23.63 32.19
C TRP A 273 -4.61 -23.02 33.58
N GLU A 274 -3.87 -23.67 34.49
CA GLU A 274 -3.78 -23.18 35.85
C GLU A 274 -2.94 -21.92 35.96
N ASP A 275 -2.08 -21.65 34.98
CA ASP A 275 -1.27 -20.44 34.98
C ASP A 275 -2.07 -19.21 34.57
N LEU A 276 -3.20 -19.39 33.90
CA LEU A 276 -4.03 -18.27 33.46
C LEU A 276 -4.95 -17.88 34.61
N ARG A 277 -4.63 -16.77 35.25
CA ARG A 277 -5.42 -16.26 36.35
C ARG A 277 -6.40 -15.19 35.84
N PRO A 278 -7.41 -14.85 36.64
CA PRO A 278 -8.32 -13.77 36.22
C PRO A 278 -7.57 -12.47 36.04
N ILE A 279 -8.01 -11.68 35.06
CA ILE A 279 -7.37 -10.40 34.75
C ILE A 279 -8.06 -9.30 35.55
N GLY A 280 -7.26 -8.46 36.18
CA GLY A 280 -7.77 -7.33 36.93
C GLY A 280 -8.58 -7.75 38.13
N PRO A 281 -7.94 -8.35 39.13
CA PRO A 281 -8.67 -8.72 40.35
C PRO A 281 -9.27 -7.53 41.08
N HIS A 282 -8.70 -6.34 40.93
CA HIS A 282 -9.18 -5.18 41.67
C HIS A 282 -10.62 -4.82 41.31
N ILE A 283 -11.12 -5.26 40.16
CA ILE A 283 -12.51 -5.00 39.80
C ILE A 283 -13.49 -5.75 40.67
N TYR A 284 -13.02 -6.67 41.51
CA TYR A 284 -13.89 -7.46 42.37
C TYR A 284 -13.95 -6.96 43.79
N ASN A 285 -13.02 -6.10 44.21
CA ASN A 285 -12.97 -5.62 45.59
C ASN A 285 -13.91 -4.44 45.77
N HIS A 286 -14.72 -4.49 46.82
CA HIS A 286 -15.78 -3.52 47.06
C HIS A 286 -15.27 -2.23 47.70
N GLU A 287 -13.96 -2.10 47.91
CA GLU A 287 -13.42 -0.83 48.38
C GLU A 287 -13.62 0.27 47.34
N LEU A 288 -13.44 -0.07 46.06
CA LEU A 288 -13.57 0.91 45.00
C LEU A 288 -15.04 1.19 44.70
N PRO A 289 -15.36 2.39 44.20
CA PRO A 289 -16.73 2.65 43.75
C PRO A 289 -17.01 1.95 42.44
N GLU A 290 -18.26 1.52 42.28
CA GLU A 290 -18.66 0.89 41.03
C GLU A 290 -18.62 1.90 39.91
N VAL A 291 -18.22 1.46 38.72
CA VAL A 291 -17.97 2.41 37.63
C VAL A 291 -19.29 3.11 37.26
N PRO A 292 -19.30 4.44 37.18
CA PRO A 292 -20.56 5.15 36.89
C PRO A 292 -20.86 5.20 35.39
N TYR A 293 -22.09 5.58 35.09
CA TYR A 293 -22.52 5.77 33.72
C TYR A 293 -21.94 7.06 33.16
N ASN A 294 -21.26 6.98 32.02
CA ASN A 294 -20.59 8.13 31.43
C ASN A 294 -20.83 8.25 29.93
N ALA A 295 -21.77 7.48 29.37
CA ALA A 295 -22.05 7.58 27.94
C ALA A 295 -22.67 8.94 27.62
N PHE A 296 -22.46 9.38 26.37
CA PHE A 296 -22.92 10.72 25.99
C PHE A 296 -24.44 10.84 26.06
N LEU A 297 -25.16 9.73 25.95
CA LEU A 297 -26.62 9.74 26.00
C LEU A 297 -27.11 8.48 26.69
N LEU A 298 -28.32 8.55 27.23
CA LEU A 298 -28.97 7.36 27.77
C LEU A 298 -29.24 6.37 26.65
N MET A 299 -29.02 5.08 26.93
CA MET A 299 -29.18 4.04 25.92
C MET A 299 -30.31 3.08 26.28
N SER A 300 -30.22 2.38 27.42
CA SER A 300 -31.26 1.47 27.84
C SER A 300 -32.31 2.16 28.70
N ASP A 301 -31.96 3.25 29.35
CA ASP A 301 -32.89 4.02 30.16
C ASP A 301 -33.57 5.12 29.37
N GLU A 302 -33.32 5.22 28.07
CA GLU A 302 -33.92 6.27 27.26
C GLU A 302 -35.44 6.10 27.21
N LEU A 303 -36.14 7.23 27.15
CA LEU A 303 -37.58 7.25 26.97
C LEU A 303 -37.91 8.27 25.91
N GLY A 304 -38.50 7.82 24.81
CA GLY A 304 -38.83 8.70 23.70
C GLY A 304 -40.30 9.02 23.62
N LEU A 305 -40.63 10.31 23.66
CA LEU A 305 -42.00 10.75 23.45
C LEU A 305 -42.34 10.62 21.98
N ALA A 306 -43.36 9.82 21.67
CA ALA A 306 -43.69 9.45 20.31
C ALA A 306 -44.83 10.31 19.77
N ASN A 307 -44.66 10.80 18.54
CA ASN A 307 -45.69 11.59 17.86
C ASN A 307 -45.82 11.07 16.44
N MET A 308 -47.03 10.70 16.04
CA MET A 308 -47.24 10.22 14.68
C MET A 308 -46.92 11.31 13.67
N THR A 309 -46.19 10.94 12.64
CA THR A 309 -45.79 11.86 11.57
C THR A 309 -46.47 11.45 10.27
N GLU A 310 -46.31 12.31 9.27
CA GLU A 310 -46.86 12.08 7.93
C GLU A 310 -45.76 11.96 6.90
N GLY A 311 -44.60 11.44 7.30
CA GLY A 311 -43.48 11.35 6.41
C GLY A 311 -42.89 12.68 5.99
N LYS A 312 -43.26 13.76 6.67
CA LYS A 312 -42.77 15.10 6.38
C LYS A 312 -41.85 15.52 7.51
N SER A 313 -40.54 15.40 7.29
CA SER A 313 -39.54 15.85 8.25
C SER A 313 -39.49 17.37 8.20
N LYS A 314 -40.42 18.01 8.91
CA LYS A 314 -40.54 19.46 8.85
C LYS A 314 -39.25 20.13 9.31
N LYS A 315 -38.95 20.03 10.59
CA LYS A 315 -37.84 20.72 11.22
C LYS A 315 -37.63 20.14 12.61
N PRO A 316 -36.38 20.07 13.11
CA PRO A 316 -36.19 19.59 14.49
C PRO A 316 -36.96 20.41 15.50
N LYS A 317 -37.00 21.73 15.34
CA LYS A 317 -37.71 22.58 16.29
C LYS A 317 -39.22 22.32 16.23
N THR A 318 -39.77 22.24 15.02
CA THR A 318 -41.20 21.96 14.89
C THR A 318 -41.53 20.56 15.40
N LEU A 319 -40.68 19.58 15.13
CA LEU A 319 -40.89 18.24 15.64
C LEU A 319 -40.92 18.24 17.16
N ALA A 320 -39.96 18.91 17.78
CA ALA A 320 -39.91 18.98 19.24
C ALA A 320 -41.13 19.69 19.79
N LYS A 321 -41.54 20.78 19.15
CA LYS A 321 -42.70 21.54 19.60
C LYS A 321 -43.96 20.68 19.55
N GLU A 322 -44.15 19.95 18.45
CA GLU A 322 -45.34 19.12 18.33
C GLU A 322 -45.31 17.96 19.32
N CYS A 323 -44.14 17.35 19.53
CA CYS A 323 -44.05 16.29 20.52
C CYS A 323 -44.38 16.81 21.91
N LEU A 324 -43.86 17.99 22.28
CA LEU A 324 -44.17 18.56 23.58
C LEU A 324 -45.63 18.96 23.68
N GLU A 325 -46.23 19.42 22.59
CA GLU A 325 -47.66 19.74 22.59
C GLU A 325 -48.49 18.48 22.87
N LYS A 326 -48.11 17.36 22.27
CA LYS A 326 -48.82 16.12 22.54
C LYS A 326 -48.72 15.76 24.03
N TYR A 327 -47.53 15.86 24.61
CA TYR A 327 -47.34 15.64 26.04
C TYR A 327 -47.26 16.99 26.76
N SER A 328 -48.43 17.65 26.83
CA SER A 328 -48.49 18.98 27.42
C SER A 328 -48.19 18.97 28.91
N THR A 329 -48.61 17.92 29.63
CA THR A 329 -48.38 17.88 31.06
C THR A 329 -46.89 17.94 31.39
N LEU A 330 -46.08 17.17 30.66
CA LEU A 330 -44.64 17.25 30.85
C LEU A 330 -44.09 18.60 30.41
N ARG A 331 -44.61 19.14 29.31
CA ARG A 331 -44.13 20.42 28.81
C ARG A 331 -44.40 21.55 29.80
N ASP A 332 -45.55 21.52 30.46
CA ASP A 332 -45.97 22.60 31.33
C ASP A 332 -45.56 22.40 32.78
N GLN A 333 -44.87 21.32 33.11
CA GLN A 333 -44.38 21.11 34.46
C GLN A 333 -43.37 22.19 34.82
N THR A 334 -43.73 23.07 35.76
CA THR A 334 -42.91 24.21 36.11
C THR A 334 -42.22 24.09 37.46
N ASP A 335 -42.80 23.36 38.40
CA ASP A 335 -42.22 23.24 39.74
C ASP A 335 -41.45 21.93 39.83
N PRO A 336 -40.14 21.95 39.98
CA PRO A 336 -39.38 20.69 40.01
C PRO A 336 -39.43 20.00 41.36
N ILE A 337 -39.41 18.68 41.32
CA ILE A 337 -39.23 17.84 42.50
C ILE A 337 -37.89 17.15 42.32
N LEU A 338 -36.85 17.71 42.94
CA LEU A 338 -35.51 17.16 42.80
C LEU A 338 -35.48 15.74 43.37
N ILE A 339 -34.91 14.82 42.59
CA ILE A 339 -34.75 13.42 42.99
C ILE A 339 -33.30 13.11 43.30
N MET A 340 -32.39 13.54 42.43
CA MET A 340 -30.97 13.31 42.64
C MET A 340 -30.19 14.52 42.13
N LYS A 341 -29.05 14.79 42.74
CA LYS A 341 -28.26 15.96 42.42
C LYS A 341 -26.80 15.56 42.21
N SER A 342 -26.19 16.05 41.13
CA SER A 342 -24.76 15.85 40.92
C SER A 342 -23.98 16.70 41.93
N GLU A 343 -22.78 16.21 42.28
CA GLU A 343 -22.06 16.78 43.41
C GLU A 343 -21.80 18.27 43.24
N LYS A 344 -21.39 18.67 42.03
CA LYS A 344 -20.99 20.05 41.77
C LYS A 344 -21.96 20.77 40.84
N ALA A 345 -23.19 20.27 40.72
CA ALA A 345 -24.20 20.87 39.86
C ALA A 345 -25.11 21.80 40.66
N ASN A 346 -25.60 22.84 39.98
CA ASN A 346 -26.56 23.78 40.54
C ASN A 346 -27.92 23.41 39.99
N GLU A 347 -28.70 22.65 40.77
CA GLU A 347 -29.96 22.14 40.27
C GLU A 347 -30.93 23.27 39.91
N ASN A 348 -30.86 24.40 40.61
CA ASN A 348 -31.70 25.53 40.26
C ASN A 348 -31.36 26.06 38.87
N PHE A 349 -30.07 26.25 38.59
CA PHE A 349 -29.66 26.71 37.27
C PHE A 349 -30.03 25.69 36.20
N LEU A 350 -29.85 24.40 36.49
CA LEU A 350 -30.19 23.38 35.51
C LEU A 350 -31.68 23.38 35.20
N TRP A 351 -32.52 23.52 36.23
CA TRP A 351 -33.95 23.58 36.00
C TRP A 351 -34.35 24.82 35.22
N LYS A 352 -33.73 25.96 35.54
CA LYS A 352 -34.00 27.18 34.78
C LYS A 352 -33.60 27.00 33.31
N LEU A 353 -32.47 26.34 33.06
CA LEU A 353 -32.04 26.10 31.70
C LEU A 353 -33.02 25.17 30.97
N TRP A 354 -33.51 24.14 31.67
CA TRP A 354 -34.49 23.25 31.05
C TRP A 354 -35.76 24.00 30.70
N ARG A 355 -36.25 24.85 31.60
CA ARG A 355 -37.46 25.62 31.33
C ARG A 355 -37.23 26.57 30.16
N ASP A 356 -36.05 27.19 30.09
CA ASP A 356 -35.73 28.05 28.97
C ASP A 356 -35.71 27.27 27.67
N CYS A 357 -35.16 26.05 27.70
CA CYS A 357 -35.18 25.20 26.51
C CYS A 357 -36.59 24.90 26.05
N VAL A 358 -37.46 24.53 27.00
CA VAL A 358 -38.83 24.20 26.65
C VAL A 358 -39.54 25.43 26.08
N ASN A 359 -39.36 26.58 26.72
CA ASN A 359 -40.02 27.80 26.25
C ASN A 359 -39.53 28.19 24.86
N THR A 360 -38.22 28.10 24.62
CA THR A 360 -37.67 28.45 23.31
C THR A 360 -38.17 27.49 22.24
N ILE A 361 -38.24 26.19 22.55
CA ILE A 361 -38.75 25.23 21.58
C ILE A 361 -40.22 25.49 21.29
N SER A 362 -40.98 25.88 22.31
CA SER A 362 -42.42 26.05 22.18
C SER A 362 -42.83 27.40 21.62
N ASN A 363 -41.93 28.37 21.57
CA ASN A 363 -42.31 29.70 21.09
C ASN A 363 -42.57 29.68 19.59
N GLU A 364 -43.34 30.66 19.14
CA GLU A 364 -43.67 30.75 17.71
C GLU A 364 -42.48 31.17 16.86
N GLU A 365 -41.43 31.71 17.48
CA GLU A 365 -40.26 32.10 16.72
C GLU A 365 -39.59 30.86 16.13
N MET A 366 -38.91 31.05 15.00
CA MET A 366 -38.30 29.96 14.26
C MET A 366 -36.87 29.65 14.71
N SER A 367 -36.34 30.36 15.70
CA SER A 367 -34.95 30.21 16.11
C SER A 367 -34.85 29.34 17.36
N ASN A 368 -33.75 28.61 17.45
CA ASN A 368 -33.44 27.78 18.61
C ASN A 368 -32.33 28.38 19.46
N GLU A 369 -32.13 29.69 19.37
CA GLU A 369 -31.08 30.36 20.11
C GLU A 369 -31.54 30.67 21.53
N LEU A 370 -30.61 30.54 22.49
CA LEU A 370 -30.84 30.87 23.88
C LEU A 370 -29.98 32.06 24.27
N GLN A 371 -30.51 32.91 25.14
CA GLN A 371 -29.76 34.04 25.63
C GLN A 371 -28.67 33.60 26.58
N LYS A 372 -27.62 34.41 26.69
CA LYS A 372 -26.48 34.11 27.56
C LYS A 372 -26.77 34.67 28.95
N THR A 373 -27.58 33.92 29.69
CA THR A 373 -27.96 34.27 31.05
C THR A 373 -26.98 33.66 32.04
N ASN A 374 -27.18 33.99 33.33
CA ASN A 374 -26.26 33.51 34.35
C ASN A 374 -26.29 31.99 34.43
N TYR A 375 -27.47 31.38 34.44
CA TYR A 375 -27.54 29.93 34.55
C TYR A 375 -27.04 29.25 33.29
N ALA A 376 -27.35 29.82 32.12
CA ALA A 376 -26.82 29.28 30.87
C ALA A 376 -25.30 29.39 30.84
N LYS A 377 -24.78 30.54 31.26
CA LYS A 377 -23.32 30.73 31.28
C LYS A 377 -22.65 29.75 32.23
N TRP A 378 -23.25 29.51 33.40
CA TRP A 378 -22.68 28.51 34.31
C TRP A 378 -22.73 27.12 33.68
N ALA A 379 -23.85 26.75 33.06
CA ALA A 379 -24.01 25.41 32.53
C ALA A 379 -23.03 25.15 31.39
N THR A 380 -22.82 26.13 30.53
CA THR A 380 -21.93 25.95 29.39
C THR A 380 -20.47 26.16 29.74
N GLY A 381 -20.17 26.72 30.90
CA GLY A 381 -18.80 26.95 31.31
C GLY A 381 -18.20 28.18 30.65
N ASP A 382 -18.92 29.29 30.70
CA ASP A 382 -18.45 30.52 30.09
C ASP A 382 -17.29 31.12 30.88
N GLY A 383 -16.31 31.66 30.15
CA GLY A 383 -15.23 32.39 30.79
C GLY A 383 -14.40 31.55 31.76
N LEU A 384 -14.29 30.26 31.50
CA LEU A 384 -13.55 29.36 32.38
C LEU A 384 -12.13 29.10 31.93
N THR A 385 -11.75 29.53 30.72
CA THR A 385 -10.39 29.33 30.26
C THR A 385 -9.44 30.25 31.01
N TYR A 386 -8.25 29.73 31.31
CA TYR A 386 -7.25 30.52 32.05
C TYR A 386 -6.68 31.60 31.15
N GLN A 387 -6.44 32.77 31.74
CA GLN A 387 -5.77 33.84 31.02
C GLN A 387 -4.31 33.49 30.79
N LYS A 388 -3.83 33.76 29.57
CA LYS A 388 -2.46 33.48 29.20
C LYS A 388 -1.61 34.72 29.44
N ILE A 389 -0.56 34.58 30.23
CA ILE A 389 0.33 35.69 30.56
C ILE A 389 1.69 35.43 29.93
N MET A 390 2.56 36.44 30.00
CA MET A 390 3.88 36.33 29.40
C MET A 390 4.74 35.34 30.17
N LYS A 391 5.74 34.80 29.45
CA LYS A 391 6.64 33.83 30.06
C LYS A 391 7.43 34.45 31.21
N GLU A 392 7.88 35.69 31.04
CA GLU A 392 8.73 36.32 32.06
C GLU A 392 8.00 36.46 33.39
N VAL A 393 6.76 36.96 33.34
CA VAL A 393 5.99 37.13 34.57
C VAL A 393 5.74 35.78 35.23
N ALA A 394 5.40 34.76 34.44
CA ALA A 394 5.11 33.44 35.01
C ALA A 394 6.35 32.86 35.68
N ILE A 395 7.51 32.96 35.03
CA ILE A 395 8.74 32.47 35.63
C ILE A 395 9.04 33.23 36.92
N ASP A 396 8.87 34.56 36.90
CA ASP A 396 9.09 35.35 38.10
C ASP A 396 8.08 34.99 39.19
N ASP A 397 6.83 34.75 38.81
CA ASP A 397 5.78 34.39 39.76
C ASP A 397 6.06 32.99 40.31
N GLU A 398 6.28 32.90 41.62
CA GLU A 398 6.60 31.61 42.22
C GLU A 398 5.36 30.78 42.51
N THR A 399 4.17 31.37 42.41
CA THR A 399 2.95 30.62 42.67
C THR A 399 2.49 29.81 41.47
N MET A 400 3.05 30.06 40.29
CA MET A 400 2.66 29.33 39.08
C MET A 400 3.46 28.03 39.03
N CYS A 401 2.75 26.91 39.12
CA CYS A 401 3.37 25.59 39.14
C CYS A 401 2.71 24.71 38.09
N GLN A 402 3.44 23.69 37.67
CA GLN A 402 2.89 22.73 36.72
C GLN A 402 1.84 21.87 37.40
N GLU A 403 0.66 21.78 36.79
CA GLU A 403 -0.44 21.05 37.38
C GLU A 403 -0.12 19.56 37.42
N GLU A 404 -0.44 18.94 38.55
CA GLU A 404 -0.34 17.49 38.64
C GLU A 404 -1.40 16.86 37.73
N PRO A 405 -1.02 15.97 36.81
CA PRO A 405 -2.02 15.41 35.91
C PRO A 405 -3.07 14.61 36.67
N LYS A 406 -4.31 14.70 36.20
CA LYS A 406 -5.38 13.92 36.78
C LYS A 406 -5.42 12.54 36.10
N ILE A 407 -5.39 11.49 36.92
CA ILE A 407 -5.38 10.12 36.42
C ILE A 407 -6.80 9.58 36.50
N PRO A 408 -7.26 8.80 35.52
CA PRO A 408 -8.56 8.12 35.70
C PRO A 408 -8.52 7.21 36.91
N ASN A 409 -9.62 7.22 37.66
CA ASN A 409 -9.66 6.48 38.91
C ASN A 409 -9.96 5.00 38.66
N LYS A 410 -9.86 4.20 39.71
CA LYS A 410 -10.10 2.76 39.64
C LYS A 410 -11.50 2.46 40.15
N CYS A 411 -12.23 1.64 39.41
CA CYS A 411 -13.60 1.29 39.73
C CYS A 411 -13.77 -0.22 39.65
N ARG A 412 -14.85 -0.71 40.26
CA ARG A 412 -15.18 -2.12 40.25
C ARG A 412 -16.34 -2.38 39.31
N VAL A 413 -16.69 -3.66 39.16
CA VAL A 413 -17.75 -4.05 38.23
C VAL A 413 -19.08 -3.48 38.69
N ALA A 414 -19.81 -2.87 37.76
CA ALA A 414 -21.14 -2.35 38.01
C ALA A 414 -22.15 -3.15 37.19
N ALA A 415 -23.19 -3.65 37.86
CA ALA A 415 -24.16 -4.53 37.21
C ALA A 415 -24.92 -3.84 36.09
N TRP A 416 -24.93 -2.50 36.06
CA TRP A 416 -25.70 -1.80 35.04
C TRP A 416 -25.13 -2.03 33.65
N VAL A 417 -23.82 -2.30 33.54
CA VAL A 417 -23.25 -2.58 32.23
C VAL A 417 -23.80 -3.91 31.70
N GLN A 418 -23.87 -4.93 32.56
CA GLN A 418 -24.49 -6.18 32.17
C GLN A 418 -25.95 -5.97 31.80
N THR A 419 -26.68 -5.18 32.58
CA THR A 419 -28.08 -4.92 32.26
C THR A 419 -28.22 -4.22 30.91
N GLU A 420 -27.34 -3.25 30.62
CA GLU A 420 -27.38 -2.55 29.35
C GLU A 420 -27.10 -3.51 28.20
N MET A 421 -26.12 -4.40 28.37
CA MET A 421 -25.84 -5.40 27.34
C MET A 421 -27.06 -6.29 27.11
N ASN A 422 -27.71 -6.72 28.19
CA ASN A 422 -28.88 -7.59 28.05
C ASN A 422 -30.01 -6.88 27.32
N LEU A 423 -30.26 -5.62 27.66
CA LEU A 423 -31.43 -4.92 27.12
C LEU A 423 -31.19 -4.39 25.71
N LEU A 424 -29.97 -3.97 25.39
CA LEU A 424 -29.70 -3.40 24.07
C LEU A 424 -29.73 -4.45 22.96
N SER A 425 -29.51 -5.73 23.29
CA SER A 425 -29.48 -6.79 22.30
C SER A 425 -30.81 -7.52 22.17
N THR A 426 -31.87 -7.01 22.79
CA THR A 426 -33.18 -7.63 22.68
C THR A 426 -33.97 -7.01 21.53
N LEU A 427 -34.87 -7.80 20.96
CA LEU A 427 -35.71 -7.34 19.87
C LEU A 427 -36.81 -6.44 20.39
N THR A 428 -37.11 -5.39 19.64
CA THR A 428 -38.21 -4.48 19.92
C THR A 428 -39.18 -4.47 18.75
N SER A 429 -40.15 -3.56 18.79
CA SER A 429 -41.16 -3.44 17.75
C SER A 429 -40.97 -2.22 16.86
N LYS A 430 -39.82 -1.55 16.97
CA LYS A 430 -39.57 -0.31 16.23
C LYS A 430 -38.35 -0.47 15.35
N ARG A 431 -38.41 0.15 14.17
CA ARG A 431 -37.30 0.17 13.22
C ARG A 431 -36.78 1.59 13.10
N ALA A 432 -35.48 1.77 13.33
CA ALA A 432 -34.86 3.08 13.23
C ALA A 432 -33.92 3.23 12.05
N LEU A 433 -33.46 2.13 11.46
CA LEU A 433 -32.52 2.22 10.35
C LEU A 433 -33.19 2.83 9.12
N ASP A 434 -32.47 3.72 8.45
CA ASP A 434 -32.99 4.39 7.27
C ASP A 434 -32.12 4.07 6.05
N LEU A 435 -31.83 2.80 5.85
CA LEU A 435 -30.92 2.40 4.79
C LEU A 435 -31.48 2.81 3.43
N PRO A 436 -30.73 3.56 2.62
CA PRO A 436 -31.23 3.94 1.30
C PRO A 436 -31.24 2.75 0.34
N GLU A 437 -31.97 2.94 -0.75
CA GLU A 437 -32.11 1.92 -1.77
C GLU A 437 -30.80 1.69 -2.52
N ILE A 438 -30.70 0.53 -3.15
CA ILE A 438 -29.60 0.24 -4.08
C ILE A 438 -30.20 -0.10 -5.44
N GLY A 439 -29.35 -0.38 -6.41
CA GLY A 439 -29.81 -0.74 -7.73
C GLY A 439 -30.44 -2.12 -7.75
N PRO A 440 -31.23 -2.40 -8.78
CA PRO A 440 -31.87 -3.72 -8.87
C PRO A 440 -30.85 -4.82 -9.06
N ASP A 441 -31.19 -6.01 -8.57
CA ASP A 441 -30.32 -7.18 -8.69
C ASP A 441 -30.43 -7.81 -10.06
N VAL A 442 -29.28 -8.16 -10.63
CA VAL A 442 -29.22 -8.78 -11.96
C VAL A 442 -28.45 -10.09 -11.86
N ALA A 443 -27.23 -10.03 -11.35
CA ALA A 443 -26.44 -11.24 -11.18
C ALA A 443 -27.00 -12.09 -10.05
N PRO A 444 -26.89 -13.42 -10.15
CA PRO A 444 -27.37 -14.27 -9.04
C PRO A 444 -26.71 -13.98 -7.72
N VAL A 445 -25.44 -13.55 -7.72
CA VAL A 445 -24.77 -13.21 -6.48
C VAL A 445 -25.45 -12.02 -5.82
N GLU A 446 -25.92 -11.07 -6.62
CA GLU A 446 -26.65 -9.93 -6.07
C GLU A 446 -27.97 -10.36 -5.44
N HIS A 447 -28.67 -11.30 -6.06
CA HIS A 447 -29.90 -11.83 -5.48
C HIS A 447 -29.62 -12.57 -4.17
N VAL A 448 -28.53 -13.33 -4.13
CA VAL A 448 -28.14 -14.00 -2.89
C VAL A 448 -27.87 -12.96 -1.81
N GLY A 449 -27.14 -11.90 -2.17
CA GLY A 449 -26.86 -10.85 -1.20
C GLY A 449 -28.12 -10.19 -0.68
N SER A 450 -29.08 -9.93 -1.56
CA SER A 450 -30.34 -9.33 -1.13
C SER A 450 -31.11 -10.26 -0.20
N GLU A 451 -31.19 -11.54 -0.55
CA GLU A 451 -31.89 -12.50 0.30
C GLU A 451 -31.25 -12.60 1.67
N ARG A 452 -29.93 -12.54 1.74
CA ARG A 452 -29.24 -12.59 3.02
C ARG A 452 -29.42 -11.29 3.81
N ARG A 453 -29.39 -10.16 3.10
CA ARG A 453 -29.61 -8.87 3.75
C ARG A 453 -30.99 -8.83 4.39
N LYS A 454 -31.99 -9.46 3.76
CA LYS A 454 -33.30 -9.52 4.37
C LYS A 454 -33.20 -10.00 5.82
N TYR A 455 -32.66 -11.20 6.01
CA TYR A 455 -32.55 -11.76 7.36
C TYR A 455 -31.69 -10.88 8.26
N PHE A 456 -30.51 -10.47 7.77
CA PHE A 456 -29.58 -9.77 8.64
C PHE A 456 -30.17 -8.44 9.11
N VAL A 457 -30.71 -7.65 8.19
CA VAL A 457 -31.26 -6.34 8.55
C VAL A 457 -32.51 -6.51 9.40
N ASN A 458 -33.39 -7.46 9.06
CA ASN A 458 -34.56 -7.69 9.89
C ASN A 458 -34.15 -8.06 11.31
N GLU A 459 -33.01 -8.72 11.47
CA GLU A 459 -32.55 -9.03 12.82
C GLU A 459 -32.00 -7.80 13.52
N ILE A 460 -31.22 -6.97 12.81
CA ILE A 460 -30.58 -5.84 13.46
C ILE A 460 -31.55 -4.66 13.58
N ASN A 461 -32.40 -4.44 12.58
CA ASN A 461 -33.20 -3.24 12.54
C ASN A 461 -34.19 -3.14 13.70
N TYR A 462 -34.59 -4.27 14.29
CA TYR A 462 -35.60 -4.27 15.34
C TYR A 462 -35.01 -4.31 16.74
N CYS A 463 -33.69 -4.39 16.88
CA CYS A 463 -33.10 -4.44 18.21
C CYS A 463 -32.90 -3.03 18.76
N LYS A 464 -32.95 -2.92 20.08
CA LYS A 464 -32.83 -1.61 20.75
C LYS A 464 -31.52 -0.92 20.39
N ALA A 465 -30.46 -1.70 20.18
CA ALA A 465 -29.16 -1.11 19.89
C ALA A 465 -29.21 -0.31 18.59
N SER A 466 -29.98 -0.76 17.61
CA SER A 466 -30.10 -0.01 16.35
C SER A 466 -30.73 1.35 16.60
N THR A 467 -31.79 1.39 17.40
CA THR A 467 -32.43 2.67 17.71
C THR A 467 -31.47 3.59 18.46
N VAL A 468 -30.72 3.05 19.42
CA VAL A 468 -29.75 3.87 20.16
C VAL A 468 -28.68 4.40 19.21
N MET A 469 -28.19 3.55 18.31
CA MET A 469 -27.17 3.97 17.35
C MET A 469 -27.69 5.08 16.45
N MET A 470 -28.93 4.94 15.98
CA MET A 470 -29.51 5.98 15.13
C MET A 470 -29.66 7.29 15.89
N LYS A 471 -30.09 7.22 17.15
CA LYS A 471 -30.17 8.44 17.96
C LYS A 471 -28.80 9.11 18.07
N TYR A 472 -27.76 8.32 18.35
CA TYR A 472 -26.42 8.88 18.45
C TYR A 472 -26.00 9.53 17.14
N VAL A 473 -26.21 8.83 16.02
CA VAL A 473 -25.78 9.34 14.73
C VAL A 473 -26.48 10.65 14.39
N LEU A 474 -27.81 10.67 14.54
CA LEU A 474 -28.56 11.88 14.19
C LEU A 474 -28.17 13.03 15.10
N PHE A 475 -28.02 12.77 16.40
CA PHE A 475 -27.67 13.86 17.31
C PHE A 475 -26.29 14.40 16.98
N HIS A 476 -25.33 13.53 16.67
CA HIS A 476 -23.98 14.02 16.35
C HIS A 476 -23.97 14.81 15.06
N THR A 477 -24.76 14.39 14.06
CA THR A 477 -24.88 15.16 12.83
C THR A 477 -25.43 16.56 13.12
N SER A 478 -26.53 16.62 13.87
CA SER A 478 -27.12 17.92 14.21
C SER A 478 -26.14 18.77 15.00
N LEU A 479 -25.42 18.15 15.93
CA LEU A 479 -24.49 18.88 16.78
C LEU A 479 -23.34 19.46 15.97
N LEU A 480 -22.78 18.69 15.04
CA LEU A 480 -21.71 19.21 14.19
C LEU A 480 -22.22 20.37 13.35
N ASN A 481 -23.40 20.21 12.73
CA ASN A 481 -23.93 21.30 11.91
C ASN A 481 -24.15 22.55 12.74
N GLU A 482 -24.69 22.41 13.95
CA GLU A 482 -24.95 23.57 14.79
C GLU A 482 -23.65 24.20 15.29
N SER A 483 -22.66 23.37 15.63
CA SER A 483 -21.38 23.89 16.09
C SER A 483 -20.70 24.72 15.01
N ASN A 484 -20.74 24.25 13.76
CA ASN A 484 -20.16 25.03 12.67
C ASN A 484 -20.99 26.28 12.39
N ALA A 485 -22.32 26.13 12.29
CA ALA A 485 -23.17 27.23 11.87
C ALA A 485 -23.29 28.29 12.97
N SER A 486 -23.36 27.88 14.23
CA SER A 486 -23.59 28.78 15.36
C SER A 486 -22.42 28.64 16.33
N MET A 487 -21.33 29.35 16.06
CA MET A 487 -20.16 29.28 16.91
C MET A 487 -20.35 30.04 18.21
N GLY A 488 -20.98 31.22 18.14
CA GLY A 488 -21.07 32.09 19.29
C GLY A 488 -22.46 32.25 19.86
N LYS A 489 -23.28 31.20 19.74
CA LYS A 489 -24.64 31.21 20.24
C LYS A 489 -24.91 29.94 21.03
N TYR A 490 -25.82 30.05 22.00
CA TYR A 490 -26.35 28.88 22.69
C TYR A 490 -27.59 28.42 21.94
N LYS A 491 -27.60 27.16 21.51
CA LYS A 491 -28.68 26.62 20.71
C LYS A 491 -29.29 25.42 21.43
N VAL A 492 -30.62 25.33 21.37
CA VAL A 492 -31.32 24.13 21.85
C VAL A 492 -31.42 23.15 20.68
N ILE A 493 -30.86 21.96 20.89
CA ILE A 493 -30.84 20.92 19.86
C ILE A 493 -31.68 19.75 20.34
N PRO A 494 -32.88 19.54 19.81
CA PRO A 494 -33.67 18.39 20.26
C PRO A 494 -32.98 17.07 19.94
N ILE A 495 -33.11 16.12 20.86
CA ILE A 495 -32.59 14.77 20.66
C ILE A 495 -33.73 13.96 20.05
N THR A 496 -33.60 13.60 18.78
CA THR A 496 -34.72 13.11 18.00
C THR A 496 -34.35 11.82 17.29
N ASN A 497 -35.40 11.10 16.87
CA ASN A 497 -35.25 9.92 16.06
C ASN A 497 -36.53 9.73 15.27
N ARG A 498 -36.46 8.91 14.23
CA ARG A 498 -37.63 8.52 13.45
C ARG A 498 -37.70 7.00 13.43
N VAL A 499 -38.81 6.46 13.92
CA VAL A 499 -38.98 5.01 14.00
C VAL A 499 -40.19 4.62 13.17
N VAL A 500 -40.22 3.35 12.79
CA VAL A 500 -41.32 2.80 12.01
C VAL A 500 -41.84 1.56 12.72
N ASN A 501 -43.15 1.48 12.89
CA ASN A 501 -43.77 0.34 13.53
C ASN A 501 -43.87 -0.83 12.55
N GLU A 502 -44.26 -1.99 13.08
CA GLU A 502 -44.44 -3.16 12.22
C GLU A 502 -45.61 -3.00 11.27
N LYS A 503 -46.48 -2.02 11.51
CA LYS A 503 -47.61 -1.73 10.63
C LYS A 503 -47.29 -0.68 9.59
N GLY A 504 -46.05 -0.19 9.54
CA GLY A 504 -45.64 0.78 8.55
C GLY A 504 -45.81 2.23 8.97
N GLU A 505 -46.47 2.51 10.08
CA GLU A 505 -46.69 3.87 10.52
C GLU A 505 -45.43 4.42 11.19
N SER A 506 -45.11 5.67 10.88
CA SER A 506 -43.89 6.30 11.35
C SER A 506 -44.17 7.18 12.57
N PHE A 507 -43.17 7.28 13.45
CA PHE A 507 -43.23 8.14 14.62
C PHE A 507 -41.96 8.96 14.73
N ASP A 508 -42.13 10.24 15.06
CA ASP A 508 -41.03 11.08 15.51
C ASP A 508 -40.91 10.95 17.02
N MET A 509 -39.71 10.59 17.48
CA MET A 509 -39.44 10.32 18.88
C MET A 509 -38.53 11.42 19.41
N LEU A 510 -38.95 12.04 20.52
CA LEU A 510 -38.19 13.07 21.20
C LEU A 510 -37.68 12.49 22.53
N TYR A 511 -36.38 12.28 22.63
CA TYR A 511 -35.77 11.75 23.84
C TYR A 511 -35.30 12.82 24.80
N GLY A 512 -35.30 14.08 24.39
CA GLY A 512 -34.88 15.16 25.25
C GLY A 512 -34.34 16.31 24.43
N LEU A 513 -33.73 17.26 25.13
CA LEU A 513 -33.20 18.47 24.54
C LEU A 513 -31.76 18.69 24.98
N ALA A 514 -30.96 19.24 24.08
CA ALA A 514 -29.56 19.55 24.37
C ALA A 514 -29.30 21.02 24.13
N VAL A 515 -28.42 21.58 24.95
CA VAL A 515 -27.97 22.97 24.84
C VAL A 515 -26.52 22.95 24.43
N LYS A 516 -26.23 23.55 23.27
CA LYS A 516 -24.86 23.70 22.79
C LYS A 516 -24.30 25.02 23.30
N GLY A 517 -23.12 24.97 23.90
CA GLY A 517 -22.42 26.17 24.30
C GLY A 517 -21.67 26.78 23.13
N GLN A 518 -20.90 27.81 23.44
CA GLN A 518 -20.08 28.45 22.40
C GLN A 518 -19.17 27.42 21.74
N SER A 519 -19.12 27.46 20.41
CA SER A 519 -18.37 26.49 19.61
C SER A 519 -17.38 27.25 18.74
N HIS A 520 -16.20 27.50 19.28
CA HIS A 520 -15.12 28.13 18.53
C HIS A 520 -13.98 27.14 18.38
N LEU A 521 -14.32 25.92 17.98
CA LEU A 521 -13.41 24.79 18.00
C LEU A 521 -12.35 24.91 16.91
N ARG A 522 -11.24 25.60 17.23
CA ARG A 522 -10.14 25.69 16.28
C ARG A 522 -9.43 24.36 16.12
N GLY A 523 -9.12 23.71 17.24
CA GLY A 523 -8.48 22.41 17.20
C GLY A 523 -9.47 21.27 17.13
N ASP A 524 -8.97 20.10 16.73
CA ASP A 524 -9.82 18.93 16.62
C ASP A 524 -10.20 18.38 17.99
N THR A 525 -9.40 18.63 19.01
CA THR A 525 -9.69 18.20 20.36
C THR A 525 -10.35 19.29 21.21
N ASP A 526 -10.62 20.46 20.64
CA ASP A 526 -11.29 21.51 21.38
C ASP A 526 -12.67 21.06 21.80
N VAL A 527 -13.09 21.47 22.99
CA VAL A 527 -14.30 20.96 23.63
C VAL A 527 -15.40 22.01 23.53
N VAL A 528 -16.55 21.57 23.04
CA VAL A 528 -17.81 22.31 23.17
C VAL A 528 -18.63 21.62 24.25
N THR A 529 -19.15 22.40 25.19
CA THR A 529 -20.00 21.88 26.25
C THR A 529 -21.43 21.72 25.75
N VAL A 530 -22.03 20.58 26.07
CA VAL A 530 -23.41 20.26 25.72
C VAL A 530 -24.12 19.87 27.00
N VAL A 531 -25.22 20.54 27.30
CA VAL A 531 -26.03 20.23 28.48
C VAL A 531 -27.23 19.41 28.00
N THR A 532 -27.34 18.18 28.46
CA THR A 532 -28.36 17.26 27.98
C THR A 532 -29.43 17.06 29.05
N PHE A 533 -30.69 17.16 28.62
CA PHE A 533 -31.85 16.86 29.45
C PHE A 533 -32.62 15.75 28.74
N GLU A 534 -32.59 14.55 29.30
CA GLU A 534 -33.13 13.35 28.66
C GLU A 534 -34.28 12.80 29.47
N PHE A 535 -35.38 12.48 28.80
CA PHE A 535 -36.50 11.82 29.48
C PHE A 535 -36.14 10.38 29.80
N SER A 536 -36.66 9.89 30.92
CA SER A 536 -36.45 8.50 31.30
C SER A 536 -37.60 8.05 32.19
N SER A 537 -37.77 6.73 32.27
CA SER A 537 -38.69 6.12 33.22
C SER A 537 -37.96 5.47 34.38
N THR A 538 -36.64 5.32 34.30
CA THR A 538 -35.88 4.68 35.36
C THR A 538 -35.77 5.60 36.56
N ASP A 539 -36.07 5.07 37.73
CA ASP A 539 -35.85 5.78 38.98
C ASP A 539 -34.36 5.78 39.29
N PRO A 540 -33.71 6.94 39.41
CA PRO A 540 -32.25 6.93 39.64
C PRO A 540 -31.85 6.33 40.98
N ARG A 541 -32.77 6.20 41.92
CA ARG A 541 -32.44 5.69 43.25
C ARG A 541 -32.38 4.17 43.32
N VAL A 542 -32.85 3.47 42.29
CA VAL A 542 -32.80 2.01 42.31
C VAL A 542 -31.36 1.52 42.41
N ASP A 543 -30.48 2.10 41.60
CA ASP A 543 -29.03 1.88 41.74
C ASP A 543 -28.37 3.24 41.60
N SER A 544 -28.23 3.95 42.73
CA SER A 544 -27.71 5.31 42.71
C SER A 544 -26.27 5.38 42.27
N GLY A 545 -25.50 4.29 42.44
CA GLY A 545 -24.11 4.29 42.02
C GLY A 545 -23.92 4.45 40.53
N LYS A 546 -24.96 4.26 39.74
CA LYS A 546 -24.88 4.44 38.29
C LYS A 546 -24.94 5.91 37.89
N TRP A 547 -25.52 6.79 38.72
CA TRP A 547 -25.78 8.15 38.29
C TRP A 547 -25.11 9.22 39.15
N PRO A 548 -23.81 9.12 39.47
CA PRO A 548 -23.16 10.25 40.13
C PRO A 548 -23.13 11.51 39.29
N LYS A 549 -23.14 11.40 37.96
CA LYS A 549 -22.98 12.53 37.06
C LYS A 549 -24.28 13.19 36.67
N TYR A 550 -25.42 12.71 37.16
CA TYR A 550 -26.72 13.15 36.69
C TYR A 550 -27.49 13.86 37.80
N THR A 551 -28.15 14.95 37.43
CA THR A 551 -29.13 15.61 38.27
C THR A 551 -30.51 15.27 37.71
N VAL A 552 -31.27 14.50 38.47
CA VAL A 552 -32.55 13.94 38.01
C VAL A 552 -33.68 14.62 38.76
N PHE A 553 -34.62 15.19 38.02
CA PHE A 553 -35.91 15.64 38.51
C PHE A 553 -37.00 14.68 38.06
N ARG A 554 -38.07 14.64 38.84
CA ARG A 554 -39.30 13.95 38.44
C ARG A 554 -40.24 14.99 37.85
N ILE A 555 -40.57 14.85 36.56
CA ILE A 555 -41.33 15.86 35.86
C ILE A 555 -42.75 15.41 35.53
N GLY A 556 -43.07 14.13 35.61
CA GLY A 556 -44.47 13.77 35.42
C GLY A 556 -44.72 12.27 35.36
N SER A 557 -45.75 11.90 34.61
CA SER A 557 -46.14 10.50 34.48
C SER A 557 -46.70 10.27 33.09
N LEU A 558 -46.72 9.01 32.69
CA LEU A 558 -47.26 8.60 31.39
C LEU A 558 -48.01 7.30 31.56
N PHE A 559 -48.89 7.03 30.60
CA PHE A 559 -49.68 5.80 30.58
C PHE A 559 -49.19 4.90 29.45
N VAL A 560 -48.82 3.67 29.80
CA VAL A 560 -48.41 2.67 28.82
C VAL A 560 -49.33 1.46 28.94
N SER A 561 -49.90 1.26 30.13
CA SER A 561 -50.83 0.16 30.39
C SER A 561 -51.67 0.55 31.60
N GLY A 562 -52.35 -0.44 32.19
CA GLY A 562 -53.12 -0.20 33.38
C GLY A 562 -52.33 0.38 34.54
N ARG A 563 -51.00 0.37 34.46
CA ARG A 563 -50.14 0.96 35.46
C ARG A 563 -49.35 2.10 34.81
N GLU A 564 -49.42 3.28 35.41
CA GLU A 564 -48.71 4.44 34.89
C GLU A 564 -47.25 4.40 35.33
N LYS A 565 -46.38 5.03 34.53
CA LYS A 565 -44.95 5.05 34.76
C LYS A 565 -44.47 6.48 34.93
N SER A 566 -43.60 6.70 35.91
CA SER A 566 -43.05 8.01 36.16
C SER A 566 -42.15 8.46 35.01
N VAL A 567 -42.03 9.77 34.85
CA VAL A 567 -41.18 10.38 33.84
C VAL A 567 -40.24 11.34 34.57
N TYR A 568 -38.96 10.99 34.60
CA TYR A 568 -37.88 11.79 35.15
C TYR A 568 -37.09 12.47 34.05
N LEU A 569 -36.43 13.56 34.41
CA LEU A 569 -35.56 14.30 33.51
C LEU A 569 -34.14 14.21 34.03
N TYR A 570 -33.29 13.49 33.30
CA TYR A 570 -31.88 13.36 33.63
C TYR A 570 -31.11 14.52 33.00
N CYS A 571 -30.51 15.35 33.85
CA CYS A 571 -29.80 16.55 33.40
C CYS A 571 -28.32 16.38 33.66
N ARG A 572 -27.50 16.62 32.65
CA ARG A 572 -26.07 16.40 32.78
C ARG A 572 -25.30 17.39 31.92
N VAL A 573 -24.28 17.99 32.51
CA VAL A 573 -23.30 18.76 31.75
C VAL A 573 -22.30 17.79 31.15
N ASN A 574 -22.06 17.91 29.85
CA ASN A 574 -21.21 16.99 29.11
C ASN A 574 -20.39 17.81 28.12
N GLY A 575 -19.50 17.15 27.41
CA GLY A 575 -18.68 17.84 26.42
C GLY A 575 -18.37 16.92 25.26
N THR A 576 -17.96 17.53 24.16
CA THR A 576 -17.55 16.75 22.99
C THR A 576 -16.64 17.61 22.14
N ASN A 577 -15.95 16.97 21.20
CA ASN A 577 -15.07 17.65 20.27
C ASN A 577 -15.45 17.28 18.85
N LYS A 578 -14.77 17.90 17.88
CA LYS A 578 -15.08 17.65 16.48
C LYS A 578 -14.79 16.22 16.06
N ILE A 579 -13.73 15.62 16.61
CA ILE A 579 -13.41 14.23 16.26
C ILE A 579 -14.56 13.32 16.70
N GLN A 580 -15.04 13.52 17.93
CA GLN A 580 -16.12 12.69 18.44
C GLN A 580 -17.41 12.90 17.66
N MET A 581 -17.71 14.15 17.29
CA MET A 581 -18.90 14.41 16.48
C MET A 581 -18.78 13.75 15.11
N LYS A 582 -17.61 13.83 14.50
CA LYS A 582 -17.41 13.20 13.19
C LYS A 582 -17.54 11.69 13.28
N TRP A 583 -16.96 11.08 14.32
CA TRP A 583 -17.03 9.62 14.45
C TRP A 583 -18.40 9.15 14.90
N GLY A 584 -19.20 10.03 15.51
CA GLY A 584 -20.58 9.66 15.80
C GLY A 584 -21.48 9.70 14.59
N MET A 585 -21.19 10.59 13.64
CA MET A 585 -21.97 10.65 12.42
C MET A 585 -21.82 9.39 11.58
N GLU A 586 -20.75 8.62 11.79
CA GLU A 586 -20.46 7.44 11.00
C GLU A 586 -20.49 6.18 11.86
N ALA A 587 -21.32 6.17 12.91
CA ALA A 587 -21.44 4.99 13.76
C ALA A 587 -22.21 3.86 13.09
N ARG A 588 -22.89 4.13 11.98
CA ARG A 588 -23.58 3.06 11.26
C ARG A 588 -22.64 1.93 10.89
N ARG A 589 -21.33 2.21 10.77
CA ARG A 589 -20.38 1.17 10.42
C ARG A 589 -20.40 0.02 11.40
N CYS A 590 -20.89 0.23 12.63
CA CYS A 590 -21.04 -0.88 13.55
C CYS A 590 -21.77 -2.04 12.87
N LEU A 591 -22.88 -1.74 12.19
CA LEU A 591 -23.58 -2.74 11.40
C LEU A 591 -22.60 -3.61 10.62
N LEU A 592 -21.78 -2.99 9.78
CA LEU A 592 -20.87 -3.76 8.94
C LEU A 592 -20.05 -4.74 9.78
N GLN A 593 -19.43 -4.26 10.85
CA GLN A 593 -18.55 -5.13 11.62
C GLN A 593 -19.31 -6.32 12.17
N SER A 594 -20.57 -6.13 12.55
CA SER A 594 -21.36 -7.26 13.02
C SER A 594 -21.78 -8.14 11.85
N MET A 595 -22.17 -7.54 10.73
CA MET A 595 -22.66 -8.33 9.60
C MET A 595 -21.53 -9.17 9.01
N GLN A 596 -20.41 -8.53 8.69
CA GLN A 596 -19.32 -9.22 8.00
C GLN A 596 -18.93 -10.49 8.74
N GLN A 597 -18.78 -10.39 10.06
CA GLN A 597 -18.48 -11.58 10.85
C GLN A 597 -19.52 -12.65 10.62
N MET A 598 -20.79 -12.35 10.93
CA MET A 598 -21.82 -13.38 10.89
C MET A 598 -21.98 -13.94 9.49
N GLU A 599 -22.02 -13.06 8.48
CA GLU A 599 -22.11 -13.55 7.11
C GLU A 599 -21.02 -14.56 6.83
N ALA A 600 -19.79 -14.29 7.27
CA ALA A 600 -18.70 -15.22 7.04
C ALA A 600 -19.08 -16.61 7.52
N ILE A 601 -19.61 -16.71 8.75
CA ILE A 601 -20.01 -18.00 9.27
C ILE A 601 -20.98 -18.68 8.31
N VAL A 602 -22.01 -17.94 7.90
CA VAL A 602 -23.00 -18.52 6.99
C VAL A 602 -22.31 -19.06 5.74
N GLU A 603 -21.39 -18.26 5.18
CA GLU A 603 -20.70 -18.71 3.97
C GLU A 603 -20.00 -20.03 4.21
N GLN A 604 -19.31 -20.17 5.34
CA GLN A 604 -18.66 -21.44 5.65
C GLN A 604 -19.66 -22.58 5.54
N GLU A 605 -20.81 -22.43 6.21
CA GLU A 605 -21.80 -23.48 6.17
C GLU A 605 -22.22 -23.77 4.74
N SER A 606 -22.40 -22.72 3.94
CA SER A 606 -22.77 -22.94 2.54
C SER A 606 -21.75 -23.82 1.85
N SER A 607 -20.46 -23.52 2.04
CA SER A 607 -19.42 -24.30 1.37
C SER A 607 -19.48 -25.76 1.80
N ILE A 608 -19.95 -26.01 3.03
CA ILE A 608 -20.04 -27.39 3.51
C ILE A 608 -21.30 -28.08 3.02
N GLN A 609 -22.33 -27.33 2.62
CA GLN A 609 -23.59 -27.92 2.20
C GLN A 609 -23.85 -27.81 0.71
N GLY A 610 -23.15 -26.93 0.00
CA GLY A 610 -23.34 -26.77 -1.42
C GLY A 610 -24.51 -25.91 -1.82
N TYR A 611 -25.09 -25.16 -0.90
CA TYR A 611 -26.19 -24.26 -1.22
C TYR A 611 -26.25 -23.17 -0.15
N ASP A 612 -26.98 -22.10 -0.47
CA ASP A 612 -27.12 -20.99 0.46
C ASP A 612 -27.74 -21.47 1.76
N MET A 613 -27.11 -21.12 2.89
CA MET A 613 -27.50 -21.63 4.20
C MET A 613 -28.04 -20.54 5.12
N THR A 614 -28.39 -19.37 4.57
CA THR A 614 -28.86 -18.28 5.42
C THR A 614 -30.14 -18.68 6.15
N LYS A 615 -31.14 -19.16 5.41
CA LYS A 615 -32.40 -19.55 6.02
C LYS A 615 -32.19 -20.67 7.03
N ALA A 616 -31.38 -21.67 6.66
CA ALA A 616 -31.12 -22.78 7.59
C ALA A 616 -30.43 -22.29 8.85
N CYS A 617 -29.44 -21.41 8.71
CA CYS A 617 -28.74 -20.89 9.87
C CYS A 617 -29.68 -20.11 10.78
N PHE A 618 -30.52 -19.25 10.20
CA PHE A 618 -31.38 -18.40 11.01
C PHE A 618 -32.54 -19.18 11.62
N LYS A 619 -33.18 -20.04 10.82
CA LYS A 619 -34.39 -20.73 11.26
C LYS A 619 -34.38 -22.23 11.01
N GLY A 620 -33.37 -22.77 10.34
CA GLY A 620 -33.34 -24.18 10.01
C GLY A 620 -34.18 -24.48 8.78
N ASP A 621 -34.07 -25.71 8.32
CA ASP A 621 -34.81 -26.16 7.14
C ASP A 621 -35.07 -27.66 7.29
N ARG A 622 -35.45 -28.31 6.18
CA ARG A 622 -35.81 -29.72 6.25
C ARG A 622 -34.62 -30.58 6.67
N VAL A 623 -33.43 -30.29 6.13
CA VAL A 623 -32.21 -31.14 6.31
C VAL A 623 -31.29 -30.63 7.41
N ASN A 624 -31.47 -29.41 7.94
CA ASN A 624 -30.55 -28.84 8.96
C ASN A 624 -31.35 -28.15 10.09
N SER A 625 -30.93 -28.30 11.35
CA SER A 625 -31.56 -27.64 12.51
C SER A 625 -30.96 -26.23 12.64
N PRO A 626 -31.68 -25.20 13.15
CA PRO A 626 -31.09 -23.85 13.28
C PRO A 626 -29.73 -23.84 14.00
N LYS A 627 -28.77 -23.04 13.51
CA LYS A 627 -27.46 -22.93 14.14
C LYS A 627 -27.56 -22.14 15.43
N THR A 628 -26.95 -22.67 16.50
CA THR A 628 -27.04 -22.08 17.83
C THR A 628 -25.64 -21.78 18.37
N PHE A 629 -25.57 -20.73 19.20
CA PHE A 629 -24.31 -20.27 19.76
C PHE A 629 -24.44 -20.16 21.27
N SER A 630 -23.35 -20.43 21.98
CA SER A 630 -23.31 -20.14 23.41
C SER A 630 -23.39 -18.63 23.59
N ILE A 631 -24.48 -18.14 24.20
CA ILE A 631 -24.77 -16.72 24.20
C ILE A 631 -24.49 -16.11 25.57
N GLY A 632 -24.77 -16.85 26.63
CA GLY A 632 -24.61 -16.27 27.95
C GLY A 632 -24.77 -17.33 29.03
N THR A 633 -24.89 -16.84 30.26
CA THR A 633 -25.03 -17.66 31.44
C THR A 633 -26.36 -17.39 32.13
N GLN A 634 -26.90 -18.43 32.76
CA GLN A 634 -28.09 -18.30 33.60
C GLN A 634 -27.88 -19.18 34.83
N GLU A 635 -27.52 -18.55 35.95
CA GLU A 635 -27.31 -19.26 37.21
C GLU A 635 -26.15 -20.25 37.09
N GLY A 636 -25.06 -19.82 36.46
CA GLY A 636 -23.86 -20.61 36.36
C GLY A 636 -23.88 -21.70 35.31
N LYS A 637 -24.92 -21.76 34.47
CA LYS A 637 -25.02 -22.75 33.42
C LYS A 637 -24.97 -22.06 32.06
N LEU A 638 -24.30 -22.68 31.11
CA LEU A 638 -24.21 -22.12 29.77
C LEU A 638 -25.57 -22.14 29.10
N VAL A 639 -25.91 -21.04 28.42
CA VAL A 639 -27.18 -20.89 27.74
C VAL A 639 -26.92 -20.68 26.25
N LYS A 640 -27.75 -21.31 25.43
CA LYS A 640 -27.63 -21.21 23.98
C LYS A 640 -28.64 -20.20 23.43
N GLY A 641 -28.31 -19.65 22.27
CA GLY A 641 -29.18 -18.70 21.60
C GLY A 641 -29.09 -18.89 20.10
N SER A 642 -30.02 -18.24 19.40
CA SER A 642 -30.14 -18.39 17.96
C SER A 642 -29.07 -17.58 17.25
N PHE A 643 -28.99 -17.79 15.92
CA PHE A 643 -28.05 -17.04 15.10
C PHE A 643 -28.34 -15.55 15.14
N GLY A 644 -29.62 -15.17 15.09
CA GLY A 644 -29.98 -13.77 15.16
C GLY A 644 -29.60 -13.14 16.49
N LYS A 645 -29.75 -13.89 17.58
CA LYS A 645 -29.35 -13.37 18.88
C LYS A 645 -27.84 -13.11 18.92
N ALA A 646 -27.04 -14.03 18.39
CA ALA A 646 -25.60 -13.82 18.35
C ALA A 646 -25.24 -12.62 17.48
N LEU A 647 -25.94 -12.46 16.35
CA LEU A 647 -25.72 -11.28 15.52
C LEU A 647 -26.02 -10.00 16.27
N ARG A 648 -27.13 -9.97 17.00
CA ARG A 648 -27.47 -8.79 17.78
C ARG A 648 -26.46 -8.53 18.88
N VAL A 649 -25.93 -9.59 19.49
CA VAL A 649 -24.93 -9.42 20.53
C VAL A 649 -23.65 -8.80 19.96
N ILE A 650 -23.21 -9.29 18.80
CA ILE A 650 -22.01 -8.73 18.17
C ILE A 650 -22.25 -7.28 17.77
N PHE A 651 -23.45 -6.98 17.25
CA PHE A 651 -23.76 -5.59 16.90
C PHE A 651 -23.73 -4.69 18.13
N THR A 652 -24.31 -5.16 19.23
CA THR A 652 -24.28 -4.39 20.47
C THR A 652 -22.85 -4.19 20.95
N LYS A 653 -22.01 -5.22 20.81
CA LYS A 653 -20.61 -5.09 21.20
C LYS A 653 -19.91 -4.01 20.40
N CYS A 654 -20.14 -3.97 19.08
CA CYS A 654 -19.53 -2.92 18.26
C CYS A 654 -20.08 -1.55 18.63
N LEU A 655 -21.38 -1.47 18.90
CA LEU A 655 -21.96 -0.19 19.32
C LEU A 655 -21.34 0.29 20.62
N MET A 656 -21.10 -0.63 21.57
CA MET A 656 -20.46 -0.25 22.82
C MET A 656 -19.00 0.13 22.60
N HIS A 657 -18.32 -0.54 21.67
CA HIS A 657 -16.98 -0.10 21.30
C HIS A 657 -16.98 1.36 20.89
N TYR A 658 -17.97 1.76 20.10
CA TYR A 658 -18.10 3.17 19.75
C TYR A 658 -18.42 4.02 20.97
N VAL A 659 -19.43 3.61 21.74
CA VAL A 659 -19.97 4.47 22.81
C VAL A 659 -18.93 4.67 23.90
N PHE A 660 -18.25 3.61 24.33
CA PHE A 660 -17.30 3.67 25.43
C PHE A 660 -15.86 3.61 24.97
N GLY A 661 -15.59 3.89 23.70
CA GLY A 661 -14.25 3.74 23.16
C GLY A 661 -13.34 4.89 23.54
N ASN A 662 -12.18 4.57 24.10
CA ASN A 662 -11.12 5.52 24.35
C ASN A 662 -9.80 4.74 24.39
N ALA A 663 -8.73 5.42 24.83
CA ALA A 663 -7.42 4.78 24.82
C ALA A 663 -7.39 3.56 25.73
N GLN A 664 -8.11 3.58 26.84
CA GLN A 664 -8.16 2.43 27.72
C GLN A 664 -8.71 1.21 26.99
N LEU A 665 -9.79 1.39 26.23
CA LEU A 665 -10.36 0.28 25.46
C LEU A 665 -9.36 -0.21 24.41
N GLU A 666 -8.66 0.70 23.75
CA GLU A 666 -7.70 0.30 22.71
C GLU A 666 -6.59 -0.56 23.30
N GLY A 667 -5.95 -0.08 24.37
CA GLY A 667 -4.89 -0.85 24.97
C GLY A 667 -5.37 -2.18 25.51
N PHE A 668 -6.54 -2.18 26.18
CA PHE A 668 -7.09 -3.42 26.69
C PHE A 668 -7.36 -4.41 25.56
N SER A 669 -7.92 -3.91 24.45
CA SER A 669 -8.22 -4.79 23.33
C SER A 669 -6.94 -5.43 22.79
N ALA A 670 -5.89 -4.64 22.60
CA ALA A 670 -4.65 -5.20 22.06
C ALA A 670 -4.06 -6.28 22.99
N GLU A 671 -3.88 -5.93 24.27
CA GLU A 671 -3.23 -6.86 25.18
C GLU A 671 -4.09 -8.10 25.43
N SER A 672 -5.39 -7.92 25.63
CA SER A 672 -6.27 -9.06 25.80
C SER A 672 -6.36 -9.88 24.53
N ARG A 673 -6.13 -9.29 23.36
CA ARG A 673 -6.06 -10.08 22.13
C ARG A 673 -4.86 -11.00 22.15
N ARG A 674 -3.73 -10.50 22.61
CA ARG A 674 -2.57 -11.39 22.81
C ARG A 674 -2.95 -12.55 23.73
N LEU A 675 -3.61 -12.24 24.86
CA LEU A 675 -4.00 -13.30 25.78
C LEU A 675 -4.98 -14.28 25.15
N LEU A 676 -5.91 -13.76 24.34
CA LEU A 676 -6.88 -14.61 23.66
C LEU A 676 -6.19 -15.57 22.69
N LEU A 677 -5.18 -15.08 21.98
CA LEU A 677 -4.43 -15.97 21.11
C LEU A 677 -3.73 -17.06 21.90
N LEU A 678 -3.19 -16.72 23.07
CA LEU A 678 -2.60 -17.75 23.92
C LEU A 678 -3.65 -18.79 24.33
N ILE A 679 -4.85 -18.33 24.71
CA ILE A 679 -5.90 -19.26 25.12
C ILE A 679 -6.31 -20.15 23.96
N GLN A 680 -6.39 -19.58 22.76
CA GLN A 680 -6.72 -20.38 21.58
C GLN A 680 -5.65 -21.44 21.32
N ALA A 681 -4.38 -21.07 21.49
CA ALA A 681 -3.31 -22.05 21.37
C ALA A 681 -3.50 -23.19 22.37
N LEU A 682 -3.90 -22.84 23.60
CA LEU A 682 -4.18 -23.88 24.59
C LEU A 682 -5.32 -24.79 24.13
N LYS A 683 -6.38 -24.19 23.59
CA LYS A 683 -7.54 -24.98 23.19
C LYS A 683 -7.24 -25.92 22.02
N ASP A 684 -6.38 -25.50 21.10
CA ASP A 684 -6.00 -26.32 19.96
C ASP A 684 -4.99 -27.39 20.30
N ARG A 685 -4.60 -27.52 21.57
CA ARG A 685 -3.56 -28.47 21.97
C ARG A 685 -2.27 -28.23 21.22
N LYS A 686 -1.92 -26.95 21.05
CA LYS A 686 -0.69 -26.57 20.39
C LYS A 686 0.47 -26.39 21.35
N GLY A 687 0.26 -26.64 22.64
CA GLY A 687 1.32 -26.57 23.62
C GLY A 687 2.04 -25.24 23.63
N PRO A 688 1.30 -24.16 23.90
CA PRO A 688 1.93 -22.84 23.95
C PRO A 688 2.94 -22.73 25.09
N TRP A 689 3.98 -21.95 24.84
CA TRP A 689 4.98 -21.61 25.84
C TRP A 689 5.02 -20.09 25.99
N VAL A 690 5.36 -19.63 27.20
CA VAL A 690 5.44 -18.22 27.50
C VAL A 690 6.80 -17.92 28.13
N PHE A 691 7.14 -16.64 28.16
CA PHE A 691 8.41 -16.18 28.73
C PHE A 691 8.20 -15.30 29.95
N ASP A 692 7.31 -14.32 29.88
CA ASP A 692 6.96 -13.47 31.03
C ASP A 692 5.45 -13.27 31.00
N LEU A 693 4.73 -14.19 31.64
CA LEU A 693 3.27 -14.12 31.65
C LEU A 693 2.78 -12.99 32.56
N GLU A 694 3.46 -12.77 33.68
CA GLU A 694 3.06 -11.69 34.58
C GLU A 694 3.22 -10.33 33.91
N GLY A 695 4.23 -10.17 33.06
CA GLY A 695 4.37 -8.93 32.31
C GLY A 695 3.20 -8.70 31.37
N MET A 696 2.76 -9.74 30.67
CA MET A 696 1.61 -9.62 29.80
C MET A 696 0.35 -9.28 30.59
N TYR A 697 0.17 -9.93 31.74
CA TYR A 697 -0.99 -9.64 32.58
C TYR A 697 -0.96 -8.19 33.08
N SER A 698 0.22 -7.71 33.46
CA SER A 698 0.35 -6.32 33.90
C SER A 698 0.03 -5.36 32.76
N GLY A 699 0.48 -5.67 31.55
CA GLY A 699 0.12 -4.86 30.41
C GLY A 699 -1.39 -4.82 30.19
N ILE A 700 -2.05 -5.96 30.36
CA ILE A 700 -3.51 -6.00 30.25
C ILE A 700 -4.14 -5.11 31.33
N GLU A 701 -3.70 -5.27 32.57
CA GLU A 701 -4.36 -4.65 33.71
C GLU A 701 -4.06 -3.17 33.84
N GLU A 702 -3.02 -2.67 33.17
CA GLU A 702 -2.73 -1.24 33.20
C GLU A 702 -3.87 -0.41 32.60
N CYS A 703 -4.73 -1.02 31.78
CA CYS A 703 -5.75 -0.30 31.04
C CYS A 703 -7.13 -0.40 31.67
N ILE A 704 -7.27 -1.07 32.81
CA ILE A 704 -8.57 -1.26 33.46
C ILE A 704 -8.62 -0.25 34.61
N SER A 705 -9.11 0.96 34.32
CA SER A 705 -9.24 1.98 35.37
C SER A 705 -10.69 2.40 35.59
N ASN A 706 -11.35 3.03 34.61
CA ASN A 706 -12.69 3.55 34.83
C ASN A 706 -13.59 3.44 33.60
N ASN A 707 -13.15 2.77 32.54
CA ASN A 707 -14.00 2.58 31.37
C ASN A 707 -15.00 1.47 31.68
N PRO A 708 -16.31 1.76 31.71
CA PRO A 708 -17.26 0.69 32.09
C PRO A 708 -17.19 -0.52 31.18
N TRP A 709 -17.00 -0.30 29.88
CA TRP A 709 -16.94 -1.42 28.96
C TRP A 709 -15.69 -2.26 29.20
N VAL A 710 -14.56 -1.62 29.50
CA VAL A 710 -13.33 -2.37 29.77
C VAL A 710 -13.49 -3.22 31.02
N ILE A 711 -14.07 -2.65 32.08
CA ILE A 711 -14.26 -3.39 33.33
C ILE A 711 -15.20 -4.57 33.11
N GLN A 712 -16.32 -4.33 32.43
CA GLN A 712 -17.24 -5.42 32.15
C GLN A 712 -16.61 -6.46 31.23
N SER A 713 -15.75 -6.03 30.31
CA SER A 713 -15.07 -6.97 29.43
C SER A 713 -14.09 -7.84 30.21
N ALA A 714 -13.40 -7.26 31.19
CA ALA A 714 -12.53 -8.06 32.04
C ALA A 714 -13.33 -9.08 32.83
N TYR A 715 -14.48 -8.66 33.37
CA TYR A 715 -15.35 -9.59 34.08
C TYR A 715 -15.81 -10.73 33.16
N TRP A 716 -16.26 -10.37 31.96
CA TRP A 716 -16.71 -11.37 31.00
C TRP A 716 -15.59 -12.30 30.58
N PHE A 717 -14.38 -11.75 30.41
CA PHE A 717 -13.24 -12.56 30.06
C PHE A 717 -12.94 -13.57 31.16
N ASN A 718 -13.01 -13.14 32.42
CA ASN A 718 -12.77 -14.07 33.51
C ASN A 718 -13.81 -15.17 33.54
N GLU A 719 -15.08 -14.81 33.35
CA GLU A 719 -16.15 -15.82 33.33
C GLU A 719 -15.94 -16.83 32.21
N TRP A 720 -15.64 -16.33 31.00
CA TRP A 720 -15.44 -17.21 29.87
C TRP A 720 -14.20 -18.08 30.06
N LEU A 721 -13.15 -17.52 30.67
CA LEU A 721 -11.95 -18.30 30.94
C LEU A 721 -12.24 -19.43 31.92
N GLY A 722 -13.04 -19.16 32.95
CA GLY A 722 -13.44 -20.21 33.85
C GLY A 722 -14.20 -21.32 33.13
N PHE A 723 -15.14 -20.94 32.27
CA PHE A 723 -15.86 -21.94 31.50
C PHE A 723 -14.93 -22.74 30.59
N GLU A 724 -13.94 -22.06 30.00
CA GLU A 724 -13.00 -22.75 29.12
C GLU A 724 -12.12 -23.71 29.89
N LYS A 725 -11.72 -23.35 31.11
CA LYS A 725 -10.97 -24.28 31.96
C LYS A 725 -11.81 -25.50 32.28
N GLU A 726 -13.09 -25.29 32.63
CA GLU A 726 -13.97 -26.41 32.88
C GLU A 726 -14.07 -27.31 31.66
N GLY A 727 -14.21 -26.72 30.47
CA GLY A 727 -14.27 -27.52 29.27
C GLY A 727 -12.99 -28.27 28.99
N SER A 728 -11.84 -27.63 29.21
CA SER A 728 -10.56 -28.28 28.97
C SER A 728 -10.31 -29.43 29.93
N LYS A 729 -10.94 -29.39 31.11
CA LYS A 729 -10.74 -30.48 32.07
C LYS A 729 -11.08 -31.84 31.44
N VAL A 730 -12.00 -31.88 30.49
CA VAL A 730 -12.34 -33.14 29.83
C VAL A 730 -11.36 -33.51 28.72
N LEU A 731 -10.63 -32.54 28.18
CA LEU A 731 -9.68 -32.79 27.10
C LEU A 731 -8.33 -33.28 27.59
N GLU A 732 -8.14 -33.40 28.91
CA GLU A 732 -6.86 -33.80 29.49
C GLU A 732 -6.72 -35.29 29.69
N SER A 733 -7.71 -36.08 29.27
CA SER A 733 -7.71 -37.53 29.49
C SER A 733 -8.08 -38.27 28.22
N VAL A 734 -7.45 -37.90 27.11
CA VAL A 734 -7.63 -38.57 25.82
C VAL A 734 -6.37 -39.38 25.55
N ASP A 735 -6.55 -40.70 25.39
CA ASP A 735 -5.43 -41.61 25.21
C ASP A 735 -4.44 -41.51 26.37
N GLU A 736 -4.98 -41.34 27.58
CA GLU A 736 -4.15 -41.20 28.78
C GLU A 736 -4.88 -41.76 29.99
N GLY B 9 -31.65 -14.12 36.14
CA GLY B 9 -31.99 -14.22 34.69
C GLY B 9 -30.82 -14.68 33.84
N MET B 10 -30.88 -14.38 32.55
CA MET B 10 -29.86 -14.78 31.59
C MET B 10 -29.00 -13.58 31.23
N ASN B 11 -27.69 -13.72 31.39
CA ASN B 11 -26.74 -12.63 31.18
C ASN B 11 -25.92 -12.91 29.94
N ILE B 12 -25.85 -11.92 29.05
CA ILE B 12 -25.11 -12.05 27.80
C ILE B 12 -23.62 -11.90 28.09
N ASN B 13 -22.83 -12.86 27.61
CA ASN B 13 -21.37 -12.77 27.64
C ASN B 13 -20.84 -12.86 26.22
N PRO B 14 -20.45 -11.74 25.60
CA PRO B 14 -20.01 -11.81 24.19
C PRO B 14 -18.83 -12.73 23.96
N TYR B 15 -17.93 -12.88 24.93
CA TYR B 15 -16.79 -13.76 24.76
C TYR B 15 -17.21 -15.20 24.48
N PHE B 16 -18.44 -15.57 24.84
CA PHE B 16 -18.91 -16.92 24.57
C PHE B 16 -18.96 -17.22 23.08
N LEU B 17 -18.94 -16.20 22.23
CA LEU B 17 -18.80 -16.44 20.80
C LEU B 17 -17.57 -17.31 20.53
N PHE B 18 -16.48 -17.06 21.25
CA PHE B 18 -15.25 -17.83 21.05
C PHE B 18 -15.41 -19.28 21.42
N ILE B 19 -16.46 -19.64 22.17
CA ILE B 19 -16.71 -21.05 22.42
C ILE B 19 -17.07 -21.76 21.13
N ASP B 20 -17.74 -21.08 20.21
CA ASP B 20 -18.17 -21.68 18.95
C ASP B 20 -17.24 -21.37 17.79
N VAL B 21 -16.58 -20.22 17.80
CA VAL B 21 -15.75 -19.77 16.70
C VAL B 21 -14.33 -19.63 17.22
N PRO B 22 -13.30 -20.15 16.54
CA PRO B 22 -11.93 -19.92 16.99
C PRO B 22 -11.57 -18.45 16.94
N ILE B 23 -10.62 -18.06 17.80
CA ILE B 23 -10.29 -16.65 17.97
C ILE B 23 -9.91 -16.02 16.63
N GLN B 24 -9.08 -16.72 15.85
CA GLN B 24 -8.64 -16.16 14.57
C GLN B 24 -9.82 -15.96 13.62
N ALA B 25 -10.75 -16.92 13.59
CA ALA B 25 -11.89 -16.80 12.70
C ALA B 25 -12.76 -15.61 13.05
N ALA B 26 -12.79 -15.22 14.32
CA ALA B 26 -13.56 -14.07 14.78
C ALA B 26 -12.65 -12.97 15.32
N ILE B 27 -11.45 -12.85 14.75
CA ILE B 27 -10.47 -11.89 15.26
C ILE B 27 -10.97 -10.47 15.08
N SER B 28 -11.78 -10.22 14.03
CA SER B 28 -12.24 -8.87 13.76
C SER B 28 -13.02 -8.28 14.92
N THR B 29 -13.68 -9.13 15.71
CA THR B 29 -14.46 -8.63 16.84
C THR B 29 -13.58 -8.17 18.00
N THR B 30 -12.28 -8.43 17.96
CA THR B 30 -11.36 -7.95 18.99
C THR B 30 -10.72 -6.61 18.63
N PHE B 31 -11.11 -6.01 17.51
CA PHE B 31 -10.59 -4.71 17.10
C PHE B 31 -11.71 -3.67 17.22
N PRO B 32 -11.72 -2.84 18.25
CA PRO B 32 -12.83 -1.87 18.42
C PRO B 32 -12.61 -0.59 17.62
N TYR B 33 -12.63 -0.73 16.30
CA TYR B 33 -12.27 0.36 15.42
C TYR B 33 -13.46 1.20 14.98
N THR B 34 -14.64 0.96 15.54
CA THR B 34 -15.74 1.92 15.42
C THR B 34 -15.62 3.06 16.42
N GLY B 35 -14.77 2.91 17.44
CA GLY B 35 -14.59 3.96 18.42
C GLY B 35 -13.62 5.03 17.95
N VAL B 36 -13.63 6.14 18.67
CA VAL B 36 -12.80 7.30 18.31
C VAL B 36 -11.34 6.96 18.59
N PRO B 37 -10.44 7.13 17.62
CA PRO B 37 -9.02 6.86 17.89
C PRO B 37 -8.48 7.81 18.94
N PRO B 38 -7.60 7.35 19.82
CA PRO B 38 -7.01 8.25 20.82
C PRO B 38 -6.25 9.39 20.15
N TYR B 39 -6.33 10.56 20.76
CA TYR B 39 -5.66 11.76 20.29
C TYR B 39 -4.79 12.32 21.41
N SER B 40 -3.72 12.99 21.02
CA SER B 40 -2.84 13.64 21.99
C SER B 40 -3.27 15.07 22.21
N HIS B 41 -2.96 15.59 23.40
CA HIS B 41 -3.29 16.95 23.77
C HIS B 41 -2.03 17.67 24.23
N GLY B 42 -1.94 18.95 23.91
CA GLY B 42 -0.88 19.77 24.47
C GLY B 42 0.51 19.34 24.03
N THR B 43 1.46 19.47 24.93
CA THR B 43 2.86 19.33 24.61
C THR B 43 3.27 17.87 24.50
N GLY B 44 4.25 17.62 23.65
CA GLY B 44 4.94 16.34 23.58
C GLY B 44 6.29 16.33 24.26
N THR B 45 6.64 17.40 24.99
CA THR B 45 7.97 17.49 25.59
C THR B 45 8.20 16.39 26.61
N GLY B 46 7.17 16.03 27.38
CA GLY B 46 7.33 14.97 28.35
C GLY B 46 7.72 13.66 27.71
N TYR B 47 7.04 13.30 26.61
CA TYR B 47 7.37 12.06 25.91
C TYR B 47 8.77 12.11 25.31
N THR B 48 9.16 13.25 24.73
CA THR B 48 10.49 13.36 24.15
C THR B 48 11.57 13.22 25.22
N ILE B 49 11.38 13.86 26.38
CA ILE B 49 12.34 13.77 27.45
C ILE B 49 12.41 12.34 27.99
N ASP B 50 11.26 11.67 28.08
CA ASP B 50 11.25 10.28 28.48
C ASP B 50 12.05 9.42 27.49
N THR B 51 11.88 9.68 26.20
CA THR B 51 12.62 8.95 25.19
C THR B 51 14.12 9.17 25.34
N VAL B 52 14.53 10.41 25.54
CA VAL B 52 15.96 10.72 25.70
C VAL B 52 16.52 9.99 26.91
N ILE B 53 15.79 10.06 28.03
CA ILE B 53 16.26 9.47 29.28
C ILE B 53 16.39 7.95 29.13
N ARG B 54 15.39 7.31 28.53
CA ARG B 54 15.44 5.85 28.37
C ARG B 54 16.54 5.43 27.41
N THR B 55 16.70 6.19 26.32
CA THR B 55 17.76 5.89 25.37
C THR B 55 19.13 5.94 26.05
N HIS B 56 19.33 6.91 26.93
CA HIS B 56 20.60 6.99 27.63
C HIS B 56 20.71 5.96 28.75
N GLU B 57 19.59 5.57 29.35
CA GLU B 57 19.61 4.52 30.37
C GLU B 57 20.03 3.18 29.78
N TYR B 58 19.57 2.87 28.58
CA TYR B 58 19.95 1.61 27.95
C TYR B 58 21.39 1.60 27.47
N SER B 59 22.12 2.70 27.58
CA SER B 59 23.49 2.80 27.12
C SER B 59 24.43 3.42 28.15
N ASN B 60 24.00 3.55 29.41
CA ASN B 60 24.80 4.28 30.39
C ASN B 60 26.10 3.55 30.72
N LYS B 61 26.14 2.23 30.56
CA LYS B 61 27.33 1.46 30.83
C LYS B 61 28.34 1.49 29.68
N GLY B 62 28.13 2.36 28.69
CA GLY B 62 29.06 2.52 27.60
C GLY B 62 30.02 3.68 27.82
N LYS B 63 30.77 3.99 26.77
CA LYS B 63 31.79 5.03 26.84
C LYS B 63 31.12 6.40 26.74
N GLN B 64 31.29 7.21 27.77
CA GLN B 64 30.76 8.57 27.79
C GLN B 64 31.88 9.56 27.58
N TYR B 65 31.69 10.49 26.64
CA TYR B 65 32.70 11.48 26.34
C TYR B 65 32.01 12.77 25.90
N ILE B 66 32.80 13.75 25.47
CA ILE B 66 32.31 15.04 25.03
C ILE B 66 32.67 15.21 23.56
N SER B 67 31.69 15.59 22.75
CA SER B 67 31.94 15.85 21.34
C SER B 67 32.78 17.10 21.18
N ASP B 68 33.82 17.01 20.36
CA ASP B 68 34.69 18.15 20.09
C ASP B 68 34.20 18.98 18.90
N VAL B 69 33.14 18.56 18.23
CA VAL B 69 32.55 19.35 17.14
C VAL B 69 31.41 20.22 17.65
N THR B 70 30.53 19.65 18.47
CA THR B 70 29.38 20.37 18.99
C THR B 70 29.46 20.66 20.49
N GLY B 71 30.33 19.98 21.22
CA GLY B 71 30.37 20.12 22.66
C GLY B 71 29.29 19.37 23.41
N CYS B 72 28.62 18.43 22.76
CA CYS B 72 27.55 17.68 23.37
C CYS B 72 28.09 16.45 24.09
N THR B 73 27.30 15.94 25.04
CA THR B 73 27.65 14.73 25.75
C THR B 73 27.27 13.51 24.91
N MET B 74 28.22 12.62 24.67
CA MET B 74 28.06 11.50 23.77
C MET B 74 28.18 10.20 24.56
N VAL B 75 27.28 9.27 24.28
CA VAL B 75 27.29 7.94 24.89
C VAL B 75 27.41 6.91 23.77
N ASP B 76 28.38 6.01 23.92
CA ASP B 76 28.68 4.98 22.92
C ASP B 76 28.55 3.61 23.57
N PRO B 77 27.44 2.89 23.35
CA PRO B 77 27.29 1.55 23.93
C PRO B 77 27.91 0.44 23.10
N THR B 78 28.32 0.71 21.87
CA THR B 78 28.81 -0.36 21.00
C THR B 78 30.11 -0.93 21.56
N ASN B 79 30.24 -2.25 21.48
CA ASN B 79 31.38 -2.98 22.05
C ASN B 79 31.46 -2.81 23.56
N GLY B 80 30.37 -2.42 24.20
CA GLY B 80 30.32 -2.30 25.63
C GLY B 80 30.20 -3.64 26.30
N PRO B 81 30.15 -3.63 27.63
CA PRO B 81 30.06 -4.89 28.38
C PRO B 81 28.79 -5.66 28.03
N LEU B 82 28.91 -6.99 28.01
CA LEU B 82 27.78 -7.82 27.73
C LEU B 82 26.75 -7.72 28.85
N PRO B 83 25.46 -7.83 28.54
CA PRO B 83 24.44 -7.73 29.59
C PRO B 83 24.53 -8.88 30.58
N GLU B 84 24.15 -8.58 31.82
CA GLU B 84 24.11 -9.57 32.89
C GLU B 84 22.69 -9.88 33.34
N ASP B 85 21.68 -9.37 32.64
CA ASP B 85 20.29 -9.60 32.99
C ASP B 85 19.47 -9.50 31.71
N ASN B 86 18.15 -9.41 31.86
CA ASN B 86 17.23 -9.40 30.73
C ASN B 86 16.62 -8.02 30.48
N GLU B 87 17.27 -6.96 30.96
CA GLU B 87 16.81 -5.61 30.66
C GLU B 87 17.25 -5.19 29.26
N PRO B 88 16.56 -4.22 28.66
CA PRO B 88 16.95 -3.78 27.32
C PRO B 88 18.40 -3.31 27.29
N SER B 89 19.13 -3.74 26.27
CA SER B 89 20.55 -3.46 26.16
C SER B 89 20.87 -2.98 24.75
N ALA B 90 21.65 -1.91 24.66
CA ALA B 90 22.12 -1.36 23.41
C ALA B 90 23.58 -1.70 23.13
N TYR B 91 24.16 -2.63 23.89
CA TYR B 91 25.59 -2.93 23.78
C TYR B 91 25.82 -4.01 22.73
N ALA B 92 25.59 -3.62 21.48
CA ALA B 92 25.84 -4.50 20.36
C ALA B 92 27.33 -4.71 20.16
N GLN B 93 27.71 -5.91 19.75
CA GLN B 93 29.10 -6.26 19.52
C GLN B 93 29.39 -6.21 18.03
N LEU B 94 30.40 -5.42 17.66
CA LEU B 94 30.73 -5.25 16.24
C LEU B 94 31.13 -6.57 15.61
N ASP B 95 31.88 -7.40 16.34
CA ASP B 95 32.32 -8.68 15.80
C ASP B 95 31.14 -9.57 15.46
N CYS B 96 30.14 -9.64 16.34
CA CYS B 96 28.98 -10.48 16.09
C CYS B 96 28.15 -9.96 14.91
N VAL B 97 27.98 -8.65 14.82
CA VAL B 97 27.25 -8.08 13.69
C VAL B 97 27.96 -8.38 12.39
N LEU B 98 29.29 -8.25 12.38
CA LEU B 98 30.06 -8.56 11.18
C LEU B 98 29.95 -10.04 10.83
N GLU B 99 29.97 -10.92 11.84
CA GLU B 99 29.81 -12.34 11.57
C GLU B 99 28.46 -12.64 10.95
N ALA B 100 27.39 -12.02 11.47
CA ALA B 100 26.07 -12.23 10.90
C ALA B 100 26.02 -11.71 9.46
N LEU B 101 26.63 -10.56 9.20
CA LEU B 101 26.61 -10.01 7.84
C LEU B 101 27.42 -10.89 6.88
N ASP B 102 28.54 -11.44 7.35
CA ASP B 102 29.31 -12.35 6.50
C ASP B 102 28.53 -13.63 6.23
N ARG B 103 27.79 -14.13 7.22
CA ARG B 103 26.92 -15.29 6.95
C ARG B 103 25.87 -14.96 5.91
N MET B 104 25.27 -13.77 6.01
CA MET B 104 24.29 -13.35 5.01
C MET B 104 24.93 -13.27 3.63
N ASP B 105 26.13 -12.72 3.55
CA ASP B 105 26.82 -12.60 2.26
C ASP B 105 27.14 -13.97 1.69
N GLU B 106 27.56 -14.91 2.53
CA GLU B 106 27.85 -16.26 2.08
C GLU B 106 26.59 -16.96 1.56
N GLU B 107 25.47 -16.78 2.25
CA GLU B 107 24.23 -17.43 1.83
C GLU B 107 23.60 -16.78 0.61
N HIS B 108 23.96 -15.53 0.28
CA HIS B 108 23.42 -14.82 -0.88
C HIS B 108 24.57 -14.18 -1.64
N PRO B 109 25.34 -14.98 -2.39
CA PRO B 109 26.50 -14.43 -3.08
C PRO B 109 26.13 -13.29 -4.02
N GLY B 110 26.94 -12.23 -3.99
CA GLY B 110 26.73 -11.09 -4.84
C GLY B 110 25.57 -10.19 -4.45
N LEU B 111 24.87 -10.49 -3.36
CA LEU B 111 23.72 -9.67 -2.97
C LEU B 111 24.17 -8.27 -2.54
N PHE B 112 25.16 -8.20 -1.65
CA PHE B 112 25.65 -6.89 -1.22
C PHE B 112 26.19 -6.08 -2.39
N GLN B 113 26.96 -6.72 -3.27
CA GLN B 113 27.55 -6.01 -4.39
C GLN B 113 26.49 -5.50 -5.34
N ALA B 114 25.51 -6.35 -5.67
CA ALA B 114 24.45 -5.94 -6.58
C ALA B 114 23.62 -4.82 -5.98
N ALA B 115 23.28 -4.93 -4.70
CA ALA B 115 22.50 -3.88 -4.04
C ALA B 115 23.27 -2.56 -4.02
N SER B 116 24.56 -2.61 -3.68
CA SER B 116 25.35 -1.39 -3.67
C SER B 116 25.45 -0.77 -5.05
N GLN B 117 25.66 -1.59 -6.09
CA GLN B 117 25.78 -1.06 -7.44
C GLN B 117 24.47 -0.43 -7.90
N ASN B 118 23.34 -1.08 -7.61
CA ASN B 118 22.05 -0.52 -7.99
C ASN B 118 21.78 0.78 -7.25
N ALA B 119 22.09 0.83 -5.96
CA ALA B 119 21.91 2.06 -5.20
C ALA B 119 22.80 3.18 -5.74
N MET B 120 24.03 2.85 -6.11
CA MET B 120 24.92 3.85 -6.69
C MET B 120 24.37 4.39 -8.01
N GLU B 121 23.85 3.50 -8.86
CA GLU B 121 23.28 3.96 -10.12
C GLU B 121 22.08 4.87 -9.87
N THR B 122 21.18 4.46 -8.97
CA THR B 122 20.03 5.30 -8.67
C THR B 122 20.46 6.66 -8.14
N LEU B 123 21.45 6.68 -7.26
CA LEU B 123 21.94 7.96 -6.75
C LEU B 123 22.53 8.82 -7.86
N MET B 124 23.27 8.21 -8.78
CA MET B 124 23.85 8.98 -9.88
C MET B 124 22.78 9.54 -10.81
N VAL B 125 21.61 8.90 -10.86
CA VAL B 125 20.54 9.40 -11.73
C VAL B 125 19.41 10.02 -10.91
N THR B 126 19.73 10.56 -9.74
CA THR B 126 18.74 11.18 -8.86
C THR B 126 18.99 12.68 -8.79
N THR B 127 17.91 13.44 -8.86
CA THR B 127 17.98 14.90 -8.87
C THR B 127 17.64 15.48 -7.49
N VAL B 128 17.92 16.77 -7.33
CA VAL B 128 17.68 17.44 -6.05
C VAL B 128 16.21 17.50 -5.68
N ASP B 129 15.30 17.44 -6.66
CA ASP B 129 13.88 17.53 -6.40
C ASP B 129 13.30 16.28 -5.75
N LYS B 130 14.09 15.21 -5.63
CA LYS B 130 13.63 14.04 -4.90
C LYS B 130 13.36 14.35 -3.43
N LEU B 131 13.95 15.42 -2.90
CA LEU B 131 13.78 15.77 -1.49
C LEU B 131 12.47 16.50 -1.21
N THR B 132 11.80 17.02 -2.23
CA THR B 132 10.51 17.66 -2.04
C THR B 132 9.39 16.67 -1.76
N GLN B 133 9.65 15.37 -1.90
CA GLN B 133 8.62 14.34 -1.80
C GLN B 133 8.26 14.01 -0.36
N GLY B 134 8.75 14.77 0.62
CA GLY B 134 8.44 14.51 2.01
C GLY B 134 7.30 15.38 2.54
N ARG B 135 6.90 15.06 3.77
CA ARG B 135 5.92 15.84 4.51
C ARG B 135 6.66 16.88 5.36
N GLN B 136 5.99 17.41 6.39
CA GLN B 136 6.59 18.44 7.23
C GLN B 136 8.02 18.08 7.60
N THR B 137 8.93 19.00 7.30
CA THR B 137 10.37 18.81 7.46
C THR B 137 10.92 19.92 8.33
N PHE B 138 11.88 19.59 9.17
CA PHE B 138 12.51 20.60 10.01
C PHE B 138 13.31 21.56 9.14
N ASP B 139 13.01 22.85 9.26
CA ASP B 139 13.74 23.91 8.59
C ASP B 139 14.62 24.59 9.61
N TRP B 140 15.94 24.55 9.36
CA TRP B 140 16.93 25.12 10.26
C TRP B 140 16.98 26.64 10.16
N THR B 141 16.63 27.20 9.00
CA THR B 141 16.66 28.64 8.83
C THR B 141 15.65 29.32 9.74
N VAL B 142 14.47 28.71 9.92
CA VAL B 142 13.45 29.22 10.83
C VAL B 142 13.34 28.38 12.09
N CYS B 143 14.11 27.30 12.20
CA CYS B 143 14.03 26.40 13.35
C CYS B 143 12.58 25.98 13.61
N ARG B 144 11.89 25.62 12.53
CA ARG B 144 10.47 25.29 12.61
C ARG B 144 10.23 24.07 11.72
N ASN B 145 8.96 23.78 11.44
CA ASN B 145 8.59 22.76 10.48
C ASN B 145 7.93 23.43 9.29
N GLN B 146 8.39 23.09 8.09
CA GLN B 146 7.84 23.63 6.86
C GLN B 146 7.69 22.49 5.87
N PRO B 147 6.81 22.63 4.87
CA PRO B 147 6.68 21.58 3.86
C PRO B 147 8.02 21.30 3.18
N ALA B 148 8.23 20.03 2.84
CA ALA B 148 9.53 19.58 2.36
C ALA B 148 10.05 20.46 1.22
N ALA B 149 9.18 20.80 0.27
CA ALA B 149 9.60 21.64 -0.84
C ALA B 149 10.01 23.02 -0.34
N THR B 150 9.25 23.59 0.60
CA THR B 150 9.60 24.91 1.13
C THR B 150 10.94 24.87 1.85
N ALA B 151 11.16 23.85 2.67
CA ALA B 151 12.44 23.73 3.38
C ALA B 151 13.59 23.57 2.41
N LEU B 152 13.40 22.75 1.36
CA LEU B 152 14.45 22.57 0.37
C LEU B 152 14.76 23.88 -0.35
N ASN B 153 13.72 24.63 -0.74
CA ASN B 153 13.94 25.90 -1.40
C ASN B 153 14.68 26.89 -0.49
N THR B 154 14.29 26.94 0.78
CA THR B 154 14.96 27.84 1.71
C THR B 154 16.42 27.45 1.89
N THR B 155 16.70 26.14 1.99
CA THR B 155 18.08 25.70 2.11
C THR B 155 18.88 26.06 0.87
N ILE B 156 18.29 25.88 -0.32
CA ILE B 156 19.00 26.20 -1.56
C ILE B 156 19.31 27.70 -1.62
N THR B 157 18.34 28.54 -1.26
CA THR B 157 18.57 29.97 -1.28
C THR B 157 19.65 30.38 -0.28
N SER B 158 19.58 29.85 0.94
CA SER B 158 20.60 30.17 1.93
C SER B 158 21.98 29.72 1.49
N PHE B 159 22.06 28.54 0.89
CA PHE B 159 23.34 28.08 0.34
C PHE B 159 23.84 29.02 -0.75
N ARG B 160 22.93 29.49 -1.61
CA ARG B 160 23.32 30.48 -2.60
C ARG B 160 23.92 31.71 -1.94
N LEU B 161 23.37 32.11 -0.79
CA LEU B 161 23.93 33.26 -0.07
C LEU B 161 25.35 32.99 0.41
N ASN B 162 25.72 31.73 0.62
CA ASN B 162 27.00 31.35 1.20
C ASN B 162 27.94 30.71 0.16
N ASP B 163 27.79 31.09 -1.11
CA ASP B 163 28.63 30.54 -2.18
C ASP B 163 28.60 29.01 -2.13
N LEU B 164 27.41 28.44 -2.28
CA LEU B 164 27.20 27.01 -2.35
C LEU B 164 26.15 26.77 -3.42
N ASN B 165 26.61 26.58 -4.66
CA ASN B 165 25.74 26.51 -5.83
C ASN B 165 25.66 25.11 -6.41
N GLY B 166 25.89 24.07 -5.60
CA GLY B 166 25.82 22.71 -6.09
C GLY B 166 24.43 22.33 -6.56
N ALA B 167 23.40 22.86 -5.91
CA ALA B 167 22.03 22.53 -6.28
C ALA B 167 21.72 22.92 -7.73
N ASP B 168 22.49 23.85 -8.30
CA ASP B 168 22.27 24.21 -9.70
C ASP B 168 22.61 23.06 -10.64
N LYS B 169 23.60 22.25 -10.30
CA LYS B 169 23.98 21.14 -11.17
C LYS B 169 22.83 20.17 -11.38
N GLY B 170 21.92 20.08 -10.42
CA GLY B 170 20.70 19.31 -10.61
C GLY B 170 20.69 17.98 -9.88
N GLY B 171 21.85 17.34 -9.79
CA GLY B 171 21.93 16.04 -9.16
C GLY B 171 21.92 16.12 -7.65
N LEU B 172 21.53 15.01 -7.02
CA LEU B 172 21.55 14.93 -5.56
C LEU B 172 22.98 14.91 -5.03
N ILE B 173 23.91 14.30 -5.76
CA ILE B 173 25.29 14.22 -5.29
C ILE B 173 25.92 15.59 -5.12
N PRO B 174 25.88 16.49 -6.10
CA PRO B 174 26.45 17.83 -5.86
C PRO B 174 25.78 18.58 -4.71
N PHE B 175 24.47 18.42 -4.54
CA PHE B 175 23.80 19.09 -3.42
C PHE B 175 24.27 18.52 -2.08
N CYS B 176 24.47 17.21 -2.01
CA CYS B 176 24.98 16.60 -0.78
C CYS B 176 26.41 17.02 -0.51
N GLN B 177 27.21 17.16 -1.56
CA GLN B 177 28.54 17.76 -1.41
C GLN B 177 28.43 19.17 -0.85
N ASP B 178 27.44 19.93 -1.31
CA ASP B 178 27.23 21.28 -0.80
C ASP B 178 26.86 21.24 0.68
N ILE B 179 26.04 20.28 1.10
CA ILE B 179 25.70 20.14 2.51
C ILE B 179 26.95 19.86 3.34
N ILE B 180 27.77 18.92 2.85
CA ILE B 180 29.01 18.58 3.55
C ILE B 180 29.88 19.83 3.69
N ASP B 181 30.03 20.59 2.62
CA ASP B 181 30.84 21.80 2.67
C ASP B 181 30.23 22.83 3.61
N SER B 182 28.91 22.99 3.60
CA SER B 182 28.24 23.91 4.50
C SER B 182 28.59 23.58 5.95
N LEU B 183 28.73 22.29 6.26
CA LEU B 183 29.11 21.94 7.63
C LEU B 183 30.47 22.51 8.01
N ASP B 184 31.27 22.95 7.04
CA ASP B 184 32.61 23.45 7.30
C ASP B 184 32.72 24.98 7.23
N ARG B 185 31.66 25.68 6.86
CA ARG B 185 31.74 27.12 6.74
C ARG B 185 31.86 27.76 8.13
N PRO B 186 32.76 28.72 8.31
CA PRO B 186 32.90 29.37 9.63
C PRO B 186 31.67 30.15 10.05
N GLU B 187 30.81 30.54 9.11
CA GLU B 187 29.61 31.31 9.42
C GLU B 187 28.57 30.98 8.37
N MET B 188 27.31 31.26 8.70
CA MET B 188 26.20 31.02 7.78
C MET B 188 25.25 32.20 7.75
N THR B 189 24.97 32.68 6.55
CA THR B 189 23.97 33.71 6.30
C THR B 189 22.78 33.09 5.60
N PHE B 190 21.58 33.46 6.04
CA PHE B 190 20.37 32.87 5.49
C PHE B 190 19.21 33.84 5.65
N PHE B 191 18.05 33.44 5.16
CA PHE B 191 16.81 34.19 5.34
C PHE B 191 15.94 33.47 6.36
N SER B 192 15.47 34.21 7.36
CA SER B 192 14.62 33.69 8.42
C SER B 192 13.33 34.50 8.48
N VAL B 193 12.42 34.07 9.34
CA VAL B 193 11.10 34.69 9.50
C VAL B 193 11.08 35.41 10.83
N LYS B 194 10.70 36.68 10.81
CA LYS B 194 10.51 37.48 12.01
C LYS B 194 9.09 38.01 12.05
N ASN B 195 8.47 37.94 13.23
CA ASN B 195 7.09 38.39 13.42
C ASN B 195 7.08 39.75 14.11
N ILE B 196 6.22 40.63 13.61
CA ILE B 196 5.92 41.89 14.27
C ILE B 196 4.57 41.75 14.97
N LYS B 197 4.49 42.25 16.20
CA LYS B 197 3.28 42.15 17.01
C LYS B 197 2.57 43.50 17.03
N LYS B 198 1.26 43.46 16.80
CA LYS B 198 0.41 44.64 16.86
C LYS B 198 -0.71 44.39 17.86
N LYS B 199 -1.20 45.47 18.47
CA LYS B 199 -2.22 45.39 19.51
C LYS B 199 -3.57 45.76 18.91
N LEU B 200 -4.39 44.74 18.65
CA LEU B 200 -5.72 44.96 18.09
C LEU B 200 -6.74 44.83 19.21
N PRO B 201 -7.42 45.90 19.61
CA PRO B 201 -8.36 45.79 20.73
C PRO B 201 -9.53 44.88 20.39
N ALA B 202 -10.05 44.21 21.42
CA ALA B 202 -11.19 43.32 21.26
C ALA B 202 -12.12 43.43 22.47
N PHE B 208 -6.86 43.24 25.08
CA PHE B 208 -6.69 43.33 23.65
C PHE B 208 -5.99 42.09 23.10
N LEU B 209 -6.15 41.85 21.80
CA LEU B 209 -5.55 40.72 21.13
C LEU B 209 -4.24 41.12 20.46
N ILE B 210 -3.41 40.12 20.19
CA ILE B 210 -2.09 40.31 19.57
C ILE B 210 -2.15 39.75 18.16
N LYS B 211 -1.81 40.59 17.19
CA LYS B 211 -1.79 40.24 15.78
C LYS B 211 -0.35 40.09 15.32
N ARG B 212 -0.06 39.00 14.60
CA ARG B 212 1.29 38.67 14.18
C ARG B 212 1.42 38.87 12.68
N ILE B 213 2.45 39.60 12.26
CA ILE B 213 2.76 39.81 10.85
C ILE B 213 4.16 39.26 10.60
N PRO B 214 4.27 38.11 9.93
CA PRO B 214 5.60 37.58 9.59
C PRO B 214 6.21 38.29 8.39
N MET B 215 7.54 38.25 8.33
CA MET B 215 8.27 38.73 7.16
C MET B 215 9.65 38.09 7.11
N LYS B 216 10.24 38.12 5.92
CA LYS B 216 11.58 37.56 5.72
C LYS B 216 12.65 38.60 6.03
N VAL B 217 13.68 38.17 6.76
CA VAL B 217 14.79 39.03 7.13
C VAL B 217 16.08 38.21 7.10
N LYS B 218 17.17 38.88 6.74
CA LYS B 218 18.47 38.22 6.73
C LYS B 218 18.95 37.94 8.15
N ASP B 219 19.73 36.88 8.30
CA ASP B 219 20.25 36.49 9.60
C ASP B 219 21.57 35.77 9.42
N LYS B 220 22.36 35.72 10.50
CA LYS B 220 23.67 35.11 10.50
C LYS B 220 23.87 34.31 11.77
N ILE B 221 24.46 33.12 11.64
CA ILE B 221 24.77 32.25 12.77
C ILE B 221 26.17 31.69 12.61
N THR B 222 26.71 31.19 13.71
CA THR B 222 28.08 30.69 13.75
C THR B 222 28.14 29.25 13.28
N LYS B 223 29.37 28.73 13.16
CA LYS B 223 29.57 27.38 12.64
C LYS B 223 28.96 26.32 13.56
N VAL B 224 29.21 26.43 14.86
CA VAL B 224 28.70 25.42 15.79
C VAL B 224 27.18 25.46 15.85
N GLU B 225 26.61 26.66 15.87
CA GLU B 225 25.15 26.77 15.88
C GLU B 225 24.54 26.14 14.62
N TYR B 226 25.14 26.42 13.46
CA TYR B 226 24.63 25.82 12.23
C TYR B 226 24.76 24.31 12.24
N ILE B 227 25.88 23.79 12.75
CA ILE B 227 26.08 22.35 12.81
C ILE B 227 25.03 21.72 13.71
N LYS B 228 24.77 22.33 14.86
CA LYS B 228 23.76 21.79 15.77
C LYS B 228 22.38 21.83 15.15
N ARG B 229 22.07 22.90 14.39
CA ARG B 229 20.79 22.96 13.70
C ARG B 229 20.68 21.88 12.63
N ALA B 230 21.77 21.62 11.91
CA ALA B 230 21.76 20.59 10.88
C ALA B 230 21.54 19.22 11.46
N LEU B 231 22.14 18.93 12.62
CA LEU B 231 21.99 17.65 13.29
C LEU B 231 20.72 17.58 14.14
N SER B 232 19.93 18.64 14.17
CA SER B 232 18.77 18.69 15.05
C SER B 232 17.61 17.86 14.50
N LEU B 233 16.84 17.31 15.42
CA LEU B 233 15.57 16.66 15.10
C LEU B 233 14.46 17.43 15.80
N ASN B 234 13.39 17.72 15.07
CA ASN B 234 12.23 18.38 15.65
C ASN B 234 11.23 17.32 16.10
N THR B 235 10.85 17.37 17.37
CA THR B 235 9.98 16.36 17.96
C THR B 235 8.57 16.91 18.11
N MET B 236 7.59 16.04 17.91
CA MET B 236 6.18 16.40 18.07
C MET B 236 5.44 15.16 18.57
N THR B 237 4.14 15.31 18.74
CA THR B 237 3.29 14.22 19.23
C THR B 237 2.53 13.61 18.05
N LYS B 238 2.24 12.32 18.18
CA LYS B 238 1.49 11.58 17.18
C LYS B 238 0.05 11.40 17.64
N ASP B 239 -0.90 11.57 16.72
CA ASP B 239 -2.31 11.44 17.02
C ASP B 239 -2.91 10.28 16.22
N ALA B 240 -4.15 9.95 16.57
CA ALA B 240 -4.95 8.96 15.85
C ALA B 240 -4.22 7.62 15.72
N GLU B 241 -3.65 7.16 16.83
CA GLU B 241 -2.97 5.88 16.90
C GLU B 241 -3.83 4.88 17.66
N ARG B 242 -4.05 3.71 17.10
CA ARG B 242 -4.86 2.67 17.71
C ARG B 242 -3.99 1.68 18.49
N GLY B 243 -4.62 1.02 19.45
CA GLY B 243 -3.99 -0.09 20.16
C GLY B 243 -2.98 0.30 21.22
N LYS B 244 -2.91 1.57 21.61
CA LYS B 244 -1.95 2.03 22.59
C LYS B 244 -2.67 2.80 23.69
N LEU B 245 -2.42 2.42 24.94
CA LEU B 245 -2.96 3.17 26.07
C LEU B 245 -2.36 4.57 26.15
N LYS B 246 -1.05 4.69 25.91
CA LYS B 246 -0.33 5.94 26.12
C LYS B 246 0.15 6.52 24.80
N ARG B 247 0.26 7.83 24.76
CA ARG B 247 0.72 8.53 23.57
C ARG B 247 2.25 8.49 23.48
N ARG B 248 2.75 8.80 22.28
CA ARG B 248 4.18 8.79 22.03
C ARG B 248 4.56 10.00 21.19
N ALA B 249 5.86 10.25 21.12
CA ALA B 249 6.42 11.35 20.36
C ALA B 249 7.13 10.82 19.12
N ILE B 250 6.92 11.50 18.00
CA ILE B 250 7.62 11.22 16.76
C ILE B 250 8.60 12.37 16.51
N ALA B 251 9.47 12.17 15.52
CA ALA B 251 10.51 13.13 15.21
C ALA B 251 10.64 13.28 13.70
N THR B 252 11.11 14.45 13.28
CA THR B 252 11.35 14.74 11.88
C THR B 252 12.71 15.42 11.74
N ALA B 253 13.43 15.06 10.68
CA ALA B 253 14.76 15.60 10.42
C ALA B 253 14.69 16.72 9.38
N GLY B 254 15.84 17.36 9.17
CA GLY B 254 15.94 18.45 8.21
C GLY B 254 16.44 17.99 6.86
N ILE B 255 16.74 18.97 6.01
CA ILE B 255 17.16 18.69 4.64
C ILE B 255 18.52 18.00 4.61
N GLN B 256 19.42 18.41 5.50
CA GLN B 256 20.78 17.86 5.50
C GLN B 256 20.76 16.36 5.72
N ILE B 257 19.97 15.90 6.70
CA ILE B 257 19.88 14.48 6.98
C ILE B 257 19.12 13.75 5.89
N ARG B 258 18.01 14.35 5.42
CA ARG B 258 17.16 13.69 4.44
C ARG B 258 17.88 13.48 3.12
N GLY B 259 18.82 14.36 2.78
CA GLY B 259 19.60 14.16 1.57
C GLY B 259 20.32 12.82 1.56
N PHE B 260 20.93 12.46 2.68
CA PHE B 260 21.74 11.25 2.75
C PHE B 260 20.97 10.01 3.17
N VAL B 261 19.82 10.18 3.83
CA VAL B 261 19.06 8.99 4.24
C VAL B 261 18.57 8.20 3.03
N LEU B 262 18.37 8.88 1.89
CA LEU B 262 17.77 8.23 0.73
C LEU B 262 18.64 7.09 0.21
N VAL B 263 19.95 7.31 0.11
CA VAL B 263 20.81 6.28 -0.45
C VAL B 263 20.87 5.06 0.45
N VAL B 264 20.95 5.28 1.77
CA VAL B 264 20.99 4.15 2.70
C VAL B 264 19.68 3.37 2.63
N GLU B 265 18.55 4.08 2.57
CA GLU B 265 17.27 3.39 2.45
C GLU B 265 17.19 2.59 1.15
N ASN B 266 17.68 3.16 0.05
CA ASN B 266 17.66 2.45 -1.22
C ASN B 266 18.53 1.20 -1.17
N LEU B 267 19.71 1.30 -0.58
CA LEU B 267 20.59 0.15 -0.45
C LEU B 267 19.94 -0.94 0.39
N ALA B 268 19.36 -0.56 1.53
CA ALA B 268 18.72 -1.53 2.40
C ALA B 268 17.52 -2.17 1.72
N LYS B 269 16.76 -1.38 0.95
CA LYS B 269 15.63 -1.93 0.21
C LYS B 269 16.08 -2.94 -0.83
N ASN B 270 17.18 -2.63 -1.54
CA ASN B 270 17.71 -3.59 -2.51
C ASN B 270 18.11 -4.88 -1.84
N ILE B 271 18.74 -4.79 -0.66
CA ILE B 271 19.11 -6.01 0.06
C ILE B 271 17.86 -6.77 0.49
N CYS B 272 16.87 -6.06 1.05
CA CYS B 272 15.71 -6.72 1.64
C CYS B 272 14.86 -7.42 0.58
N GLU B 273 14.76 -6.82 -0.61
CA GLU B 273 13.92 -7.42 -1.65
C GLU B 273 14.38 -8.83 -2.00
N ASN B 274 15.67 -9.13 -1.83
CA ASN B 274 16.23 -10.42 -2.20
C ASN B 274 16.41 -11.35 -1.00
N LEU B 275 15.90 -10.98 0.17
CA LEU B 275 15.95 -11.83 1.35
C LEU B 275 14.60 -12.53 1.50
N GLU B 276 14.63 -13.85 1.53
CA GLU B 276 13.38 -14.61 1.68
C GLU B 276 12.83 -14.54 3.09
N GLN B 277 13.60 -14.01 4.04
CA GLN B 277 13.19 -13.91 5.43
C GLN B 277 12.65 -12.53 5.79
N SER B 278 12.55 -11.62 4.83
CA SER B 278 12.16 -10.25 5.09
C SER B 278 10.73 -10.00 4.62
N GLY B 279 9.95 -9.33 5.46
CA GLY B 279 8.60 -8.91 5.13
C GLY B 279 8.51 -7.54 4.51
N LEU B 280 9.63 -6.92 4.18
CA LEU B 280 9.69 -5.63 3.50
C LEU B 280 10.56 -5.75 2.27
N PRO B 281 10.28 -4.97 1.22
CA PRO B 281 9.19 -3.99 1.08
C PRO B 281 7.87 -4.59 0.62
N VAL B 282 7.72 -5.93 0.57
CA VAL B 282 6.46 -6.51 0.13
C VAL B 282 5.35 -6.12 1.10
N GLY B 283 4.18 -5.84 0.55
CA GLY B 283 3.02 -5.49 1.36
C GLY B 283 1.75 -5.87 0.65
N GLY B 284 0.69 -6.04 1.43
CA GLY B 284 -0.60 -6.41 0.89
C GLY B 284 -0.67 -7.84 0.41
N ASN B 285 -1.28 -8.06 -0.75
CA ASN B 285 -1.41 -9.42 -1.28
C ASN B 285 -0.05 -10.02 -1.61
N GLU B 286 0.89 -9.21 -2.09
CA GLU B 286 2.23 -9.73 -2.36
C GLU B 286 2.88 -10.25 -1.10
N LYS B 287 2.77 -9.49 0.00
CA LYS B 287 3.29 -9.94 1.28
C LYS B 287 2.59 -11.21 1.75
N LYS B 288 1.27 -11.27 1.58
CA LYS B 288 0.55 -12.48 1.98
C LYS B 288 1.04 -13.69 1.20
N ALA B 289 1.23 -13.54 -0.10
CA ALA B 289 1.71 -14.66 -0.92
C ALA B 289 3.10 -15.10 -0.47
N LYS B 290 4.01 -14.14 -0.29
CA LYS B 290 5.36 -14.50 0.13
C LYS B 290 5.36 -15.20 1.48
N LEU B 291 4.59 -14.67 2.43
CA LEU B 291 4.55 -15.24 3.77
C LEU B 291 3.96 -16.64 3.75
N SER B 292 2.88 -16.83 2.99
CA SER B 292 2.27 -18.15 2.89
C SER B 292 3.24 -19.16 2.28
N ASN B 293 3.95 -18.74 1.23
CA ASN B 293 4.93 -19.63 0.61
C ASN B 293 6.03 -20.00 1.59
N ALA B 294 6.52 -19.01 2.35
CA ALA B 294 7.58 -19.27 3.32
C ALA B 294 7.11 -20.23 4.41
N VAL B 295 5.89 -20.02 4.90
CA VAL B 295 5.35 -20.90 5.95
C VAL B 295 5.20 -22.31 5.43
N ALA B 296 4.70 -22.46 4.20
CA ALA B 296 4.56 -23.79 3.62
C ALA B 296 5.92 -24.45 3.45
N LYS B 297 6.92 -23.68 3.03
CA LYS B 297 8.27 -24.22 2.88
C LYS B 297 8.81 -24.72 4.22
N MET B 298 8.63 -23.93 5.28
CA MET B 298 9.12 -24.35 6.59
C MET B 298 8.36 -25.57 7.09
N LEU B 299 7.06 -25.65 6.81
CA LEU B 299 6.27 -26.82 7.20
C LEU B 299 6.77 -28.07 6.50
N SER B 300 7.04 -27.97 5.20
CA SER B 300 7.52 -29.13 4.45
C SER B 300 8.96 -29.49 4.80
N ASN B 301 9.75 -28.53 5.29
CA ASN B 301 11.14 -28.76 5.62
C ASN B 301 11.33 -29.34 7.02
N CYS B 302 10.27 -29.49 7.80
CA CYS B 302 10.42 -29.98 9.16
C CYS B 302 10.96 -31.41 9.13
N PRO B 303 12.02 -31.71 9.88
CA PRO B 303 12.51 -33.08 9.91
C PRO B 303 11.43 -34.03 10.38
N PRO B 304 11.38 -35.24 9.84
CA PRO B 304 10.33 -36.18 10.24
C PRO B 304 10.44 -36.57 11.70
N GLY B 305 9.31 -36.80 12.33
CA GLY B 305 9.26 -37.32 13.69
C GLY B 305 9.65 -36.30 14.73
N GLY B 306 9.97 -35.08 14.31
CA GLY B 306 10.40 -34.03 15.20
C GLY B 306 9.27 -33.07 15.55
N ILE B 307 9.66 -31.91 16.03
CA ILE B 307 8.73 -30.85 16.40
C ILE B 307 9.16 -29.55 15.73
N SER B 308 8.17 -28.81 15.23
CA SER B 308 8.36 -27.46 14.72
C SER B 308 7.53 -26.52 15.57
N MET B 309 8.15 -25.43 16.03
CA MET B 309 7.50 -24.50 16.94
C MET B 309 7.70 -23.08 16.42
N THR B 310 6.61 -22.31 16.40
CA THR B 310 6.61 -20.94 15.91
C THR B 310 6.52 -19.98 17.09
N VAL B 311 7.40 -18.98 17.09
CA VAL B 311 7.41 -17.91 18.08
C VAL B 311 6.88 -16.66 17.40
N THR B 312 5.73 -16.18 17.88
CA THR B 312 5.26 -14.84 17.56
C THR B 312 5.99 -13.85 18.47
N GLY B 313 6.77 -12.94 17.87
CA GLY B 313 7.60 -12.09 18.69
C GLY B 313 7.67 -10.64 18.27
N ASP B 314 7.72 -9.76 19.26
CA ASP B 314 8.04 -8.36 19.07
C ASP B 314 9.33 -8.05 19.81
N ASN B 315 10.09 -7.10 19.27
CA ASN B 315 11.29 -6.62 19.94
C ASN B 315 10.92 -5.40 20.77
N THR B 316 11.38 -5.38 22.01
CA THR B 316 11.12 -4.26 22.90
C THR B 316 12.22 -3.21 22.76
N LYS B 317 11.81 -1.95 22.73
CA LYS B 317 12.74 -0.82 22.65
C LYS B 317 13.57 -0.90 21.37
N TRP B 318 12.90 -1.19 20.26
CA TRP B 318 13.59 -1.39 19.00
C TRP B 318 14.40 -0.17 18.60
N ASN B 319 13.76 1.01 18.57
CA ASN B 319 14.46 2.21 18.16
C ASN B 319 15.41 2.70 19.24
N GLU B 320 15.04 2.54 20.51
CA GLU B 320 15.89 3.04 21.59
C GLU B 320 17.24 2.35 21.61
N CYS B 321 17.27 1.04 21.37
CA CYS B 321 18.48 0.25 21.56
C CYS B 321 19.34 0.12 20.30
N LEU B 322 18.77 0.28 19.11
CA LEU B 322 19.58 0.23 17.90
C LEU B 322 20.49 1.46 17.84
N ASN B 323 21.75 1.23 17.45
CA ASN B 323 22.73 2.31 17.46
C ASN B 323 23.14 2.71 16.06
N PRO B 324 23.24 4.01 15.77
CA PRO B 324 23.74 4.43 14.45
C PRO B 324 25.16 3.97 14.16
N ARG B 325 26.00 3.74 15.17
CA ARG B 325 27.35 3.25 14.92
C ARG B 325 27.32 1.85 14.32
N ILE B 326 26.43 1.00 14.83
CA ILE B 326 26.25 -0.32 14.23
C ILE B 326 25.79 -0.19 12.79
N PHE B 327 24.94 0.81 12.51
CA PHE B 327 24.48 1.01 11.15
C PHE B 327 25.61 1.49 10.25
N LEU B 328 26.52 2.30 10.79
CA LEU B 328 27.71 2.69 10.05
C LEU B 328 28.56 1.48 9.71
N ALA B 329 28.74 0.58 10.68
CA ALA B 329 29.48 -0.66 10.42
C ALA B 329 28.78 -1.49 9.35
N MET B 330 27.46 -1.59 9.43
CA MET B 330 26.68 -2.34 8.45
C MET B 330 26.88 -1.77 7.05
N THR B 331 26.80 -0.45 6.92
CA THR B 331 26.97 0.19 5.63
C THR B 331 28.38 -0.05 5.10
N GLU B 332 29.39 0.07 5.96
CA GLU B 332 30.76 -0.15 5.52
C GLU B 332 30.96 -1.58 5.04
N ARG B 333 30.36 -2.55 5.75
CA ARG B 333 30.48 -3.95 5.34
C ARG B 333 29.76 -4.20 4.03
N ILE B 334 28.57 -3.62 3.84
CA ILE B 334 27.77 -3.89 2.65
C ILE B 334 28.47 -3.37 1.40
N THR B 335 29.00 -2.16 1.47
CA THR B 335 29.66 -1.54 0.31
C THR B 335 31.15 -1.84 0.28
N ARG B 336 31.51 -3.10 0.48
CA ARG B 336 32.91 -3.48 0.52
C ARG B 336 33.59 -3.29 -0.83
N ASP B 337 32.91 -3.65 -1.91
CA ASP B 337 33.48 -3.62 -3.25
C ASP B 337 32.98 -2.45 -4.08
N SER B 338 32.76 -1.30 -3.44
CA SER B 338 32.27 -0.10 -4.11
C SER B 338 33.36 0.97 -4.17
N PRO B 339 33.23 1.92 -5.08
CA PRO B 339 34.19 3.03 -5.12
C PRO B 339 34.14 3.85 -3.84
N ILE B 340 35.29 4.47 -3.51
CA ILE B 340 35.44 5.12 -2.22
C ILE B 340 34.42 6.23 -2.05
N TRP B 341 34.11 6.97 -3.12
CA TRP B 341 33.16 8.07 -3.00
C TRP B 341 31.80 7.58 -2.55
N PHE B 342 31.33 6.46 -3.10
CA PHE B 342 30.03 5.94 -2.72
C PHE B 342 30.04 5.40 -1.30
N ARG B 343 31.15 4.79 -0.88
CA ARG B 343 31.25 4.33 0.51
C ARG B 343 31.18 5.50 1.48
N ASP B 344 31.89 6.59 1.18
CA ASP B 344 31.78 7.77 2.03
C ASP B 344 30.36 8.32 2.04
N PHE B 345 29.73 8.39 0.86
CA PHE B 345 28.36 8.89 0.76
C PHE B 345 27.42 8.06 1.62
N CYS B 346 27.56 6.73 1.57
CA CYS B 346 26.70 5.87 2.38
C CYS B 346 27.01 5.99 3.86
N SER B 347 28.26 6.26 4.22
CA SER B 347 28.61 6.42 5.62
C SER B 347 28.13 7.75 6.21
N ILE B 348 27.83 8.74 5.37
CA ILE B 348 27.45 10.05 5.90
C ILE B 348 26.25 9.94 6.83
N ALA B 349 25.18 9.28 6.39
CA ALA B 349 23.93 9.30 7.16
C ALA B 349 24.08 8.70 8.55
N PRO B 350 24.67 7.51 8.72
CA PRO B 350 24.91 7.02 10.09
C PRO B 350 25.74 7.97 10.92
N VAL B 351 26.70 8.66 10.31
CA VAL B 351 27.52 9.62 11.05
C VAL B 351 26.67 10.76 11.56
N LEU B 352 25.82 11.32 10.69
CA LEU B 352 24.95 12.41 11.12
C LEU B 352 24.00 11.97 12.21
N PHE B 353 23.53 10.72 12.14
CA PHE B 353 22.61 10.24 13.16
C PHE B 353 23.33 9.94 14.47
N SER B 354 24.63 9.61 14.42
CA SER B 354 25.37 9.40 15.65
C SER B 354 25.55 10.69 16.43
N ASN B 355 25.50 11.83 15.75
CA ASN B 355 25.67 13.14 16.38
C ASN B 355 24.37 13.93 16.41
N LYS B 356 23.23 13.26 16.33
CA LYS B 356 21.96 13.94 16.25
C LYS B 356 21.63 14.66 17.57
N ILE B 357 20.88 15.74 17.45
CA ILE B 357 20.42 16.52 18.59
C ILE B 357 18.90 16.56 18.53
N ALA B 358 18.26 16.35 19.68
CA ALA B 358 16.81 16.32 19.77
C ALA B 358 16.30 17.65 20.32
N ARG B 359 15.49 18.33 19.53
CA ARG B 359 14.73 19.48 20.02
C ARG B 359 13.58 18.96 20.87
N LEU B 360 13.37 19.57 22.03
CA LEU B 360 12.52 19.00 23.06
C LEU B 360 11.07 19.46 22.97
N GLY B 361 10.69 20.22 21.94
CA GLY B 361 9.30 20.51 21.68
C GLY B 361 8.86 21.87 22.20
N LYS B 362 7.55 21.98 22.46
CA LYS B 362 6.97 23.25 22.87
C LYS B 362 7.42 23.65 24.27
N GLY B 363 7.55 22.68 25.17
CA GLY B 363 7.89 22.94 26.56
C GLY B 363 6.83 22.41 27.50
N PHE B 364 6.60 23.15 28.57
CA PHE B 364 5.62 22.76 29.58
C PHE B 364 4.72 23.96 29.89
N MET B 365 3.66 23.72 30.65
CA MET B 365 2.71 24.75 31.01
C MET B 365 2.58 24.79 32.53
N ILE B 366 2.76 25.98 33.10
CA ILE B 366 2.58 26.19 34.53
C ILE B 366 1.39 27.10 34.75
N THR B 367 0.60 26.80 35.77
CA THR B 367 -0.68 27.47 35.97
C THR B 367 -0.84 27.87 37.44
N SER B 368 -1.68 28.86 37.65
CA SER B 368 -2.20 29.23 38.96
C SER B 368 -3.69 28.97 38.93
N LYS B 369 -4.14 28.00 39.73
CA LYS B 369 -5.55 27.63 39.75
C LYS B 369 -6.40 28.70 40.41
N THR B 370 -5.95 29.21 41.56
CA THR B 370 -6.71 30.26 42.24
C THR B 370 -6.80 31.51 41.40
N LYS B 371 -5.71 31.88 40.73
CA LYS B 371 -5.69 33.06 39.88
C LYS B 371 -6.15 32.78 38.46
N ARG B 372 -6.39 31.52 38.10
CA ARG B 372 -6.85 31.15 36.76
C ARG B 372 -5.91 31.70 35.70
N LEU B 373 -4.62 31.40 35.84
CA LEU B 373 -3.61 31.84 34.88
C LEU B 373 -2.83 30.63 34.39
N LYS B 374 -2.36 30.72 33.15
CA LYS B 374 -1.48 29.69 32.59
C LYS B 374 -0.40 30.36 31.75
N ALA B 375 0.73 29.68 31.65
CA ALA B 375 1.86 30.20 30.88
C ALA B 375 2.69 29.04 30.35
N GLN B 376 3.24 29.21 29.16
CA GLN B 376 4.04 28.18 28.51
C GLN B 376 5.52 28.50 28.72
N ILE B 377 6.22 27.61 29.41
CA ILE B 377 7.67 27.70 29.55
C ILE B 377 8.29 26.92 28.38
N PRO B 378 9.02 27.57 27.48
CA PRO B 378 9.62 26.84 26.37
C PRO B 378 10.85 26.05 26.83
N CYS B 379 11.36 25.25 25.90
CA CYS B 379 12.47 24.36 26.23
C CYS B 379 13.73 25.08 26.69
N PRO B 380 14.17 26.17 26.07
CA PRO B 380 15.36 26.87 26.59
C PRO B 380 15.22 27.34 28.02
N ASP B 381 14.00 27.52 28.53
CA ASP B 381 13.78 28.03 29.88
C ASP B 381 13.27 26.97 30.84
N LEU B 382 13.45 25.68 30.52
CA LEU B 382 12.93 24.63 31.38
C LEU B 382 13.54 24.70 32.77
N PHE B 383 14.84 24.92 32.86
CA PHE B 383 15.53 24.98 34.14
C PHE B 383 15.62 26.39 34.70
N SER B 384 14.90 27.35 34.12
CA SER B 384 14.88 28.70 34.65
C SER B 384 14.06 28.78 35.93
N ILE B 385 13.12 27.86 36.14
CA ILE B 385 12.31 27.85 37.35
C ILE B 385 12.78 26.71 38.25
N PRO B 386 12.63 26.82 39.56
CA PRO B 386 13.00 25.70 40.43
C PRO B 386 12.22 24.44 40.08
N LEU B 387 12.88 23.29 40.20
CA LEU B 387 12.25 22.03 39.87
C LEU B 387 11.07 21.72 40.78
N GLU B 388 11.01 22.33 41.96
CA GLU B 388 9.88 22.10 42.86
C GLU B 388 8.58 22.64 42.28
N ARG B 389 8.63 23.57 41.34
CA ARG B 389 7.45 24.10 40.70
C ARG B 389 6.97 23.24 39.54
N TYR B 390 7.70 22.19 39.20
CA TYR B 390 7.24 21.18 38.26
C TYR B 390 6.55 20.06 39.03
N ASN B 391 5.66 19.35 38.35
CA ASN B 391 5.02 18.21 38.98
C ASN B 391 6.03 17.07 39.14
N GLU B 392 5.64 16.07 39.93
CA GLU B 392 6.56 15.00 40.33
C GLU B 392 7.27 14.37 39.14
N GLU B 393 6.49 13.81 38.21
CA GLU B 393 7.09 13.08 37.09
C GLU B 393 7.98 13.99 36.26
N THR B 394 7.49 15.21 35.97
CA THR B 394 8.28 16.14 35.16
C THR B 394 9.55 16.54 35.89
N ARG B 395 9.47 16.74 37.20
CA ARG B 395 10.65 17.11 37.98
C ARG B 395 11.69 16.00 37.93
N ALA B 396 11.26 14.75 38.12
CA ALA B 396 12.20 13.64 38.04
C ALA B 396 12.83 13.52 36.66
N LYS B 397 12.01 13.67 35.61
CA LYS B 397 12.52 13.57 34.25
C LYS B 397 13.52 14.68 33.96
N LEU B 398 13.25 15.91 34.40
CA LEU B 398 14.19 17.00 34.19
C LEU B 398 15.48 16.75 34.95
N LYS B 399 15.39 16.23 36.18
CA LYS B 399 16.60 15.92 36.93
C LYS B 399 17.45 14.89 36.19
N LYS B 400 16.82 13.87 35.61
CA LYS B 400 17.58 12.89 34.84
C LYS B 400 18.08 13.47 33.53
N LEU B 401 17.37 14.44 32.95
CA LEU B 401 17.74 15.00 31.65
C LEU B 401 18.90 15.97 31.76
N LYS B 402 19.08 16.60 32.92
CA LYS B 402 20.07 17.67 33.05
C LYS B 402 21.43 17.34 32.44
N PRO B 403 22.03 16.17 32.67
CA PRO B 403 23.36 15.92 32.09
C PRO B 403 23.42 16.02 30.57
N PHE B 404 22.36 15.64 29.87
CA PHE B 404 22.34 15.64 28.41
C PHE B 404 21.71 16.89 27.83
N PHE B 405 21.36 17.87 28.66
CA PHE B 405 20.62 19.04 28.21
C PHE B 405 21.56 20.11 27.68
N ASN B 406 21.14 20.77 26.62
CA ASN B 406 21.90 21.88 26.03
C ASN B 406 21.23 23.20 26.40
N GLU B 407 22.05 24.22 26.65
CA GLU B 407 21.54 25.48 27.18
C GLU B 407 20.54 26.16 26.25
N GLU B 408 20.54 25.81 24.97
CA GLU B 408 19.61 26.43 24.03
C GLU B 408 18.29 25.67 23.92
N GLY B 409 18.08 24.64 24.73
CA GLY B 409 16.81 23.96 24.80
C GLY B 409 16.75 22.60 24.13
N THR B 410 17.89 22.02 23.75
CA THR B 410 17.93 20.72 23.09
C THR B 410 18.64 19.72 23.97
N ALA B 411 18.66 18.47 23.50
CA ALA B 411 19.34 17.39 24.19
C ALA B 411 20.24 16.64 23.22
N SER B 412 21.37 16.17 23.74
CA SER B 412 22.25 15.30 22.97
C SER B 412 21.66 13.89 22.95
N LEU B 413 21.56 13.31 21.77
CA LEU B 413 20.90 12.02 21.59
C LEU B 413 21.73 11.11 20.68
N SER B 414 23.02 10.96 21.03
CA SER B 414 23.90 10.11 20.22
C SER B 414 23.37 8.69 20.06
N PRO B 415 22.93 8.00 21.12
CA PRO B 415 22.40 6.65 20.94
C PRO B 415 20.97 6.65 20.44
N GLY B 416 20.53 5.48 20.00
CA GLY B 416 19.15 5.27 19.63
C GLY B 416 18.85 5.67 18.19
N MET B 417 17.59 5.43 17.80
CA MET B 417 17.10 5.64 16.45
C MET B 417 15.77 6.39 16.48
N MET B 418 15.73 7.49 17.24
CA MET B 418 14.47 8.20 17.48
C MET B 418 13.77 8.56 16.18
N MET B 419 14.52 8.88 15.14
CA MET B 419 13.91 9.22 13.85
C MET B 419 13.11 8.06 13.29
N GLY B 420 13.66 6.85 13.39
CA GLY B 420 13.05 5.68 12.76
C GLY B 420 13.05 5.73 11.25
N MET B 421 14.17 6.16 10.65
CA MET B 421 14.29 6.26 9.21
C MET B 421 15.09 5.13 8.59
N PHE B 422 15.41 4.08 9.37
CA PHE B 422 16.19 2.96 8.87
C PHE B 422 15.40 1.67 8.99
N ASN B 423 14.13 1.69 8.56
CA ASN B 423 13.30 0.50 8.64
C ASN B 423 13.92 -0.66 7.86
N MET B 424 14.37 -0.38 6.63
CA MET B 424 14.95 -1.43 5.80
C MET B 424 16.26 -1.95 6.39
N LEU B 425 17.12 -1.06 6.87
CA LEU B 425 18.41 -1.50 7.42
C LEU B 425 18.22 -2.26 8.73
N SER B 426 17.21 -1.87 9.51
CA SER B 426 16.87 -2.52 10.80
C SER B 426 16.29 -3.90 10.47
N THR B 427 15.57 -4.03 9.35
CA THR B 427 15.07 -5.32 8.89
C THR B 427 16.22 -6.21 8.43
N VAL B 428 17.20 -5.62 7.74
CA VAL B 428 18.38 -6.38 7.31
C VAL B 428 19.12 -6.94 8.52
N LEU B 429 19.29 -6.12 9.57
CA LEU B 429 19.94 -6.61 10.79
C LEU B 429 19.16 -7.74 11.43
N GLY B 430 17.83 -7.61 11.49
CA GLY B 430 17.01 -8.67 12.04
C GLY B 430 17.12 -9.96 11.25
N VAL B 431 17.12 -9.86 9.92
CA VAL B 431 17.25 -11.04 9.09
C VAL B 431 18.64 -11.65 9.24
N ALA B 432 19.66 -10.81 9.40
CA ALA B 432 21.00 -11.33 9.67
C ALA B 432 21.01 -12.13 10.96
N ALA B 433 20.28 -11.66 11.97
CA ALA B 433 20.10 -12.46 13.18
C ALA B 433 19.40 -13.77 12.87
N LEU B 434 18.36 -13.72 12.02
CA LEU B 434 17.64 -14.93 11.64
C LEU B 434 18.51 -15.88 10.81
N GLY B 435 19.57 -15.39 10.18
CA GLY B 435 20.38 -16.21 9.30
C GLY B 435 21.40 -17.08 10.00
N ILE B 436 21.59 -16.92 11.32
CA ILE B 436 22.54 -17.77 12.03
C ILE B 436 22.03 -19.21 12.08
N LYS B 437 20.77 -19.38 12.48
CA LYS B 437 20.05 -20.65 12.35
C LYS B 437 20.51 -21.72 13.33
N ASN B 438 21.62 -21.50 14.03
CA ASN B 438 22.14 -22.52 14.93
C ASN B 438 23.33 -22.00 15.74
N ILE B 439 23.49 -22.49 16.95
CA ILE B 439 24.61 -22.15 17.81
C ILE B 439 25.22 -23.44 18.34
N GLY B 440 26.53 -23.60 18.15
CA GLY B 440 27.25 -24.70 18.77
C GLY B 440 26.91 -26.07 18.22
N ASN B 441 26.44 -26.16 16.99
CA ASN B 441 26.11 -27.45 16.36
C ASN B 441 25.04 -28.19 17.16
N LYS B 442 24.20 -27.45 17.88
CA LYS B 442 23.14 -28.07 18.66
C LYS B 442 22.06 -28.64 17.74
N GLU B 443 21.23 -29.50 18.31
CA GLU B 443 20.27 -30.29 17.53
C GLU B 443 18.96 -29.51 17.33
N TYR B 444 19.10 -28.32 16.73
CA TYR B 444 17.95 -27.52 16.35
C TYR B 444 18.35 -26.64 15.17
N LEU B 445 17.34 -26.15 14.45
CA LEU B 445 17.55 -25.21 13.37
C LEU B 445 16.44 -24.18 13.40
N TRP B 446 16.79 -22.90 13.36
CA TRP B 446 15.80 -21.84 13.37
C TRP B 446 15.86 -21.04 12.07
N ASP B 447 14.70 -20.53 11.67
CA ASP B 447 14.51 -19.67 10.52
C ASP B 447 13.39 -18.71 10.88
N GLY B 448 12.96 -17.90 9.94
CA GLY B 448 11.80 -17.09 10.27
C GLY B 448 11.62 -15.93 9.31
N LEU B 449 10.76 -15.02 9.73
CA LEU B 449 10.36 -13.84 8.97
C LEU B 449 10.56 -12.60 9.85
N GLN B 450 11.00 -11.51 9.23
CA GLN B 450 11.32 -10.27 9.92
C GLN B 450 10.66 -9.09 9.21
N SER B 451 10.09 -8.18 10.00
CA SER B 451 9.58 -6.91 9.48
C SER B 451 9.84 -5.87 10.57
N SER B 452 10.92 -5.10 10.42
CA SER B 452 11.35 -4.18 11.46
C SER B 452 11.47 -4.92 12.78
N ASP B 453 10.68 -4.53 13.78
CA ASP B 453 10.76 -5.13 15.10
C ASP B 453 9.92 -6.39 15.26
N ASP B 454 9.04 -6.69 14.31
CA ASP B 454 8.18 -7.87 14.41
C ASP B 454 8.87 -9.06 13.76
N PHE B 455 8.69 -10.24 14.35
CA PHE B 455 9.31 -11.42 13.76
C PHE B 455 8.49 -12.67 14.10
N ALA B 456 8.62 -13.66 13.24
CA ALA B 456 8.10 -15.00 13.48
C ALA B 456 9.26 -15.97 13.35
N LEU B 457 9.54 -16.70 14.43
CA LEU B 457 10.71 -17.58 14.49
C LEU B 457 10.26 -19.03 14.47
N PHE B 458 10.64 -19.76 13.42
CA PHE B 458 10.30 -21.16 13.27
C PHE B 458 11.51 -22.00 13.66
N VAL B 459 11.37 -22.81 14.71
CA VAL B 459 12.45 -23.64 15.22
C VAL B 459 12.05 -25.09 15.07
N ASN B 460 12.88 -25.86 14.37
CA ASN B 460 12.71 -27.30 14.20
C ASN B 460 13.73 -28.02 15.06
N ALA B 461 13.25 -28.98 15.86
CA ALA B 461 14.13 -29.77 16.70
C ALA B 461 13.49 -31.14 16.90
N LYS B 462 14.04 -31.90 17.85
CA LYS B 462 13.58 -33.25 18.12
C LYS B 462 12.52 -33.30 19.21
N ASP B 463 12.49 -32.31 20.09
CA ASP B 463 11.48 -32.25 21.14
C ASP B 463 11.28 -30.80 21.52
N GLU B 464 10.30 -30.56 22.42
CA GLU B 464 9.99 -29.20 22.85
C GLU B 464 11.17 -28.57 23.57
N GLU B 465 11.88 -29.35 24.38
CA GLU B 465 12.97 -28.80 25.18
C GLU B 465 14.10 -28.29 24.28
N THR B 466 14.42 -29.05 23.22
CA THR B 466 15.46 -28.60 22.29
C THR B 466 15.02 -27.34 21.56
N CYS B 467 13.72 -27.25 21.20
CA CYS B 467 13.22 -26.03 20.61
C CYS B 467 13.34 -24.84 21.56
N MET B 468 13.07 -25.06 22.84
CA MET B 468 13.22 -23.99 23.82
C MET B 468 14.68 -23.58 23.96
N GLU B 469 15.59 -24.54 23.92
CA GLU B 469 17.01 -24.22 23.92
C GLU B 469 17.37 -23.37 22.70
N GLY B 470 16.85 -23.72 21.53
CA GLY B 470 17.09 -22.92 20.35
C GLY B 470 16.53 -21.51 20.46
N ILE B 471 15.35 -21.38 21.06
CA ILE B 471 14.75 -20.07 21.25
C ILE B 471 15.59 -19.23 22.20
N ASN B 472 16.09 -19.85 23.27
CA ASN B 472 16.98 -19.13 24.19
C ASN B 472 18.26 -18.69 23.49
N ASP B 473 18.83 -19.57 22.65
CA ASP B 473 20.03 -19.21 21.91
C ASP B 473 19.76 -18.06 20.95
N PHE B 474 18.61 -18.06 20.28
CA PHE B 474 18.26 -16.96 19.40
C PHE B 474 18.09 -15.66 20.20
N TYR B 475 17.48 -15.75 21.38
CA TYR B 475 17.32 -14.59 22.24
C TYR B 475 18.68 -13.99 22.61
N ARG B 476 19.62 -14.84 23.02
CA ARG B 476 20.95 -14.35 23.40
C ARG B 476 21.70 -13.80 22.20
N THR B 477 21.58 -14.47 21.04
CA THR B 477 22.23 -13.98 19.84
C THR B 477 21.69 -12.60 19.46
N CYS B 478 20.39 -12.40 19.55
CA CYS B 478 19.81 -11.08 19.29
C CYS B 478 20.35 -10.07 20.29
N LYS B 479 20.47 -10.46 21.57
CA LYS B 479 21.09 -9.59 22.55
C LYS B 479 22.47 -9.14 22.08
N LEU B 480 23.23 -10.06 21.46
CA LEU B 480 24.55 -9.70 20.98
C LEU B 480 24.52 -8.66 19.86
N LEU B 481 23.40 -8.52 19.15
CA LEU B 481 23.27 -7.58 18.05
C LEU B 481 22.53 -6.31 18.45
N GLY B 482 22.26 -6.11 19.74
CA GLY B 482 21.51 -4.95 20.19
C GLY B 482 20.02 -5.07 20.02
N ILE B 483 19.50 -6.27 19.77
CA ILE B 483 18.07 -6.51 19.58
C ILE B 483 17.55 -7.22 20.83
N ASN B 484 16.43 -6.73 21.36
CA ASN B 484 15.88 -7.23 22.61
C ASN B 484 14.49 -7.80 22.34
N MET B 485 14.38 -9.13 22.34
CA MET B 485 13.10 -9.78 22.17
C MET B 485 12.23 -9.53 23.39
N SER B 486 11.01 -9.04 23.16
CA SER B 486 10.10 -8.74 24.26
C SER B 486 9.58 -10.03 24.86
N LYS B 487 9.95 -10.31 26.10
CA LYS B 487 9.48 -11.50 26.80
C LYS B 487 8.04 -11.36 27.28
N LYS B 488 7.50 -10.14 27.32
CA LYS B 488 6.13 -9.93 27.77
C LYS B 488 5.12 -10.04 26.63
N LYS B 489 5.47 -9.59 25.43
CA LYS B 489 4.56 -9.59 24.30
C LYS B 489 4.88 -10.67 23.27
N SER B 490 5.85 -11.54 23.55
CA SER B 490 6.18 -12.65 22.67
C SER B 490 5.72 -13.96 23.30
N TYR B 491 5.32 -14.89 22.44
CA TYR B 491 4.92 -16.22 22.89
C TYR B 491 5.24 -17.19 21.77
N CYS B 492 5.10 -18.48 22.07
N CYS B 492 5.04 -18.48 22.05
CA CYS B 492 5.37 -19.53 21.10
CA CYS B 492 5.38 -19.51 21.10
C CYS B 492 4.36 -20.64 21.24
C CYS B 492 4.43 -20.68 21.26
N ASN B 493 4.17 -21.38 20.15
CA ASN B 493 3.29 -22.55 20.15
C ASN B 493 3.78 -23.49 19.07
N GLU B 494 3.09 -24.61 18.89
CA GLU B 494 3.40 -25.51 17.78
C GLU B 494 3.07 -24.83 16.46
N THR B 495 3.89 -25.08 15.46
CA THR B 495 3.72 -24.43 14.16
C THR B 495 2.34 -24.75 13.59
N GLY B 496 1.72 -23.74 12.99
CA GLY B 496 0.40 -23.88 12.42
C GLY B 496 -0.48 -22.68 12.71
N MET B 497 -0.12 -21.93 13.73
CA MET B 497 -0.86 -20.72 14.07
C MET B 497 0.12 -19.71 14.66
N PHE B 498 0.05 -18.47 14.19
CA PHE B 498 0.92 -17.42 14.70
C PHE B 498 0.38 -16.07 14.24
N GLU B 499 1.04 -15.01 14.67
CA GLU B 499 0.70 -13.65 14.29
C GLU B 499 1.97 -12.91 13.89
N PHE B 500 1.87 -12.13 12.81
CA PHE B 500 3.02 -11.40 12.29
C PHE B 500 2.53 -10.10 11.67
N THR B 501 3.01 -8.98 12.20
CA THR B 501 2.62 -7.66 11.71
C THR B 501 1.10 -7.51 11.69
N SER B 502 0.45 -8.01 12.73
CA SER B 502 -1.00 -7.93 12.89
C SER B 502 -1.75 -8.73 11.83
N MET B 503 -1.09 -9.67 11.18
CA MET B 503 -1.74 -10.65 10.31
C MET B 503 -1.75 -11.98 11.03
N PHE B 504 -2.92 -12.60 11.12
CA PHE B 504 -3.14 -13.78 11.93
C PHE B 504 -3.21 -15.00 11.01
N TYR B 505 -2.25 -15.90 11.14
CA TYR B 505 -2.16 -17.12 10.37
C TYR B 505 -2.70 -18.26 11.22
N ARG B 506 -3.70 -18.97 10.71
CA ARG B 506 -4.25 -20.17 11.33
C ARG B 506 -4.51 -21.15 10.19
N ASP B 507 -3.52 -21.99 9.89
CA ASP B 507 -3.54 -22.83 8.70
C ASP B 507 -3.81 -21.98 7.46
N GLY B 508 -3.25 -20.78 7.45
CA GLY B 508 -3.53 -19.80 6.42
C GLY B 508 -3.89 -18.46 7.04
N PHE B 509 -3.72 -17.38 6.28
CA PHE B 509 -4.02 -16.05 6.79
C PHE B 509 -5.52 -15.79 6.73
N VAL B 510 -6.09 -15.41 7.85
CA VAL B 510 -7.51 -15.12 7.95
C VAL B 510 -7.72 -13.63 7.67
N SER B 511 -8.91 -13.30 7.18
CA SER B 511 -9.25 -11.91 6.88
C SER B 511 -9.55 -11.16 8.16
N ASN B 512 -9.13 -9.89 8.20
CA ASN B 512 -9.40 -9.00 9.33
C ASN B 512 -10.15 -7.79 8.79
N PHE B 513 -11.48 -7.83 8.88
CA PHE B 513 -12.31 -6.78 8.29
C PHE B 513 -12.29 -5.49 9.12
N ALA B 514 -11.99 -5.58 10.41
CA ALA B 514 -12.10 -4.40 11.28
C ALA B 514 -11.13 -3.31 10.86
N MET B 515 -9.89 -3.69 10.49
CA MET B 515 -8.89 -2.70 10.13
C MET B 515 -9.28 -1.90 8.91
N GLU B 516 -10.23 -2.38 8.11
CA GLU B 516 -10.70 -1.67 6.94
C GLU B 516 -11.89 -0.77 7.23
N LEU B 517 -12.49 -0.86 8.42
CA LEU B 517 -13.68 -0.07 8.71
C LEU B 517 -13.47 1.43 8.58
N PRO B 518 -12.38 2.01 9.08
CA PRO B 518 -12.25 3.49 9.01
C PRO B 518 -12.22 4.03 7.59
N SER B 519 -11.93 3.19 6.59
CA SER B 519 -11.84 3.64 5.20
C SER B 519 -13.18 3.66 4.50
N PHE B 520 -14.27 3.23 5.14
CA PHE B 520 -15.56 3.12 4.50
C PHE B 520 -16.36 4.42 4.53
N GLY B 521 -15.82 5.48 5.12
CA GLY B 521 -16.51 6.75 5.18
C GLY B 521 -16.32 7.57 3.91
N VAL B 522 -16.83 8.79 3.97
CA VAL B 522 -16.69 9.73 2.86
C VAL B 522 -15.27 10.30 2.88
N ALA B 523 -14.58 10.21 1.75
CA ALA B 523 -13.15 10.49 1.72
C ALA B 523 -12.87 11.95 2.05
N GLY B 524 -13.63 12.87 1.47
CA GLY B 524 -13.42 14.29 1.73
C GLY B 524 -12.62 15.00 0.67
N VAL B 525 -12.71 14.55 -0.58
CA VAL B 525 -12.13 15.24 -1.72
C VAL B 525 -13.17 16.10 -2.42
N ASN B 526 -14.23 15.48 -2.93
CA ASN B 526 -15.40 16.18 -3.44
C ASN B 526 -16.48 15.13 -3.71
N GLU B 527 -17.64 15.56 -4.20
CA GLU B 527 -18.78 14.65 -4.31
C GLU B 527 -18.48 13.49 -5.26
N SER B 528 -18.05 13.80 -6.48
CA SER B 528 -17.84 12.74 -7.47
C SER B 528 -16.67 11.85 -7.07
N ALA B 529 -15.55 12.46 -6.69
CA ALA B 529 -14.39 11.68 -6.28
C ALA B 529 -14.72 10.84 -5.06
N ASP B 530 -15.50 11.38 -4.11
CA ASP B 530 -15.85 10.61 -2.93
C ASP B 530 -16.74 9.42 -3.27
N MET B 531 -17.70 9.60 -4.18
CA MET B 531 -18.52 8.47 -4.60
C MET B 531 -17.65 7.38 -5.23
N ALA B 532 -16.74 7.78 -6.12
CA ALA B 532 -15.86 6.81 -6.75
C ALA B 532 -15.00 6.09 -5.72
N ILE B 533 -14.44 6.83 -4.77
CA ILE B 533 -13.58 6.24 -3.75
C ILE B 533 -14.37 5.25 -2.89
N GLY B 534 -15.59 5.61 -2.50
CA GLY B 534 -16.38 4.71 -1.68
C GLY B 534 -16.70 3.41 -2.40
N MET B 535 -17.14 3.51 -3.66
CA MET B 535 -17.45 2.30 -4.41
C MET B 535 -16.21 1.44 -4.60
N THR B 536 -15.07 2.07 -4.90
CA THR B 536 -13.84 1.30 -5.07
C THR B 536 -13.42 0.63 -3.78
N ILE B 537 -13.59 1.32 -2.64
CA ILE B 537 -13.26 0.73 -1.35
C ILE B 537 -14.11 -0.51 -1.12
N ILE B 538 -15.41 -0.41 -1.39
CA ILE B 538 -16.29 -1.56 -1.20
C ILE B 538 -15.85 -2.72 -2.08
N LYS B 539 -15.56 -2.42 -3.35
CA LYS B 539 -15.16 -3.48 -4.28
C LYS B 539 -13.87 -4.16 -3.82
N ASN B 540 -12.86 -3.37 -3.44
CA ASN B 540 -11.59 -3.95 -3.04
C ASN B 540 -11.70 -4.70 -1.72
N ASN B 541 -12.59 -4.28 -0.83
CA ASN B 541 -12.80 -5.04 0.40
C ASN B 541 -13.52 -6.35 0.13
N MET B 542 -14.41 -6.36 -0.85
CA MET B 542 -14.98 -7.63 -1.30
C MET B 542 -13.90 -8.56 -1.82
N ILE B 543 -12.97 -8.01 -2.61
CA ILE B 543 -11.94 -8.85 -3.24
C ILE B 543 -10.97 -9.38 -2.20
N ASN B 544 -10.51 -8.52 -1.29
CA ASN B 544 -9.34 -8.82 -0.46
C ASN B 544 -9.68 -9.22 0.97
N ASN B 545 -10.62 -8.54 1.62
CA ASN B 545 -10.82 -8.68 3.06
C ASN B 545 -12.03 -9.54 3.41
N GLY B 546 -12.42 -10.44 2.52
CA GLY B 546 -13.48 -11.39 2.84
C GLY B 546 -14.82 -10.76 3.17
N MET B 547 -15.22 -9.74 2.40
CA MET B 547 -16.49 -9.08 2.58
C MET B 547 -17.53 -9.71 1.65
N GLY B 548 -18.58 -10.28 2.23
CA GLY B 548 -19.58 -10.99 1.47
C GLY B 548 -20.53 -10.04 0.75
N PRO B 549 -21.29 -10.60 -0.20
CA PRO B 549 -22.18 -9.75 -1.01
C PRO B 549 -23.23 -9.01 -0.21
N ALA B 550 -23.80 -9.63 0.82
CA ALA B 550 -24.79 -8.95 1.64
C ALA B 550 -24.16 -7.79 2.41
N THR B 551 -23.00 -8.04 3.00
CA THR B 551 -22.28 -6.97 3.69
C THR B 551 -21.85 -5.89 2.70
N ALA B 552 -21.50 -6.27 1.47
CA ALA B 552 -21.13 -5.29 0.46
C ALA B 552 -22.31 -4.39 0.10
N GLN B 553 -23.50 -4.97 -0.09
CA GLN B 553 -24.67 -4.17 -0.38
C GLN B 553 -25.04 -3.27 0.80
N THR B 554 -24.92 -3.79 2.02
CA THR B 554 -25.17 -2.97 3.19
C THR B 554 -24.16 -1.82 3.26
N ALA B 555 -22.91 -2.09 2.89
CA ALA B 555 -21.90 -1.04 2.86
C ALA B 555 -22.25 0.01 1.82
N ILE B 556 -22.77 -0.41 0.67
CA ILE B 556 -23.24 0.56 -0.32
C ILE B 556 -24.31 1.45 0.28
N GLN B 557 -25.29 0.84 0.96
CA GLN B 557 -26.36 1.61 1.56
C GLN B 557 -25.84 2.59 2.60
N LEU B 558 -24.94 2.12 3.46
CA LEU B 558 -24.42 2.98 4.52
C LEU B 558 -23.58 4.11 3.95
N PHE B 559 -22.78 3.83 2.92
CA PHE B 559 -22.01 4.89 2.30
C PHE B 559 -22.94 5.91 1.65
N ILE B 560 -24.03 5.44 1.03
CA ILE B 560 -24.97 6.38 0.42
C ILE B 560 -25.59 7.27 1.48
N ALA B 561 -25.98 6.69 2.62
CA ALA B 561 -26.55 7.49 3.69
C ALA B 561 -25.55 8.52 4.22
N ASP B 562 -24.32 8.08 4.47
CA ASP B 562 -23.29 8.98 4.96
C ASP B 562 -23.00 10.09 3.94
N TYR B 563 -22.96 9.73 2.66
CA TYR B 563 -22.72 10.68 1.59
C TYR B 563 -23.83 11.72 1.50
N ARG B 564 -25.09 11.27 1.58
CA ARG B 564 -26.21 12.20 1.52
C ARG B 564 -26.21 13.15 2.71
N TYR B 565 -25.88 12.64 3.89
CA TYR B 565 -25.86 13.51 5.06
C TYR B 565 -24.64 14.44 5.06
N THR B 566 -23.53 14.01 4.45
CA THR B 566 -22.34 14.85 4.39
C THR B 566 -22.51 15.97 3.39
N TYR B 567 -23.07 15.67 2.22
CA TYR B 567 -23.19 16.64 1.14
C TYR B 567 -24.60 17.21 1.02
N LYS B 568 -25.49 16.89 1.96
CA LYS B 568 -26.82 17.50 2.02
C LYS B 568 -27.54 17.37 0.70
N CYS B 569 -27.47 16.17 0.12
CA CYS B 569 -28.00 15.86 -1.20
C CYS B 569 -28.96 14.69 -1.12
N HIS B 570 -29.91 14.77 -0.18
CA HIS B 570 -30.88 13.70 0.00
C HIS B 570 -31.73 13.54 -1.26
N ARG B 571 -32.50 12.45 -1.27
CA ARG B 571 -33.33 12.14 -2.42
C ARG B 571 -34.30 13.28 -2.73
N GLY B 572 -34.46 13.57 -4.02
CA GLY B 572 -35.27 14.70 -4.43
C GLY B 572 -36.74 14.58 -4.08
N ASP B 573 -37.22 13.36 -3.88
CA ASP B 573 -38.60 13.13 -3.43
C ASP B 573 -38.71 13.05 -1.92
N SER B 574 -37.62 13.25 -1.19
CA SER B 574 -37.68 13.30 0.25
C SER B 574 -38.17 14.68 0.71
N LYS B 575 -38.38 14.80 2.02
CA LYS B 575 -38.87 16.03 2.62
C LYS B 575 -37.82 16.70 3.51
N VAL B 576 -36.56 16.30 3.40
CA VAL B 576 -35.51 16.93 4.20
C VAL B 576 -35.40 18.40 3.81
N GLU B 577 -35.03 19.22 4.78
CA GLU B 577 -34.89 20.66 4.60
C GLU B 577 -33.42 21.04 4.42
N GLY B 578 -33.20 22.21 3.86
CA GLY B 578 -31.87 22.72 3.67
C GLY B 578 -31.79 23.67 2.50
N LYS B 579 -30.74 24.48 2.50
CA LYS B 579 -30.52 25.41 1.40
C LYS B 579 -30.38 24.69 0.08
N ARG B 580 -29.58 23.61 0.06
CA ARG B 580 -29.41 22.83 -1.16
C ARG B 580 -30.66 22.03 -1.48
N MET B 581 -31.40 21.58 -0.46
CA MET B 581 -32.52 20.69 -0.69
C MET B 581 -33.66 21.37 -1.43
N LYS B 582 -33.84 22.68 -1.24
CA LYS B 582 -34.88 23.39 -2.00
C LYS B 582 -34.62 23.28 -3.50
N ILE B 583 -33.40 23.59 -3.93
CA ILE B 583 -33.06 23.48 -5.34
C ILE B 583 -33.07 22.03 -5.77
N ILE B 584 -32.69 21.10 -4.88
CA ILE B 584 -32.73 19.68 -5.24
C ILE B 584 -34.17 19.27 -5.56
N LYS B 585 -35.12 19.69 -4.75
CA LYS B 585 -36.52 19.35 -5.00
C LYS B 585 -37.03 20.03 -6.27
N GLU B 586 -36.60 21.27 -6.53
CA GLU B 586 -36.97 21.93 -7.77
C GLU B 586 -36.45 21.17 -8.98
N LEU B 587 -35.19 20.71 -8.92
CA LEU B 587 -34.63 19.90 -9.99
C LEU B 587 -35.38 18.58 -10.14
N TRP B 588 -35.74 17.95 -9.02
CA TRP B 588 -36.49 16.71 -9.07
C TRP B 588 -37.82 16.92 -9.78
N GLU B 589 -38.50 18.03 -9.49
CA GLU B 589 -39.75 18.34 -10.18
C GLU B 589 -39.50 18.60 -11.67
N ASN B 590 -38.42 19.30 -12.00
CA ASN B 590 -38.16 19.67 -13.39
C ASN B 590 -37.66 18.49 -14.23
N THR B 591 -37.22 17.40 -13.60
CA THR B 591 -36.56 16.32 -14.32
C THR B 591 -37.55 15.27 -14.77
N LYS B 592 -37.33 14.75 -15.98
CA LYS B 592 -38.16 13.69 -16.55
C LYS B 592 -37.52 12.31 -16.29
N GLY B 593 -36.30 12.11 -16.74
CA GLY B 593 -35.56 10.90 -16.47
C GLY B 593 -34.82 10.99 -15.15
N ARG B 594 -35.55 10.93 -14.05
CA ARG B 594 -34.96 11.16 -12.74
C ARG B 594 -33.95 10.09 -12.35
N ASP B 595 -34.01 8.91 -12.99
CA ASP B 595 -33.02 7.88 -12.70
C ASP B 595 -31.63 8.27 -13.16
N GLY B 596 -31.51 9.25 -14.06
CA GLY B 596 -30.23 9.75 -14.51
C GLY B 596 -29.61 10.81 -13.65
N LEU B 597 -30.32 11.31 -12.64
CA LEU B 597 -29.77 12.31 -11.74
C LEU B 597 -28.72 11.68 -10.81
N LEU B 598 -27.64 12.42 -10.57
CA LEU B 598 -26.63 11.96 -9.63
C LEU B 598 -27.13 12.07 -8.21
N VAL B 599 -26.53 11.27 -7.32
CA VAL B 599 -26.93 11.30 -5.90
C VAL B 599 -26.68 12.69 -5.33
N ALA B 600 -25.60 13.34 -5.75
CA ALA B 600 -25.33 14.70 -5.29
C ALA B 600 -26.39 15.69 -5.78
N ASP B 601 -27.15 15.34 -6.81
CA ASP B 601 -28.23 16.18 -7.33
C ASP B 601 -29.61 15.70 -6.88
N GLY B 602 -29.66 14.83 -5.86
CA GLY B 602 -30.92 14.30 -5.38
C GLY B 602 -31.40 13.07 -6.11
N GLY B 603 -30.62 12.53 -7.05
CA GLY B 603 -31.03 11.38 -7.80
C GLY B 603 -30.92 10.10 -6.99
N PRO B 604 -31.52 9.03 -7.52
CA PRO B 604 -31.47 7.74 -6.83
C PRO B 604 -30.11 7.08 -6.98
N ASN B 605 -29.84 6.15 -6.07
CA ASN B 605 -28.64 5.34 -6.13
C ASN B 605 -28.96 4.04 -6.88
N ILE B 606 -28.21 3.79 -7.95
CA ILE B 606 -28.39 2.58 -8.76
C ILE B 606 -27.17 1.68 -8.70
N TYR B 607 -26.25 1.93 -7.77
CA TYR B 607 -25.09 1.08 -7.62
C TYR B 607 -25.47 -0.27 -7.01
N ASN B 608 -24.84 -1.33 -7.51
CA ASN B 608 -24.95 -2.65 -6.91
C ASN B 608 -23.56 -3.29 -6.99
N LEU B 609 -23.49 -4.59 -6.70
CA LEU B 609 -22.20 -5.26 -6.69
C LEU B 609 -21.55 -5.24 -8.07
N ARG B 610 -22.32 -5.51 -9.13
CA ARG B 610 -21.74 -5.76 -10.43
C ARG B 610 -21.21 -4.50 -11.11
N ASN B 611 -21.61 -3.31 -10.64
CA ASN B 611 -21.22 -2.06 -11.28
C ASN B 611 -20.46 -1.14 -10.34
N LEU B 612 -19.85 -1.69 -9.28
CA LEU B 612 -19.07 -0.87 -8.37
C LEU B 612 -17.88 -0.19 -9.04
N HIS B 613 -17.43 -0.73 -10.18
CA HIS B 613 -16.24 -0.24 -10.85
C HIS B 613 -16.54 0.77 -11.95
N ILE B 614 -17.80 1.16 -12.12
CA ILE B 614 -18.21 2.12 -13.15
C ILE B 614 -18.43 3.47 -12.47
N PRO B 615 -17.86 4.56 -12.99
CA PRO B 615 -18.14 5.87 -12.41
C PRO B 615 -19.62 6.23 -12.54
N GLU B 616 -20.10 7.05 -11.62
CA GLU B 616 -21.54 7.33 -11.54
C GLU B 616 -22.04 8.03 -12.79
N ILE B 617 -21.30 9.02 -13.31
CA ILE B 617 -21.74 9.73 -14.49
C ILE B 617 -21.82 8.78 -15.68
N VAL B 618 -20.81 7.93 -15.85
CA VAL B 618 -20.85 6.96 -16.94
C VAL B 618 -22.00 5.98 -16.73
N LEU B 619 -22.24 5.57 -15.48
CA LEU B 619 -23.29 4.60 -15.21
C LEU B 619 -24.67 5.16 -15.53
N LYS B 620 -24.89 6.45 -15.29
CA LYS B 620 -26.18 7.09 -15.52
C LYS B 620 -26.20 7.93 -16.80
N TYR B 621 -25.17 7.81 -17.64
CA TYR B 621 -25.02 8.73 -18.76
C TYR B 621 -26.21 8.66 -19.72
N ASN B 622 -26.66 7.45 -20.05
CA ASN B 622 -27.75 7.30 -21.00
C ASN B 622 -29.11 7.66 -20.39
N LEU B 623 -29.21 7.70 -19.07
CA LEU B 623 -30.46 8.02 -18.41
C LEU B 623 -30.67 9.51 -18.18
N MET B 624 -29.63 10.32 -18.31
CA MET B 624 -29.74 11.75 -18.07
C MET B 624 -30.60 12.41 -19.13
N ASP B 625 -31.40 13.39 -18.71
CA ASP B 625 -32.06 14.26 -19.66
C ASP B 625 -31.03 15.17 -20.33
N PRO B 626 -31.23 15.50 -21.61
CA PRO B 626 -30.19 16.28 -22.32
C PRO B 626 -29.86 17.59 -21.64
N GLU B 627 -30.85 18.29 -21.09
CA GLU B 627 -30.58 19.58 -20.46
C GLU B 627 -29.78 19.41 -19.18
N TYR B 628 -30.16 18.44 -18.35
CA TYR B 628 -29.40 18.18 -17.13
C TYR B 628 -27.98 17.71 -17.46
N LYS B 629 -27.85 16.86 -18.47
CA LYS B 629 -26.52 16.40 -18.87
C LYS B 629 -25.66 17.55 -19.36
N GLY B 630 -26.24 18.45 -20.14
CA GLY B 630 -25.48 19.59 -20.63
C GLY B 630 -25.08 20.55 -19.53
N ARG B 631 -25.98 20.81 -18.58
CA ARG B 631 -25.63 21.66 -17.45
C ARG B 631 -24.55 21.03 -16.58
N LEU B 632 -24.70 19.74 -16.28
CA LEU B 632 -23.76 19.06 -15.41
C LEU B 632 -22.37 19.02 -16.03
N LEU B 633 -22.28 18.54 -17.27
CA LEU B 633 -20.99 18.41 -17.95
C LEU B 633 -20.69 19.63 -18.82
N HIS B 634 -20.82 20.82 -18.24
CA HIS B 634 -20.52 22.03 -18.99
C HIS B 634 -19.02 22.23 -19.06
N PRO B 635 -18.45 22.37 -20.26
CA PRO B 635 -16.98 22.54 -20.35
C PRO B 635 -16.46 23.71 -19.55
N GLN B 636 -17.21 24.81 -19.47
CA GLN B 636 -16.76 26.04 -18.82
C GLN B 636 -17.48 26.31 -17.51
N ASN B 637 -17.86 25.27 -16.78
CA ASN B 637 -18.51 25.50 -15.49
C ASN B 637 -17.54 26.17 -14.53
N PRO B 638 -17.98 27.16 -13.74
CA PRO B 638 -17.04 27.91 -12.90
C PRO B 638 -16.61 27.19 -11.64
N PHE B 639 -17.11 25.99 -11.36
CA PHE B 639 -16.81 25.32 -10.11
C PHE B 639 -15.50 24.54 -10.17
N VAL B 640 -14.94 24.36 -11.37
CA VAL B 640 -13.67 23.67 -11.54
C VAL B 640 -12.66 24.66 -12.12
N GLY B 641 -11.41 24.48 -11.74
CA GLY B 641 -10.37 25.36 -12.25
C GLY B 641 -10.17 25.20 -13.74
N HIS B 642 -9.69 26.28 -14.37
CA HIS B 642 -9.43 26.31 -15.79
C HIS B 642 -8.00 26.77 -16.03
N LEU B 643 -7.42 26.31 -17.13
CA LEU B 643 -6.04 26.61 -17.47
C LEU B 643 -5.99 27.88 -18.30
N SER B 644 -5.25 28.87 -17.82
CA SER B 644 -5.09 30.14 -18.53
C SER B 644 -3.68 30.68 -18.36
N ASP B 664 -9.02 29.81 -22.97
CA ASP B 664 -9.75 29.16 -21.90
C ASP B 664 -10.04 27.70 -22.25
N TYR B 665 -9.27 26.78 -21.67
CA TYR B 665 -9.38 25.37 -22.01
C TYR B 665 -10.66 24.78 -21.40
N ASP B 666 -11.14 23.71 -22.02
CA ASP B 666 -12.37 23.06 -21.61
C ASP B 666 -12.07 22.01 -20.55
N ALA B 667 -12.89 21.97 -19.50
CA ALA B 667 -12.79 20.95 -18.46
C ALA B 667 -13.92 19.95 -18.64
N VAL B 668 -13.57 18.67 -18.79
CA VAL B 668 -14.58 17.66 -19.06
C VAL B 668 -15.27 17.18 -17.80
N SER B 669 -14.63 17.29 -16.64
CA SER B 669 -15.26 16.89 -15.39
C SER B 669 -16.48 17.76 -15.10
N GLY B 670 -17.42 17.19 -14.37
CA GLY B 670 -18.67 17.86 -14.12
C GLY B 670 -18.54 18.98 -13.09
N THR B 671 -19.69 19.51 -12.69
CA THR B 671 -19.74 20.57 -11.70
C THR B 671 -19.51 20.07 -10.28
N HIS B 672 -19.52 18.76 -10.06
CA HIS B 672 -19.30 18.18 -8.74
C HIS B 672 -17.83 17.92 -8.44
N SER B 673 -16.93 18.22 -9.38
CA SER B 673 -15.50 18.14 -9.15
C SER B 673 -14.92 19.42 -8.56
N TRP B 674 -15.74 20.17 -7.84
CA TRP B 674 -15.30 21.42 -7.24
C TRP B 674 -14.18 21.18 -6.24
N ARG B 675 -13.60 22.28 -5.77
CA ARG B 675 -12.52 22.26 -4.79
C ARG B 675 -12.85 23.23 -3.66
N THR B 676 -12.49 22.84 -2.44
CA THR B 676 -12.67 23.71 -1.28
C THR B 676 -11.41 24.54 -1.08
N LYS B 677 -11.59 25.84 -0.90
CA LYS B 677 -10.46 26.76 -0.72
C LYS B 677 -9.94 26.57 0.71
N ARG B 678 -8.98 25.66 0.86
CA ARG B 678 -8.42 25.33 2.16
C ARG B 678 -7.50 26.48 2.59
N ASN B 679 -8.11 27.50 3.19
CA ASN B 679 -7.37 28.66 3.69
C ASN B 679 -7.00 28.39 5.14
N ARG B 680 -5.74 28.03 5.37
CA ARG B 680 -5.24 27.75 6.72
C ARG B 680 -5.04 29.07 7.47
N SER B 681 -6.16 29.74 7.73
CA SER B 681 -6.15 31.04 8.39
C SER B 681 -5.94 30.81 9.87
N ILE B 682 -4.67 30.82 10.29
CA ILE B 682 -4.34 30.76 11.70
C ILE B 682 -4.80 32.05 12.37
N LEU B 683 -5.48 31.92 13.50
CA LEU B 683 -6.12 33.08 14.12
C LEU B 683 -5.09 34.11 14.54
N ASN B 684 -5.41 35.38 14.27
CA ASN B 684 -4.59 36.53 14.66
C ASN B 684 -3.23 36.56 13.97
N THR B 685 -3.08 35.87 12.85
CA THR B 685 -1.88 35.93 12.03
C THR B 685 -2.23 36.47 10.66
N ASP B 686 -1.52 37.50 10.23
CA ASP B 686 -1.76 38.17 8.96
C ASP B 686 -0.52 38.00 8.09
N GLN B 687 -0.59 37.06 7.15
CA GLN B 687 0.55 36.75 6.27
C GLN B 687 0.49 37.65 5.05
N ARG B 688 0.84 38.92 5.26
CA ARG B 688 0.93 39.89 4.18
C ARG B 688 2.23 39.79 3.40
N ASN B 689 3.16 38.96 3.83
CA ASN B 689 4.47 38.87 3.20
C ASN B 689 4.83 37.46 2.76
N MET B 690 4.47 36.45 3.55
CA MET B 690 4.65 35.08 3.09
C MET B 690 3.80 34.81 1.86
N ILE B 691 2.55 35.28 1.88
CA ILE B 691 1.68 35.13 0.73
C ILE B 691 2.26 35.82 -0.48
N LEU B 692 3.00 36.91 -0.27
CA LEU B 692 3.61 37.62 -1.40
C LEU B 692 4.66 36.74 -2.09
N GLU B 693 5.53 36.10 -1.31
CA GLU B 693 6.54 35.22 -1.91
C GLU B 693 5.88 34.02 -2.59
N GLU B 694 4.86 33.46 -1.94
CA GLU B 694 4.14 32.35 -2.55
C GLU B 694 3.53 32.77 -3.87
N GLN B 695 2.93 33.96 -3.91
CA GLN B 695 2.29 34.45 -5.14
C GLN B 695 3.33 34.72 -6.21
N CYS B 696 4.51 35.23 -5.84
CA CYS B 696 5.56 35.43 -6.82
C CYS B 696 5.99 34.12 -7.44
N TYR B 697 6.21 33.09 -6.61
CA TYR B 697 6.56 31.78 -7.15
C TYR B 697 5.45 31.26 -8.05
N ALA B 698 4.19 31.45 -7.64
CA ALA B 698 3.07 30.96 -8.44
C ALA B 698 3.01 31.66 -9.78
N LYS B 699 3.21 32.98 -9.81
CA LYS B 699 3.17 33.70 -11.08
C LYS B 699 4.30 33.26 -12.00
N CYS B 700 5.51 33.11 -11.46
CA CYS B 700 6.63 32.66 -12.28
C CYS B 700 6.36 31.27 -12.84
N CYS B 701 5.87 30.35 -12.01
CA CYS B 701 5.61 29.00 -12.46
C CYS B 701 4.49 28.96 -13.49
N ASN B 702 3.45 29.77 -13.29
CA ASN B 702 2.34 29.80 -14.24
C ASN B 702 2.81 30.32 -15.59
N LEU B 703 3.62 31.38 -15.60
CA LEU B 703 4.15 31.86 -16.87
C LEU B 703 5.04 30.81 -17.53
N PHE B 704 5.87 30.13 -16.74
CA PHE B 704 6.72 29.09 -17.31
C PHE B 704 5.89 27.97 -17.92
N GLU B 705 4.81 27.56 -17.25
CA GLU B 705 3.94 26.54 -17.80
C GLU B 705 3.26 27.02 -19.07
N ALA B 706 2.84 28.28 -19.11
CA ALA B 706 2.28 28.84 -20.32
C ALA B 706 3.29 28.79 -21.47
N CYS B 707 4.58 28.97 -21.16
CA CYS B 707 5.61 28.84 -22.18
C CYS B 707 5.89 27.39 -22.53
N PHE B 708 5.84 26.50 -21.54
CA PHE B 708 6.11 25.07 -21.73
C PHE B 708 4.89 24.28 -21.28
N ASN B 709 4.09 23.82 -22.24
CA ASN B 709 2.83 23.16 -21.91
C ASN B 709 3.05 21.77 -21.30
N SER B 710 4.19 21.14 -21.59
CA SER B 710 4.46 19.80 -21.09
C SER B 710 5.02 19.79 -19.68
N ALA B 711 5.28 20.96 -19.09
CA ALA B 711 5.93 20.99 -17.78
C ALA B 711 5.11 20.25 -16.73
N SER B 712 3.78 20.43 -16.75
CA SER B 712 2.94 19.73 -15.79
C SER B 712 3.02 18.22 -15.97
N TYR B 713 2.99 17.76 -17.22
CA TYR B 713 3.00 16.31 -17.47
C TYR B 713 4.38 15.70 -17.24
N ARG B 714 5.43 16.34 -17.74
CA ARG B 714 6.80 15.85 -17.61
C ARG B 714 7.65 16.89 -16.91
N LYS B 715 8.45 16.45 -15.96
CA LYS B 715 9.33 17.36 -15.23
C LYS B 715 10.33 17.98 -16.19
N PRO B 716 10.38 19.30 -16.34
CA PRO B 716 11.38 19.91 -17.22
C PRO B 716 12.79 19.68 -16.68
N VAL B 717 13.75 19.59 -17.60
CA VAL B 717 15.14 19.29 -17.28
C VAL B 717 16.01 20.38 -17.86
N GLY B 718 17.03 20.79 -17.09
CA GLY B 718 17.97 21.79 -17.55
C GLY B 718 18.65 22.54 -16.43
N GLN B 719 19.95 22.80 -16.59
CA GLN B 719 20.71 23.56 -15.60
C GLN B 719 20.72 25.06 -15.89
N HIS B 720 20.09 25.49 -16.98
CA HIS B 720 19.99 26.90 -17.30
C HIS B 720 18.80 27.53 -16.57
N SER B 721 18.78 28.85 -16.55
CA SER B 721 17.74 29.57 -15.84
C SER B 721 16.41 29.48 -16.57
N MET B 722 15.32 29.64 -15.81
CA MET B 722 13.99 29.64 -16.40
C MET B 722 13.79 30.81 -17.35
N LEU B 723 14.39 31.97 -17.02
CA LEU B 723 14.25 33.14 -17.87
C LEU B 723 14.82 32.91 -19.25
N GLU B 724 16.01 32.31 -19.32
CA GLU B 724 16.63 32.05 -20.63
C GLU B 724 15.81 31.05 -21.44
N ALA B 725 15.33 29.98 -20.79
CA ALA B 725 14.51 29.01 -21.50
C ALA B 725 13.25 29.65 -22.06
N MET B 726 12.57 30.45 -21.22
CA MET B 726 11.34 31.10 -21.66
C MET B 726 11.62 32.09 -22.79
N ALA B 727 12.71 32.85 -22.68
CA ALA B 727 13.05 33.81 -23.72
C ALA B 727 13.30 33.12 -25.05
N HIS B 728 14.08 32.03 -25.04
CA HIS B 728 14.35 31.31 -26.28
C HIS B 728 13.09 30.68 -26.85
N ARG B 729 12.25 30.09 -25.98
CA ARG B 729 11.01 29.49 -26.46
C ARG B 729 10.11 30.52 -27.11
N LEU B 730 9.98 31.70 -26.48
CA LEU B 730 9.12 32.74 -27.03
C LEU B 730 9.71 33.30 -28.32
N ARG B 731 11.03 33.43 -28.39
CA ARG B 731 11.67 33.86 -29.64
C ARG B 731 11.35 32.89 -30.77
N MET B 732 11.51 31.60 -30.51
CA MET B 732 11.21 30.60 -31.54
C MET B 732 9.73 30.65 -31.93
N ASP B 733 8.84 30.76 -30.95
CA ASP B 733 7.42 30.80 -31.25
C ASP B 733 7.08 32.00 -32.12
N ALA B 734 7.64 33.18 -31.78
CA ALA B 734 7.36 34.37 -32.56
C ALA B 734 7.88 34.23 -33.98
N ARG B 735 9.11 33.72 -34.14
CA ARG B 735 9.66 33.58 -35.48
C ARG B 735 8.85 32.59 -36.32
N LEU B 736 8.43 31.48 -35.71
CA LEU B 736 7.69 30.47 -36.45
C LEU B 736 6.29 30.95 -36.80
N ASP B 737 5.67 31.73 -35.91
CA ASP B 737 4.39 32.35 -36.24
C ASP B 737 4.56 33.33 -37.40
N TYR B 738 5.63 34.11 -37.38
CA TYR B 738 5.89 35.04 -38.48
C TYR B 738 6.05 34.29 -39.79
N GLU B 739 6.82 33.20 -39.79
CA GLU B 739 7.05 32.46 -41.01
C GLU B 739 5.81 31.70 -41.47
N SER B 740 4.94 31.33 -40.54
CA SER B 740 3.72 30.60 -40.86
C SER B 740 2.53 31.53 -41.10
N GLY B 741 2.72 32.84 -40.98
CA GLY B 741 1.65 33.79 -41.18
C GLY B 741 0.78 34.04 -39.96
N ARG B 742 1.06 33.37 -38.83
CA ARG B 742 0.25 33.57 -37.64
C ARG B 742 0.40 34.99 -37.09
N MET B 743 1.57 35.58 -37.24
CA MET B 743 1.85 36.93 -36.74
C MET B 743 2.24 37.82 -37.90
N SER B 744 1.77 39.06 -37.86
CA SER B 744 2.01 40.04 -38.92
C SER B 744 3.31 40.80 -38.65
N LYS B 745 3.56 41.84 -39.43
CA LYS B 745 4.81 42.60 -39.30
C LYS B 745 4.87 43.36 -37.99
N ASP B 746 3.81 44.11 -37.66
CA ASP B 746 3.85 45.01 -36.52
C ASP B 746 3.99 44.24 -35.21
N ASP B 747 3.20 43.18 -35.05
CA ASP B 747 3.30 42.36 -33.85
C ASP B 747 4.66 41.70 -33.76
N PHE B 748 5.23 41.25 -34.88
CA PHE B 748 6.55 40.66 -34.85
C PHE B 748 7.61 41.68 -34.42
N GLU B 749 7.52 42.90 -34.93
CA GLU B 749 8.46 43.93 -34.52
C GLU B 749 8.34 44.21 -33.04
N LYS B 750 7.10 44.31 -32.53
CA LYS B 750 6.91 44.51 -31.10
C LYS B 750 7.53 43.37 -30.30
N ALA B 751 7.25 42.13 -30.70
CA ALA B 751 7.75 40.99 -29.95
C ALA B 751 9.28 40.96 -29.94
N MET B 752 9.91 41.20 -31.09
CA MET B 752 11.36 41.20 -31.15
C MET B 752 11.94 42.32 -30.30
N ALA B 753 11.31 43.50 -30.32
CA ALA B 753 11.79 44.60 -29.49
C ALA B 753 11.70 44.24 -28.02
N HIS B 754 10.58 43.66 -27.57
CA HIS B 754 10.45 43.28 -26.18
C HIS B 754 11.49 42.22 -25.80
N LEU B 755 11.69 41.22 -26.67
CA LEU B 755 12.66 40.18 -26.36
C LEU B 755 14.07 40.75 -26.26
N GLY B 756 14.44 41.63 -27.18
CA GLY B 756 15.76 42.24 -27.12
C GLY B 756 15.94 43.10 -25.89
N GLU B 757 14.90 43.86 -25.50
CA GLU B 757 14.98 44.67 -24.31
C GLU B 757 15.17 43.80 -23.07
N ILE B 758 14.47 42.67 -23.01
CA ILE B 758 14.60 41.75 -21.89
C ILE B 758 16.04 41.28 -21.75
N MET C 10 -0.85 32.56 -28.68
CA MET C 10 -0.78 33.91 -28.03
C MET C 10 0.65 34.21 -27.60
N THR C 11 1.58 34.15 -28.55
CA THR C 11 2.97 34.40 -28.23
C THR C 11 3.20 35.82 -27.74
N LEU C 12 2.61 36.81 -28.42
CA LEU C 12 2.82 38.20 -28.02
C LEU C 12 2.29 38.48 -26.63
N ALA C 13 1.14 37.90 -26.29
CA ALA C 13 0.62 38.06 -24.94
C ALA C 13 1.57 37.48 -23.91
N LYS C 14 2.16 36.32 -24.20
CA LYS C 14 3.14 35.73 -23.29
C LYS C 14 4.36 36.63 -23.14
N ILE C 15 4.84 37.20 -24.24
CA ILE C 15 6.01 38.07 -24.17
C ILE C 15 5.70 39.30 -23.32
N GLU C 16 4.53 39.91 -23.53
CA GLU C 16 4.15 41.07 -22.74
C GLU C 16 4.01 40.71 -21.26
N LEU C 17 3.42 39.55 -20.97
CA LEU C 17 3.29 39.11 -19.58
C LEU C 17 4.66 38.92 -18.94
N LEU C 18 5.60 38.32 -19.67
CA LEU C 18 6.94 38.13 -19.14
C LEU C 18 7.61 39.48 -18.89
N LYS C 19 7.45 40.43 -19.81
CA LYS C 19 8.04 41.75 -19.60
C LYS C 19 7.45 42.44 -18.37
N GLN C 20 6.13 42.35 -18.20
CA GLN C 20 5.50 42.96 -17.03
C GLN C 20 5.96 42.29 -15.75
N LEU C 21 6.09 40.96 -15.77
CA LEU C 21 6.55 40.25 -14.58
C LEU C 21 7.99 40.61 -14.23
N LEU C 22 8.83 40.81 -15.24
CA LEU C 22 10.22 41.14 -15.00
C LEU C 22 10.40 42.50 -14.30
N ARG C 23 9.37 43.34 -14.30
CA ARG C 23 9.45 44.58 -13.54
C ARG C 23 9.61 44.32 -12.04
N ASP C 24 8.85 43.36 -11.52
CA ASP C 24 8.98 43.01 -10.11
C ASP C 24 10.36 42.42 -9.86
N ASN C 25 11.09 43.01 -8.91
CA ASN C 25 12.45 42.56 -8.63
C ASN C 25 12.45 41.14 -8.08
N GLU C 26 11.51 40.81 -7.21
CA GLU C 26 11.42 39.45 -6.69
C GLU C 26 11.20 38.44 -7.81
N ALA C 27 10.26 38.75 -8.72
CA ALA C 27 10.00 37.85 -9.84
C ALA C 27 11.21 37.75 -10.76
N LYS C 28 11.89 38.87 -11.01
CA LYS C 28 13.06 38.85 -11.87
C LYS C 28 14.16 37.98 -11.28
N THR C 29 14.43 38.13 -9.99
CA THR C 29 15.49 37.34 -9.37
C THR C 29 15.08 35.86 -9.30
N VAL C 30 13.80 35.58 -9.07
CA VAL C 30 13.34 34.19 -9.05
C VAL C 30 13.56 33.56 -10.43
N LEU C 31 13.22 34.28 -11.49
CA LEU C 31 13.40 33.75 -12.83
C LEU C 31 14.87 33.56 -13.16
N LYS C 32 15.72 34.50 -12.76
CA LYS C 32 17.12 34.44 -13.15
C LYS C 32 17.91 33.39 -12.36
N GLN C 33 17.58 33.21 -11.08
CA GLN C 33 18.35 32.30 -10.22
C GLN C 33 17.81 30.88 -10.22
N THR C 34 16.54 30.67 -10.56
CA THR C 34 15.96 29.34 -10.53
C THR C 34 16.25 28.62 -11.84
N THR C 35 16.91 27.46 -11.75
CA THR C 35 17.19 26.66 -12.93
C THR C 35 15.91 25.95 -13.38
N VAL C 36 15.96 25.43 -14.61
CA VAL C 36 14.83 24.67 -15.12
C VAL C 36 14.55 23.44 -14.25
N ASP C 37 15.62 22.81 -13.76
CA ASP C 37 15.44 21.72 -12.81
C ASP C 37 14.77 22.20 -11.54
N GLN C 38 15.20 23.36 -11.02
CA GLN C 38 14.66 23.88 -9.77
C GLN C 38 13.24 24.40 -9.90
N TYR C 39 12.72 24.55 -11.12
CA TYR C 39 11.31 24.85 -11.27
C TYR C 39 10.46 23.82 -10.51
N ASN C 40 10.79 22.54 -10.67
CA ASN C 40 10.07 21.48 -9.99
C ASN C 40 10.07 21.68 -8.48
N ILE C 41 11.06 22.38 -7.93
CA ILE C 41 11.02 22.75 -6.52
C ILE C 41 9.99 23.84 -6.31
N ILE C 42 10.17 24.98 -6.95
CA ILE C 42 9.36 26.16 -6.67
C ILE C 42 7.91 25.99 -7.09
N ARG C 43 7.62 25.01 -7.93
CA ARG C 43 6.24 24.71 -8.26
C ARG C 43 5.47 24.26 -7.02
N LYS C 44 6.14 23.53 -6.13
CA LYS C 44 5.52 22.99 -4.92
C LYS C 44 5.64 23.92 -3.72
N PHE C 45 6.20 25.12 -3.90
CA PHE C 45 6.39 26.03 -2.78
C PHE C 45 5.04 26.36 -2.13
N ASN C 46 4.99 26.28 -0.81
CA ASN C 46 3.76 26.51 -0.07
C ASN C 46 4.10 26.86 1.36
N THR C 47 3.71 28.06 1.80
CA THR C 47 4.08 28.57 3.11
C THR C 47 3.33 27.90 4.26
N SER C 48 2.27 27.15 3.98
CA SER C 48 1.43 26.58 5.02
C SER C 48 1.33 25.07 4.84
N ARG C 49 1.17 24.37 5.96
CA ARG C 49 0.99 22.93 5.92
C ARG C 49 -0.41 22.57 5.43
N ILE C 50 -0.53 21.41 4.80
CA ILE C 50 -1.82 20.91 4.35
C ILE C 50 -2.58 20.36 5.54
N GLU C 51 -3.83 20.76 5.69
CA GLU C 51 -4.65 20.26 6.79
C GLU C 51 -4.83 18.76 6.67
N LYS C 52 -4.79 18.08 7.82
CA LYS C 52 -4.93 16.64 7.87
C LYS C 52 -6.38 16.26 8.16
N ASN C 53 -6.68 14.97 8.01
CA ASN C 53 -8.00 14.43 8.28
C ASN C 53 -9.03 15.12 7.38
N PRO C 54 -8.94 14.95 6.06
CA PRO C 54 -9.88 15.64 5.16
C PRO C 54 -11.33 15.19 5.30
N SER C 55 -11.60 14.01 5.88
CA SER C 55 -12.98 13.60 6.09
C SER C 55 -13.68 14.52 7.08
N LEU C 56 -13.05 14.74 8.23
CA LEU C 56 -13.60 15.68 9.20
C LEU C 56 -13.64 17.10 8.63
N ARG C 57 -12.62 17.48 7.86
CA ARG C 57 -12.61 18.80 7.26
C ARG C 57 -13.78 18.98 6.30
N MET C 58 -14.12 17.94 5.55
CA MET C 58 -15.24 18.02 4.62
C MET C 58 -16.56 18.05 5.36
N LYS C 59 -16.72 17.21 6.39
CA LYS C 59 -17.95 17.24 7.16
C LYS C 59 -18.15 18.59 7.83
N TRP C 60 -17.06 19.24 8.25
CA TRP C 60 -17.15 20.56 8.87
C TRP C 60 -17.44 21.64 7.83
N ALA C 61 -16.77 21.56 6.68
CA ALA C 61 -16.86 22.63 5.67
C ALA C 61 -18.23 22.62 4.98
N MET C 62 -18.83 21.44 4.80
CA MET C 62 -20.14 21.38 4.18
C MET C 62 -21.21 22.07 5.01
N CYS C 63 -20.97 22.24 6.31
CA CYS C 63 -21.87 23.01 7.16
C CYS C 63 -21.61 24.51 7.09
N SER C 64 -20.52 24.93 6.44
CA SER C 64 -20.24 26.34 6.27
C SER C 64 -21.19 26.94 5.22
N ASN C 65 -21.03 28.23 4.97
CA ASN C 65 -21.92 28.95 4.07
C ASN C 65 -21.39 28.98 2.63
N PHE C 66 -20.12 29.32 2.44
CA PHE C 66 -19.51 29.40 1.11
C PHE C 66 -18.18 28.67 1.12
N PRO C 67 -18.20 27.34 1.12
CA PRO C 67 -16.96 26.56 1.14
C PRO C 67 -16.33 26.28 -0.21
N LEU C 68 -16.92 26.74 -1.31
CA LEU C 68 -16.46 26.42 -2.66
C LEU C 68 -15.88 27.65 -3.34
N ALA C 69 -14.82 27.43 -4.11
CA ALA C 69 -14.14 28.49 -4.82
C ALA C 69 -14.69 28.59 -6.24
N LEU C 70 -15.02 29.81 -6.65
CA LEU C 70 -15.53 30.08 -7.99
C LEU C 70 -14.40 30.55 -8.89
N THR C 71 -14.41 30.07 -10.13
CA THR C 71 -13.51 30.59 -11.15
C THR C 71 -14.09 31.87 -11.70
N LYS C 72 -13.36 32.98 -11.55
CA LYS C 72 -13.85 34.26 -12.02
C LYS C 72 -14.05 34.23 -13.52
N GLY C 73 -15.15 34.81 -13.98
CA GLY C 73 -15.45 34.86 -15.40
C GLY C 73 -16.94 35.07 -15.62
N ASP C 74 -17.31 35.01 -16.90
CA ASP C 74 -18.70 35.20 -17.27
C ASP C 74 -19.60 34.11 -16.70
N MET C 75 -19.12 32.87 -16.68
CA MET C 75 -19.94 31.76 -16.21
C MET C 75 -20.20 31.85 -14.71
N ALA C 76 -19.22 32.32 -13.95
CA ALA C 76 -19.46 32.59 -12.54
C ALA C 76 -20.48 33.71 -12.36
N ASN C 77 -20.40 34.74 -13.21
CA ASN C 77 -21.36 35.84 -13.15
C ASN C 77 -22.76 35.38 -13.53
N ARG C 78 -22.89 34.30 -14.31
CA ARG C 78 -24.21 33.78 -14.64
C ARG C 78 -24.95 33.30 -13.40
N ILE C 79 -24.24 32.92 -12.34
CA ILE C 79 -24.86 32.43 -11.12
C ILE C 79 -25.46 33.62 -10.37
N PRO C 80 -26.76 33.58 -10.04
CA PRO C 80 -27.35 34.71 -9.33
C PRO C 80 -26.77 34.87 -7.93
N LEU C 81 -26.76 36.12 -7.46
CA LEU C 81 -26.26 36.39 -6.11
C LEU C 81 -27.10 35.68 -5.07
N GLU C 82 -28.42 35.69 -5.24
CA GLU C 82 -29.34 35.00 -4.34
C GLU C 82 -30.41 34.30 -5.19
N TYR C 83 -31.00 33.26 -4.61
CA TYR C 83 -32.04 32.50 -5.30
C TYR C 83 -33.10 32.08 -4.28
N LYS C 84 -34.26 32.73 -4.34
CA LYS C 84 -35.39 32.41 -3.46
C LYS C 84 -34.96 32.39 -1.99
N GLY C 85 -34.25 33.43 -1.59
CA GLY C 85 -33.80 33.56 -0.23
C GLY C 85 -32.59 32.74 0.13
N ILE C 86 -31.91 32.17 -0.85
CA ILE C 86 -30.69 31.38 -0.65
C ILE C 86 -29.55 32.11 -1.32
N GLN C 87 -28.58 32.56 -0.53
CA GLN C 87 -27.40 33.22 -1.09
C GLN C 87 -26.46 32.17 -1.63
N LEU C 88 -26.12 32.27 -2.92
CA LEU C 88 -25.30 31.28 -3.58
C LEU C 88 -23.84 31.67 -3.66
N LYS C 89 -23.53 32.96 -3.71
CA LYS C 89 -22.15 33.42 -3.87
C LYS C 89 -21.91 34.60 -2.92
N THR C 90 -20.64 34.78 -2.57
CA THR C 90 -20.26 35.95 -1.78
C THR C 90 -20.42 37.21 -2.61
N ASN C 91 -20.77 38.30 -1.95
CA ASN C 91 -20.98 39.57 -2.62
C ASN C 91 -19.66 40.20 -3.02
N LYS C 98 -9.75 39.05 -3.73
CA LYS C 98 -10.18 38.43 -2.47
C LYS C 98 -10.50 36.95 -2.70
N GLY C 99 -11.15 36.66 -3.82
CA GLY C 99 -11.50 35.28 -4.17
C GLY C 99 -12.94 34.95 -3.88
N GLN C 100 -13.77 34.95 -4.93
CA GLN C 100 -15.19 34.71 -4.74
C GLN C 100 -15.45 33.27 -4.31
N MET C 101 -16.35 33.10 -3.34
CA MET C 101 -16.72 31.80 -2.83
C MET C 101 -18.22 31.59 -3.03
N CYS C 102 -18.60 30.35 -3.26
CA CYS C 102 -20.00 29.99 -3.49
C CYS C 102 -20.38 28.82 -2.58
N SER C 103 -21.69 28.60 -2.48
CA SER C 103 -22.21 27.49 -1.72
C SER C 103 -22.45 26.29 -2.62
N ILE C 104 -22.66 25.13 -2.00
CA ILE C 104 -23.04 23.93 -2.76
C ILE C 104 -24.39 24.13 -3.42
N ALA C 105 -25.25 24.95 -2.82
CA ALA C 105 -26.50 25.32 -3.47
C ALA C 105 -26.24 26.01 -4.80
N ALA C 106 -25.10 26.69 -4.94
CA ALA C 106 -24.75 27.27 -6.23
C ALA C 106 -24.52 26.19 -7.28
N VAL C 107 -23.85 25.10 -6.89
CA VAL C 107 -23.66 23.97 -7.81
C VAL C 107 -25.00 23.37 -8.19
N THR C 108 -25.88 23.18 -7.19
CA THR C 108 -27.20 22.64 -7.49
C THR C 108 -27.97 23.55 -8.44
N TRP C 109 -27.90 24.87 -8.21
CA TRP C 109 -28.59 25.80 -9.09
C TRP C 109 -28.03 25.73 -10.49
N TRP C 110 -26.71 25.60 -10.64
CA TRP C 110 -26.14 25.46 -11.97
C TRP C 110 -26.66 24.20 -12.65
N ASN C 111 -26.73 23.10 -11.91
CA ASN C 111 -27.24 21.86 -12.49
C ASN C 111 -28.72 21.94 -12.81
N THR C 112 -29.46 22.86 -12.18
CA THR C 112 -30.90 22.96 -12.42
C THR C 112 -31.25 23.96 -13.52
N TYR C 113 -30.65 25.15 -13.49
CA TYR C 113 -31.00 26.23 -14.40
C TYR C 113 -29.81 26.82 -15.15
N GLY C 114 -28.63 26.23 -15.02
CA GLY C 114 -27.44 26.77 -15.63
C GLY C 114 -27.46 26.61 -17.14
N PRO C 115 -26.52 27.28 -17.83
CA PRO C 115 -26.46 27.15 -19.29
C PRO C 115 -26.17 25.71 -19.72
N ILE C 116 -26.72 25.34 -20.86
CA ILE C 116 -26.52 24.00 -21.40
C ILE C 116 -25.28 24.00 -22.28
N GLY C 117 -24.35 23.08 -22.00
CA GLY C 117 -23.10 23.02 -22.72
C GLY C 117 -22.95 21.78 -23.56
N ASP C 118 -21.95 21.78 -24.44
CA ASP C 118 -21.70 20.64 -25.30
C ASP C 118 -20.85 19.60 -24.56
N THR C 119 -21.30 18.36 -24.56
CA THR C 119 -20.68 17.29 -23.79
C THR C 119 -19.72 16.43 -24.61
N GLU C 120 -19.13 16.98 -25.68
CA GLU C 120 -18.24 16.19 -26.52
C GLU C 120 -16.99 15.75 -25.74
N GLY C 121 -16.47 16.63 -24.89
CA GLY C 121 -15.24 16.35 -24.19
C GLY C 121 -15.32 15.18 -23.25
N PHE C 122 -16.40 15.12 -22.46
CA PHE C 122 -16.55 14.05 -21.48
C PHE C 122 -16.63 12.69 -22.17
N GLU C 123 -17.36 12.63 -23.29
CA GLU C 123 -17.52 11.38 -24.01
C GLU C 123 -16.17 10.85 -24.49
N ARG C 124 -15.26 11.75 -24.86
CA ARG C 124 -13.97 11.35 -25.40
C ARG C 124 -12.96 11.06 -24.31
N VAL C 125 -12.91 11.91 -23.26
CA VAL C 125 -11.88 11.75 -22.23
C VAL C 125 -12.07 10.45 -21.46
N TYR C 126 -13.31 10.02 -21.24
CA TYR C 126 -13.61 8.85 -20.42
C TYR C 126 -14.10 7.68 -21.27
N GLU C 127 -13.57 7.54 -22.49
CA GLU C 127 -13.98 6.44 -23.35
C GLU C 127 -13.66 5.08 -22.72
N SER C 128 -12.59 5.00 -21.95
CA SER C 128 -12.23 3.73 -21.31
C SER C 128 -13.33 3.28 -20.35
N PHE C 129 -13.88 4.22 -19.58
CA PHE C 129 -14.97 3.88 -18.66
C PHE C 129 -16.24 3.49 -19.41
N PHE C 130 -16.50 4.13 -20.55
CA PHE C 130 -17.66 3.73 -21.36
C PHE C 130 -17.48 2.34 -21.93
N LEU C 131 -16.25 1.99 -22.34
CA LEU C 131 -15.98 0.61 -22.75
C LEU C 131 -16.17 -0.35 -21.61
N ARG C 132 -15.75 0.05 -20.40
CA ARG C 132 -15.99 -0.77 -19.22
C ARG C 132 -17.49 -1.02 -19.01
N LYS C 133 -18.28 0.04 -19.10
CA LYS C 133 -19.73 -0.09 -18.93
C LYS C 133 -20.34 -0.97 -20.01
N MET C 134 -19.90 -0.80 -21.26
CA MET C 134 -20.41 -1.64 -22.35
C MET C 134 -20.04 -3.10 -22.13
N ARG C 135 -18.82 -3.36 -21.67
CA ARG C 135 -18.41 -4.72 -21.37
C ARG C 135 -19.28 -5.33 -20.29
N LEU C 136 -19.64 -4.53 -19.28
CA LEU C 136 -20.58 -5.01 -18.26
C LEU C 136 -21.96 -5.27 -18.84
N ASP C 137 -22.45 -4.37 -19.69
CA ASP C 137 -23.83 -4.46 -20.17
C ASP C 137 -24.01 -5.65 -21.11
N ASN C 138 -23.05 -5.90 -21.98
CA ASN C 138 -23.14 -7.01 -22.93
C ASN C 138 -22.53 -8.28 -22.35
N ALA C 139 -22.92 -8.62 -21.13
CA ALA C 139 -22.38 -9.77 -20.43
C ALA C 139 -23.52 -10.68 -19.98
N THR C 140 -23.22 -11.97 -19.89
CA THR C 140 -24.16 -12.97 -19.44
C THR C 140 -23.70 -13.51 -18.09
N TRP C 141 -24.66 -13.84 -17.24
CA TRP C 141 -24.40 -14.38 -15.92
C TRP C 141 -24.88 -15.82 -15.86
N GLY C 142 -24.01 -16.71 -15.42
CA GLY C 142 -24.35 -18.10 -15.20
C GLY C 142 -24.88 -18.32 -13.80
N ARG C 143 -24.86 -19.58 -13.39
CA ARG C 143 -25.33 -19.94 -12.07
C ARG C 143 -24.35 -19.48 -11.00
N ILE C 144 -24.77 -19.58 -9.74
CA ILE C 144 -23.90 -19.37 -8.59
C ILE C 144 -23.80 -20.69 -7.85
N THR C 145 -22.57 -21.12 -7.58
CA THR C 145 -22.32 -22.37 -6.86
C THR C 145 -21.70 -22.06 -5.50
N PHE C 146 -22.03 -22.90 -4.53
CA PHE C 146 -21.50 -22.78 -3.17
C PHE C 146 -20.57 -23.95 -2.90
N GLY C 147 -19.35 -23.65 -2.50
CA GLY C 147 -18.35 -24.66 -2.23
C GLY C 147 -16.99 -24.06 -2.04
N PRO C 148 -16.02 -24.86 -1.61
CA PRO C 148 -14.67 -24.34 -1.39
C PRO C 148 -14.07 -23.78 -2.69
N VAL C 149 -13.39 -22.64 -2.55
CA VAL C 149 -12.73 -21.98 -3.66
C VAL C 149 -11.33 -21.62 -3.20
N GLU C 150 -10.33 -22.38 -3.68
CA GLU C 150 -8.94 -22.07 -3.34
C GLU C 150 -8.45 -20.98 -4.29
N ARG C 151 -7.99 -19.87 -3.72
CA ARG C 151 -7.54 -18.72 -4.49
C ARG C 151 -6.05 -18.52 -4.29
N VAL C 152 -5.37 -18.11 -5.35
CA VAL C 152 -3.93 -17.87 -5.33
C VAL C 152 -3.69 -16.42 -5.67
N ARG C 153 -2.72 -15.80 -5.00
CA ARG C 153 -2.42 -14.39 -5.20
C ARG C 153 -1.41 -14.26 -6.35
N LYS C 154 -1.84 -13.64 -7.43
CA LYS C 154 -1.02 -13.47 -8.63
C LYS C 154 -1.03 -12.01 -9.05
N ARG C 155 0.05 -11.60 -9.70
CA ARG C 155 0.13 -10.26 -10.29
C ARG C 155 -0.63 -10.31 -11.62
N VAL C 156 -1.75 -9.59 -11.69
CA VAL C 156 -2.65 -9.65 -12.84
C VAL C 156 -2.97 -8.23 -13.31
N LEU C 157 -3.39 -8.15 -14.55
CA LEU C 157 -3.79 -6.89 -15.16
C LEU C 157 -5.20 -6.50 -14.72
N LEU C 158 -5.39 -5.22 -14.39
CA LEU C 158 -6.67 -4.76 -13.87
C LEU C 158 -7.66 -4.48 -14.99
N ASN C 159 -7.25 -3.69 -15.99
CA ASN C 159 -8.16 -3.25 -17.03
C ASN C 159 -7.64 -3.65 -18.41
N PRO C 160 -8.50 -4.12 -19.30
CA PRO C 160 -8.04 -4.45 -20.66
C PRO C 160 -7.52 -3.24 -21.39
N LEU C 161 -6.51 -3.46 -22.24
CA LEU C 161 -5.96 -2.43 -23.11
C LEU C 161 -5.76 -3.02 -24.49
N THR C 162 -6.21 -2.30 -25.52
CA THR C 162 -5.99 -2.77 -26.88
C THR C 162 -4.51 -2.80 -27.23
N LYS C 163 -3.78 -1.75 -26.87
CA LYS C 163 -2.33 -1.69 -27.04
C LYS C 163 -1.71 -1.37 -25.70
N GLU C 164 -0.72 -2.15 -25.30
CA GLU C 164 -0.06 -2.00 -24.01
C GLU C 164 1.44 -1.82 -24.21
N MET C 165 2.03 -0.89 -23.47
CA MET C 165 3.45 -0.64 -23.48
C MET C 165 3.87 -0.26 -22.06
N PRO C 166 5.16 -0.40 -21.73
CA PRO C 166 5.61 0.00 -20.41
C PRO C 166 5.53 1.50 -20.23
N PRO C 167 5.49 1.99 -18.98
CA PRO C 167 5.22 3.42 -18.77
C PRO C 167 6.17 4.37 -19.50
N ASP C 168 7.45 4.04 -19.62
CA ASP C 168 8.38 4.96 -20.29
C ASP C 168 8.02 5.13 -21.76
N GLU C 169 7.76 4.02 -22.46
CA GLU C 169 7.37 4.09 -23.85
C GLU C 169 6.06 4.88 -24.01
N ALA C 170 5.10 4.63 -23.12
CA ALA C 170 3.84 5.35 -23.19
C ALA C 170 4.05 6.84 -22.98
N SER C 171 4.91 7.22 -22.04
CA SER C 171 5.19 8.63 -21.80
C SER C 171 5.84 9.28 -23.01
N ASN C 172 6.79 8.59 -23.64
CA ASN C 172 7.40 9.13 -24.85
C ASN C 172 6.37 9.31 -25.96
N VAL C 173 5.50 8.31 -26.13
CA VAL C 173 4.47 8.40 -27.17
C VAL C 173 3.53 9.56 -26.89
N ILE C 174 3.15 9.75 -25.62
CA ILE C 174 2.23 10.82 -25.27
C ILE C 174 2.89 12.18 -25.49
N MET C 175 4.17 12.30 -25.13
CA MET C 175 4.87 13.55 -25.41
C MET C 175 4.92 13.82 -26.91
N GLU C 176 5.12 12.77 -27.70
CA GLU C 176 5.10 12.95 -29.16
C GLU C 176 3.74 13.42 -29.65
N ILE C 177 2.66 12.84 -29.10
CA ILE C 177 1.32 13.15 -29.59
C ILE C 177 0.91 14.57 -29.19
N LEU C 178 1.13 14.92 -27.92
CA LEU C 178 0.58 16.15 -27.36
C LEU C 178 1.56 17.30 -27.31
N PHE C 179 2.85 17.03 -27.07
CA PHE C 179 3.87 18.07 -26.97
C PHE C 179 5.06 17.71 -27.84
N PRO C 180 4.85 17.62 -29.16
CA PRO C 180 5.97 17.25 -30.05
C PRO C 180 7.14 18.21 -30.00
N LYS C 181 6.89 19.50 -29.79
CA LYS C 181 7.96 20.48 -29.79
C LYS C 181 8.95 20.21 -28.66
N GLU C 182 8.44 20.11 -27.43
CA GLU C 182 9.30 19.91 -26.26
C GLU C 182 9.33 18.44 -25.87
N ALA C 183 9.74 17.60 -26.83
CA ALA C 183 9.83 16.16 -26.61
C ALA C 183 11.27 15.65 -26.49
N GLY C 184 12.25 16.40 -26.98
CA GLY C 184 13.64 16.05 -26.77
C GLY C 184 14.18 15.03 -27.75
N ILE C 185 15.02 14.12 -27.26
CA ILE C 185 15.69 13.15 -28.14
C ILE C 185 14.66 12.20 -28.72
N PRO C 186 14.68 11.92 -30.04
CA PRO C 186 13.79 10.89 -30.58
C PRO C 186 14.24 9.47 -30.25
N ARG C 187 13.86 8.98 -29.08
CA ARG C 187 14.26 7.64 -28.66
C ARG C 187 13.80 6.60 -29.68
N GLU C 188 14.71 5.71 -30.06
CA GLU C 188 14.39 4.69 -31.07
C GLU C 188 13.27 3.77 -30.62
N SER C 189 13.07 3.61 -29.32
CA SER C 189 12.01 2.74 -28.83
C SER C 189 10.63 3.16 -29.31
N THR C 190 10.47 4.44 -29.68
CA THR C 190 9.19 4.93 -30.16
C THR C 190 8.91 4.52 -31.60
N TRP C 191 9.91 3.99 -32.31
CA TRP C 191 9.74 3.67 -33.73
C TRP C 191 8.51 2.81 -33.96
N ILE C 192 8.39 1.71 -33.21
CA ILE C 192 7.30 0.77 -33.44
C ILE C 192 5.95 1.46 -33.38
N HIS C 193 5.85 2.54 -32.61
CA HIS C 193 4.57 3.21 -32.39
C HIS C 193 4.37 4.45 -33.24
N ARG C 194 5.32 4.78 -34.11
CA ARG C 194 5.23 6.03 -34.88
C ARG C 194 3.88 6.15 -35.57
N GLU C 195 3.48 5.10 -36.30
CA GLU C 195 2.19 5.15 -36.98
C GLU C 195 1.08 5.50 -36.01
N LEU C 196 1.02 4.79 -34.87
CA LEU C 196 0.00 5.08 -33.86
C LEU C 196 -0.02 6.57 -33.53
N ILE C 197 1.16 7.16 -33.35
CA ILE C 197 1.23 8.57 -32.98
C ILE C 197 0.45 9.40 -33.99
N LYS C 198 0.72 9.18 -35.28
CA LYS C 198 0.01 9.94 -36.31
C LYS C 198 -1.49 9.80 -36.11
N GLU C 199 -1.97 8.58 -35.93
CA GLU C 199 -3.39 8.36 -35.75
C GLU C 199 -3.93 9.21 -34.61
N LYS C 200 -3.22 9.21 -33.48
CA LYS C 200 -3.69 10.01 -32.34
C LYS C 200 -3.66 11.49 -32.69
N ARG C 201 -2.60 11.94 -33.35
CA ARG C 201 -2.55 13.35 -33.74
C ARG C 201 -3.67 13.70 -34.70
N GLU C 202 -4.26 12.69 -35.36
CA GLU C 202 -5.41 12.95 -36.21
C GLU C 202 -6.64 13.29 -35.37
N LYS C 203 -6.84 12.56 -34.27
CA LYS C 203 -8.07 12.72 -33.49
C LYS C 203 -8.06 13.97 -32.64
N LEU C 204 -6.88 14.45 -32.23
CA LEU C 204 -6.77 15.55 -31.29
C LEU C 204 -6.31 16.84 -31.95
N LYS C 205 -6.44 16.96 -33.28
CA LYS C 205 -5.91 18.13 -33.96
C LYS C 205 -6.60 19.40 -33.49
N GLY C 206 -7.92 19.38 -33.36
CA GLY C 206 -8.67 20.58 -33.01
C GLY C 206 -9.48 20.44 -31.74
N THR C 207 -8.92 19.78 -30.73
CA THR C 207 -9.61 19.61 -29.46
C THR C 207 -9.25 20.76 -28.51
N MET C 208 -10.24 21.22 -27.76
CA MET C 208 -10.07 22.31 -26.82
C MET C 208 -9.91 21.82 -25.39
N ILE C 209 -9.67 20.54 -25.19
CA ILE C 209 -9.48 19.98 -23.85
C ILE C 209 -8.07 20.28 -23.38
N THR C 210 -7.92 20.49 -22.07
CA THR C 210 -6.62 20.81 -21.52
C THR C 210 -5.64 19.66 -21.80
N PRO C 211 -4.42 19.94 -22.25
CA PRO C 211 -3.54 18.85 -22.70
C PRO C 211 -3.23 17.81 -21.63
N ILE C 212 -3.17 18.18 -20.36
CA ILE C 212 -2.81 17.23 -19.31
C ILE C 212 -3.91 16.17 -19.15
N VAL C 213 -5.17 16.58 -19.26
CA VAL C 213 -6.27 15.62 -19.21
C VAL C 213 -6.17 14.64 -20.37
N LEU C 214 -5.85 15.15 -21.57
CA LEU C 214 -5.65 14.25 -22.71
C LEU C 214 -4.49 13.32 -22.48
N ALA C 215 -3.42 13.80 -21.85
CA ALA C 215 -2.26 12.96 -21.58
C ALA C 215 -2.63 11.81 -20.66
N TYR C 216 -3.41 12.09 -19.61
CA TYR C 216 -3.79 11.00 -18.71
C TYR C 216 -4.87 10.11 -19.32
N MET C 217 -5.69 10.64 -20.24
CA MET C 217 -6.55 9.78 -21.04
C MET C 217 -5.71 8.78 -21.84
N LEU C 218 -4.67 9.27 -22.51
CA LEU C 218 -3.81 8.40 -23.30
C LEU C 218 -3.10 7.39 -22.40
N GLU C 219 -2.66 7.81 -21.22
CA GLU C 219 -2.04 6.88 -20.29
C GLU C 219 -3.02 5.79 -19.88
N ARG C 220 -4.26 6.20 -19.62
CA ARG C 220 -5.38 5.31 -19.23
C ARG C 220 -5.60 4.29 -20.36
N GLU C 221 -5.40 4.72 -21.61
CA GLU C 221 -5.58 3.86 -22.78
C GLU C 221 -4.38 2.97 -23.06
N LEU C 222 -3.17 3.38 -22.66
CA LEU C 222 -1.93 2.72 -23.02
C LEU C 222 -1.22 2.06 -21.85
N VAL C 223 -1.06 2.77 -20.74
CA VAL C 223 -0.29 2.26 -19.62
C VAL C 223 -1.10 1.23 -18.86
N ALA C 224 -0.47 0.11 -18.54
CA ALA C 224 -1.13 -0.97 -17.83
C ALA C 224 -0.97 -0.82 -16.32
N ARG C 225 -1.99 -1.26 -15.59
CA ARG C 225 -1.96 -1.32 -14.13
C ARG C 225 -2.04 -2.79 -13.73
N ARG C 226 -0.96 -3.29 -13.13
CA ARG C 226 -0.89 -4.68 -12.69
C ARG C 226 -0.75 -4.71 -11.18
N ARG C 227 -1.59 -5.52 -10.53
CA ARG C 227 -1.62 -5.60 -9.07
C ARG C 227 -1.69 -7.06 -8.66
N PHE C 228 -1.19 -7.33 -7.45
CA PHE C 228 -1.33 -8.66 -6.85
C PHE C 228 -2.73 -8.81 -6.29
N LEU C 229 -3.48 -9.78 -6.81
CA LEU C 229 -4.84 -10.02 -6.39
C LEU C 229 -5.06 -11.52 -6.24
N PRO C 230 -5.99 -11.93 -5.36
CA PRO C 230 -6.37 -13.34 -5.29
C PRO C 230 -7.32 -13.71 -6.42
N VAL C 231 -6.95 -14.75 -7.18
CA VAL C 231 -7.70 -15.18 -8.35
C VAL C 231 -7.87 -16.69 -8.27
N ALA C 232 -8.88 -17.19 -9.00
CA ALA C 232 -9.17 -18.62 -9.09
C ALA C 232 -9.70 -18.94 -10.48
N GLY C 233 -8.79 -19.22 -11.40
CA GLY C 233 -9.16 -19.77 -12.70
C GLY C 233 -9.58 -18.77 -13.75
N ALA C 234 -9.44 -17.46 -13.52
CA ALA C 234 -9.79 -16.44 -14.52
C ALA C 234 -8.92 -15.22 -14.25
N THR C 235 -7.85 -15.08 -15.03
CA THR C 235 -6.86 -14.03 -14.82
C THR C 235 -6.89 -12.95 -15.90
N SER C 236 -7.70 -13.11 -16.94
CA SER C 236 -7.79 -12.09 -17.98
C SER C 236 -8.41 -10.81 -17.42
N ALA C 237 -7.95 -9.68 -17.95
CA ALA C 237 -8.37 -8.38 -17.41
C ALA C 237 -9.89 -8.23 -17.45
N GLU C 238 -10.53 -8.75 -18.50
CA GLU C 238 -11.99 -8.70 -18.57
C GLU C 238 -12.62 -9.36 -17.35
N PHE C 239 -11.98 -10.39 -16.80
CA PHE C 239 -12.47 -11.04 -15.60
C PHE C 239 -11.98 -10.36 -14.33
N ILE C 240 -10.79 -9.78 -14.34
CA ILE C 240 -10.31 -9.05 -13.17
C ILE C 240 -11.19 -7.83 -12.90
N GLU C 241 -11.81 -7.27 -13.95
CA GLU C 241 -12.71 -6.15 -13.74
C GLU C 241 -13.88 -6.54 -12.85
N MET C 242 -14.38 -7.76 -13.00
CA MET C 242 -15.53 -8.26 -12.25
C MET C 242 -15.13 -9.18 -11.10
N LEU C 243 -13.83 -9.32 -10.84
CA LEU C 243 -13.31 -10.19 -9.80
C LEU C 243 -14.14 -10.15 -8.51
N HIS C 244 -14.55 -8.96 -8.07
CA HIS C 244 -15.30 -8.85 -6.83
C HIS C 244 -16.59 -9.64 -6.88
N CYS C 245 -17.19 -9.77 -8.06
CA CYS C 245 -18.40 -10.57 -8.23
C CYS C 245 -18.12 -11.98 -8.71
N LEU C 246 -16.91 -12.26 -9.20
CA LEU C 246 -16.63 -13.58 -9.76
C LEU C 246 -16.70 -14.67 -8.69
N GLN C 247 -15.99 -14.50 -7.58
CA GLN C 247 -16.01 -15.52 -6.54
C GLN C 247 -15.55 -14.91 -5.22
N GLY C 248 -15.90 -15.60 -4.14
CA GLY C 248 -15.35 -15.31 -2.84
C GLY C 248 -14.48 -16.46 -2.38
N GLU C 249 -14.48 -16.74 -1.08
CA GLU C 249 -13.79 -17.91 -0.57
C GLU C 249 -14.66 -19.15 -0.53
N ASN C 250 -15.99 -18.99 -0.66
CA ASN C 250 -16.92 -20.08 -0.49
C ASN C 250 -17.99 -20.14 -1.58
N TRP C 251 -17.85 -19.37 -2.65
CA TRP C 251 -18.84 -19.36 -3.71
C TRP C 251 -18.18 -18.93 -5.01
N ARG C 252 -18.79 -19.36 -6.12
CA ARG C 252 -18.35 -19.03 -7.46
C ARG C 252 -19.54 -18.51 -8.26
N GLN C 253 -19.29 -17.46 -9.05
CA GLN C 253 -20.31 -16.86 -9.90
C GLN C 253 -19.82 -16.92 -11.33
N ILE C 254 -20.51 -17.72 -12.16
CA ILE C 254 -20.15 -17.80 -13.57
C ILE C 254 -20.45 -16.48 -14.25
N TYR C 255 -19.50 -15.99 -15.04
CA TYR C 255 -19.60 -14.69 -15.67
C TYR C 255 -19.04 -14.78 -17.08
N HIS C 256 -19.75 -14.19 -18.04
CA HIS C 256 -19.33 -14.15 -19.44
C HIS C 256 -19.22 -12.69 -19.87
N PRO C 257 -18.03 -12.10 -19.82
CA PRO C 257 -17.92 -10.68 -20.18
C PRO C 257 -18.21 -10.45 -21.66
N GLY C 258 -18.66 -9.23 -21.96
CA GLY C 258 -18.89 -8.83 -23.32
C GLY C 258 -17.62 -8.40 -24.03
N GLY C 259 -17.75 -8.14 -25.33
CA GLY C 259 -16.62 -7.74 -26.14
C GLY C 259 -16.00 -8.89 -26.88
N ASN C 260 -14.67 -8.84 -27.05
CA ASN C 260 -13.93 -9.87 -27.76
C ASN C 260 -12.71 -10.27 -26.95
N LYS C 261 -12.31 -11.53 -27.09
CA LYS C 261 -11.19 -12.09 -26.36
C LYS C 261 -10.10 -12.53 -27.34
N LEU C 262 -8.85 -12.38 -26.91
CA LEU C 262 -7.71 -12.71 -27.77
C LEU C 262 -7.60 -14.22 -27.96
N THR C 263 -6.96 -14.60 -29.06
CA THR C 263 -6.73 -16.01 -29.34
C THR C 263 -5.73 -16.63 -28.36
N GLU C 264 -4.76 -15.84 -27.90
CA GLU C 264 -3.78 -16.35 -26.95
C GLU C 264 -4.45 -16.77 -25.64
N SER C 265 -5.40 -15.96 -25.17
CA SER C 265 -6.13 -16.32 -23.96
C SER C 265 -6.89 -17.62 -24.15
N ARG C 266 -7.54 -17.79 -25.30
CA ARG C 266 -8.28 -19.03 -25.56
C ARG C 266 -7.34 -20.22 -25.59
N SER C 267 -6.19 -20.09 -26.25
CA SER C 267 -5.25 -21.19 -26.32
C SER C 267 -4.73 -21.57 -24.94
N GLN C 268 -4.37 -20.56 -24.13
CA GLN C 268 -3.88 -20.85 -22.78
C GLN C 268 -4.96 -21.52 -21.94
N SER C 269 -6.19 -21.02 -22.01
CA SER C 269 -7.27 -21.61 -21.23
C SER C 269 -7.55 -23.04 -21.65
N MET C 270 -7.52 -23.32 -22.95
CA MET C 270 -7.75 -24.68 -23.40
C MET C 270 -6.60 -25.60 -22.99
N ILE C 271 -5.36 -25.09 -22.99
CA ILE C 271 -4.25 -25.89 -22.49
C ILE C 271 -4.47 -26.25 -21.02
N VAL C 272 -4.88 -25.27 -20.22
CA VAL C 272 -5.12 -25.54 -18.80
C VAL C 272 -6.24 -26.57 -18.64
N ALA C 273 -7.33 -26.40 -19.40
CA ALA C 273 -8.45 -27.32 -19.29
C ALA C 273 -8.04 -28.74 -19.68
N CYS C 274 -7.29 -28.88 -20.77
CA CYS C 274 -6.86 -30.21 -21.20
C CYS C 274 -5.94 -30.85 -20.19
N ARG C 275 -5.01 -30.08 -19.62
CA ARG C 275 -4.13 -30.63 -18.59
C ARG C 275 -4.94 -31.12 -17.39
N LYS C 276 -5.92 -30.33 -16.95
CA LYS C 276 -6.75 -30.76 -15.82
C LYS C 276 -7.53 -32.02 -16.17
N ILE C 277 -8.06 -32.10 -17.39
CA ILE C 277 -8.83 -33.27 -17.80
C ILE C 277 -7.95 -34.51 -17.77
N ILE C 278 -6.72 -34.41 -18.30
CA ILE C 278 -5.83 -35.56 -18.31
C ILE C 278 -5.47 -35.96 -16.89
N ARG C 279 -5.18 -34.98 -16.03
CA ARG C 279 -4.82 -35.30 -14.65
C ARG C 279 -5.96 -36.02 -13.94
N ARG C 280 -7.20 -35.59 -14.16
CA ARG C 280 -8.33 -36.30 -13.57
C ARG C 280 -8.49 -37.69 -14.17
N SER C 281 -8.30 -37.81 -15.48
CA SER C 281 -8.65 -39.05 -16.19
C SER C 281 -7.64 -40.16 -15.96
N ILE C 282 -6.36 -39.82 -15.81
CA ILE C 282 -5.32 -40.86 -15.79
C ILE C 282 -5.56 -41.85 -14.65
N VAL C 283 -6.01 -41.36 -13.49
CA VAL C 283 -6.17 -42.25 -12.35
C VAL C 283 -7.43 -43.12 -12.45
N ALA C 284 -8.30 -42.87 -13.42
CA ALA C 284 -9.55 -43.61 -13.51
C ALA C 284 -9.37 -44.90 -14.30
N SER C 285 -10.33 -45.81 -14.13
CA SER C 285 -10.38 -47.00 -14.97
C SER C 285 -10.92 -46.62 -16.33
N ASN C 286 -10.23 -47.06 -17.38
CA ASN C 286 -10.53 -46.60 -18.72
C ASN C 286 -10.37 -45.09 -18.77
N PRO C 287 -9.14 -44.58 -18.67
CA PRO C 287 -8.95 -43.12 -18.71
C PRO C 287 -9.46 -42.48 -20.00
N LEU C 288 -9.42 -43.18 -21.12
CA LEU C 288 -9.86 -42.59 -22.38
C LEU C 288 -11.35 -42.23 -22.33
N GLU C 289 -12.17 -43.15 -21.84
CA GLU C 289 -13.61 -42.92 -21.80
C GLU C 289 -13.94 -41.74 -20.90
N LEU C 290 -13.33 -41.69 -19.72
CA LEU C 290 -13.58 -40.57 -18.80
C LEU C 290 -13.08 -39.26 -19.39
N ALA C 291 -11.93 -39.29 -20.06
CA ALA C 291 -11.40 -38.07 -20.69
C ALA C 291 -12.35 -37.55 -21.75
N VAL C 292 -12.88 -38.44 -22.59
CA VAL C 292 -13.83 -38.02 -23.61
C VAL C 292 -15.09 -37.46 -22.97
N GLU C 293 -15.59 -38.15 -21.94
CA GLU C 293 -16.81 -37.70 -21.27
C GLU C 293 -16.65 -36.32 -20.68
N ILE C 294 -15.51 -36.06 -20.02
CA ILE C 294 -15.28 -34.75 -19.44
C ILE C 294 -15.08 -33.70 -20.53
N ALA C 295 -14.31 -34.02 -21.56
CA ALA C 295 -14.00 -33.04 -22.60
C ALA C 295 -15.25 -32.61 -23.34
N ASN C 296 -16.18 -33.54 -23.61
CA ASN C 296 -17.38 -33.18 -24.33
C ASN C 296 -18.24 -32.18 -23.57
N LYS C 297 -18.06 -32.06 -22.26
CA LYS C 297 -18.85 -31.15 -21.43
C LYS C 297 -18.04 -29.95 -20.94
N THR C 298 -16.86 -29.71 -21.49
CA THR C 298 -16.00 -28.63 -21.05
C THR C 298 -16.21 -27.41 -21.94
N VAL C 299 -16.36 -26.24 -21.31
CA VAL C 299 -16.59 -24.99 -22.01
C VAL C 299 -15.49 -24.01 -21.60
N ILE C 300 -14.83 -23.43 -22.59
CA ILE C 300 -13.82 -22.39 -22.36
C ILE C 300 -14.57 -21.06 -22.45
N ASP C 301 -14.94 -20.53 -21.30
CA ASP C 301 -15.73 -19.31 -21.21
C ASP C 301 -17.14 -19.56 -21.75
N THR C 302 -17.35 -19.41 -23.05
CA THR C 302 -18.66 -19.60 -23.64
C THR C 302 -18.55 -20.35 -24.96
N GLU C 303 -17.62 -21.31 -25.04
CA GLU C 303 -17.48 -22.10 -26.24
C GLU C 303 -17.02 -23.52 -25.89
N PRO C 304 -17.56 -24.55 -26.55
CA PRO C 304 -17.17 -25.92 -26.21
C PRO C 304 -15.68 -26.15 -26.43
N LEU C 305 -15.11 -27.04 -25.60
CA LEU C 305 -13.69 -27.34 -25.70
C LEU C 305 -13.34 -27.95 -27.06
N LYS C 306 -14.21 -28.81 -27.58
CA LYS C 306 -13.94 -29.43 -28.87
C LYS C 306 -13.85 -28.39 -29.97
N SER C 307 -14.78 -27.43 -29.98
CA SER C 307 -14.74 -26.38 -31.00
C SER C 307 -13.48 -25.54 -30.88
N CYS C 308 -13.10 -25.19 -29.65
CA CYS C 308 -11.90 -24.39 -29.43
C CYS C 308 -10.66 -25.14 -29.92
N LEU C 309 -10.58 -26.44 -29.64
CA LEU C 309 -9.47 -27.24 -30.14
C LEU C 309 -9.47 -27.28 -31.67
N ALA C 310 -10.65 -27.41 -32.27
CA ALA C 310 -10.73 -27.45 -33.73
C ALA C 310 -10.26 -26.14 -34.34
N ALA C 311 -10.59 -25.01 -33.73
CA ALA C 311 -10.29 -23.71 -34.32
C ALA C 311 -8.82 -23.33 -34.15
N ILE C 312 -8.35 -23.29 -32.90
CA ILE C 312 -7.00 -22.79 -32.62
C ILE C 312 -5.98 -23.75 -33.19
N ASP C 313 -4.94 -23.20 -33.82
CA ASP C 313 -3.84 -24.00 -34.39
C ASP C 313 -2.67 -23.95 -33.41
N GLY C 314 -2.76 -24.78 -32.37
CA GLY C 314 -1.71 -24.83 -31.38
C GLY C 314 -2.14 -25.64 -30.18
N GLY C 315 -1.32 -25.59 -29.14
CA GLY C 315 -1.58 -26.30 -27.91
C GLY C 315 -0.35 -26.97 -27.34
N ASP C 316 -0.54 -28.04 -26.59
CA ASP C 316 0.56 -28.80 -25.99
C ASP C 316 0.22 -30.28 -26.10
N VAL C 317 0.99 -31.11 -25.39
CA VAL C 317 0.77 -32.55 -25.46
C VAL C 317 -0.64 -32.89 -25.01
N ALA C 318 -1.10 -32.28 -23.92
CA ALA C 318 -2.45 -32.57 -23.44
C ALA C 318 -3.51 -32.18 -24.46
N CYS C 319 -3.32 -31.03 -25.13
CA CYS C 319 -4.27 -30.61 -26.15
C CYS C 319 -4.31 -31.61 -27.30
N ASP C 320 -3.16 -32.11 -27.73
CA ASP C 320 -3.13 -33.09 -28.82
C ASP C 320 -3.79 -34.40 -28.38
N ILE C 321 -3.57 -34.81 -27.13
CA ILE C 321 -4.18 -36.04 -26.63
C ILE C 321 -5.70 -35.88 -26.58
N ILE C 322 -6.18 -34.73 -26.15
CA ILE C 322 -7.62 -34.49 -26.11
C ILE C 322 -8.19 -34.42 -27.52
N ARG C 323 -7.42 -33.85 -28.47
CA ARG C 323 -7.85 -33.83 -29.85
C ARG C 323 -8.01 -35.24 -30.40
N ALA C 324 -7.03 -36.11 -30.12
CA ALA C 324 -7.11 -37.49 -30.57
C ALA C 324 -8.26 -38.23 -29.90
N ALA C 325 -8.51 -37.95 -28.62
CA ALA C 325 -9.61 -38.59 -27.92
C ALA C 325 -10.95 -38.21 -28.51
N LEU C 326 -11.07 -36.99 -29.03
CA LEU C 326 -12.31 -36.50 -29.61
C LEU C 326 -12.42 -36.80 -31.10
N GLY C 327 -11.46 -37.52 -31.68
CA GLY C 327 -11.49 -37.81 -33.10
C GLY C 327 -10.95 -36.71 -33.99
N LEU C 328 -10.29 -35.71 -33.42
CA LEU C 328 -9.75 -34.61 -34.21
C LEU C 328 -8.34 -34.92 -34.68
N LYS C 329 -7.70 -33.92 -35.27
CA LYS C 329 -6.36 -34.08 -35.82
C LYS C 329 -5.36 -33.34 -34.95
N ILE C 330 -4.29 -34.03 -34.57
CA ILE C 330 -3.30 -33.47 -33.65
C ILE C 330 -2.46 -32.45 -34.39
N ARG C 331 -2.31 -31.27 -33.81
CA ARG C 331 -1.41 -30.23 -34.29
C ARG C 331 -0.21 -30.21 -33.37
N GLN C 332 0.95 -30.59 -33.88
CA GLN C 332 2.15 -30.68 -33.06
C GLN C 332 2.90 -29.35 -33.01
N ARG C 333 2.18 -28.29 -32.65
CA ARG C 333 2.75 -26.96 -32.55
C ARG C 333 3.12 -26.66 -31.11
N GLN C 334 4.21 -25.93 -30.94
CA GLN C 334 4.69 -25.49 -29.64
C GLN C 334 5.03 -24.01 -29.72
N ARG C 335 4.84 -23.31 -28.60
CA ARG C 335 5.11 -21.88 -28.51
C ARG C 335 6.17 -21.64 -27.45
N PHE C 336 7.17 -20.83 -27.81
CA PHE C 336 8.23 -20.43 -26.89
C PHE C 336 8.33 -18.90 -26.87
N GLY C 337 7.19 -18.25 -26.71
CA GLY C 337 7.17 -16.80 -26.63
C GLY C 337 7.05 -16.11 -27.97
N ARG C 338 8.10 -16.20 -28.78
CA ARG C 338 8.18 -15.45 -30.03
C ARG C 338 8.20 -16.32 -31.28
N LEU C 339 8.41 -17.62 -31.17
CA LEU C 339 8.56 -18.49 -32.32
C LEU C 339 7.69 -19.74 -32.17
N GLU C 340 7.17 -20.21 -33.30
CA GLU C 340 6.37 -21.42 -33.35
C GLU C 340 7.25 -22.57 -33.80
N LEU C 341 7.17 -23.69 -33.09
CA LEU C 341 8.00 -24.87 -33.36
C LEU C 341 7.08 -26.04 -33.64
N LYS C 342 7.12 -26.56 -34.86
CA LYS C 342 6.33 -27.74 -35.22
C LYS C 342 7.23 -28.97 -35.23
N ARG C 343 6.84 -29.98 -34.47
CA ARG C 343 7.62 -31.21 -34.41
C ARG C 343 7.70 -31.85 -35.80
N ILE C 344 8.89 -32.33 -36.16
CA ILE C 344 9.10 -33.12 -37.36
C ILE C 344 9.39 -34.57 -37.02
N SER C 345 10.33 -34.79 -36.10
CA SER C 345 10.67 -36.12 -35.64
C SER C 345 11.35 -36.01 -34.28
N GLY C 346 11.41 -37.13 -33.59
CA GLY C 346 12.09 -37.17 -32.30
C GLY C 346 11.14 -36.95 -31.14
N ARG C 347 11.49 -37.53 -30.01
CA ARG C 347 10.71 -37.44 -28.78
C ARG C 347 11.63 -36.98 -27.65
N GLY C 348 11.20 -35.96 -26.92
CA GLY C 348 12.00 -35.38 -25.85
C GLY C 348 11.42 -35.72 -24.48
N PHE C 349 12.28 -35.76 -23.48
CA PHE C 349 11.88 -35.98 -22.09
C PHE C 349 12.49 -34.89 -21.23
N LYS C 350 11.68 -34.38 -20.31
CA LYS C 350 12.07 -33.28 -19.44
C LYS C 350 12.55 -33.83 -18.10
N ASN C 351 13.70 -33.34 -17.62
CA ASN C 351 14.26 -33.76 -16.35
C ASN C 351 14.70 -32.54 -15.56
N ASP C 352 14.47 -32.56 -14.25
CA ASP C 352 14.88 -31.46 -13.39
C ASP C 352 16.38 -31.60 -13.11
N GLU C 353 17.13 -30.51 -13.35
CA GLU C 353 18.57 -30.56 -13.12
C GLU C 353 19.06 -29.17 -12.69
N GLU C 354 20.08 -29.16 -11.85
CA GLU C 354 20.68 -27.93 -11.34
C GLU C 354 21.78 -27.50 -12.31
N ILE C 355 21.54 -26.42 -13.05
CA ILE C 355 22.46 -25.93 -14.06
C ILE C 355 23.17 -24.70 -13.51
N LEU C 356 24.48 -24.63 -13.73
CA LEU C 356 25.26 -23.47 -13.31
C LEU C 356 25.21 -22.40 -14.39
N ILE C 357 24.66 -21.25 -14.04
CA ILE C 357 24.54 -20.13 -14.97
C ILE C 357 25.87 -19.37 -14.98
N GLY C 358 26.09 -18.61 -16.05
CA GLY C 358 27.33 -17.87 -16.17
C GLY C 358 27.63 -16.98 -14.98
N ASN C 359 26.57 -16.45 -14.34
CA ASN C 359 26.75 -15.60 -13.18
C ASN C 359 27.24 -16.35 -11.96
N GLY C 360 27.24 -17.68 -11.99
CA GLY C 360 27.75 -18.48 -10.89
C GLY C 360 26.68 -19.10 -10.01
N THR C 361 25.43 -18.68 -10.15
CA THR C 361 24.35 -19.19 -9.31
C THR C 361 23.68 -20.38 -9.98
N ILE C 362 23.60 -21.48 -9.24
CA ILE C 362 22.97 -22.70 -9.75
C ILE C 362 21.45 -22.50 -9.71
N GLN C 363 20.80 -22.80 -10.82
CA GLN C 363 19.35 -22.69 -10.93
C GLN C 363 18.76 -24.02 -11.35
N LYS C 364 17.60 -24.36 -10.80
CA LYS C 364 16.90 -25.58 -11.16
C LYS C 364 16.13 -25.35 -12.45
N ILE C 365 16.46 -26.12 -13.49
CA ILE C 365 15.84 -25.96 -14.80
C ILE C 365 15.42 -27.33 -15.32
N GLY C 366 14.37 -27.32 -16.14
CA GLY C 366 13.96 -28.52 -16.84
C GLY C 366 14.70 -28.65 -18.15
N ILE C 367 15.49 -29.71 -18.29
CA ILE C 367 16.33 -29.94 -19.46
C ILE C 367 15.68 -31.05 -20.28
N TRP C 368 15.58 -30.82 -21.59
CA TRP C 368 14.95 -31.77 -22.50
C TRP C 368 16.02 -32.59 -23.19
N ASP C 369 15.95 -33.91 -23.03
CA ASP C 369 16.93 -34.82 -23.60
C ASP C 369 16.49 -35.29 -24.99
N GLY C 370 17.29 -36.14 -25.60
CA GLY C 370 16.95 -36.72 -26.88
C GLY C 370 17.25 -35.81 -28.05
N GLU C 371 17.06 -36.35 -29.24
CA GLU C 371 17.28 -35.62 -30.48
C GLU C 371 15.92 -35.29 -31.09
N GLU C 372 15.74 -34.01 -31.44
CA GLU C 372 14.45 -33.55 -31.94
C GLU C 372 14.65 -32.61 -33.12
N GLU C 373 13.66 -32.60 -34.01
CA GLU C 373 13.65 -31.78 -35.21
C GLU C 373 12.42 -30.89 -35.18
N PHE C 374 12.60 -29.60 -35.46
CA PHE C 374 11.51 -28.64 -35.37
C PHE C 374 11.53 -27.70 -36.56
N HIS C 375 10.35 -27.51 -37.17
CA HIS C 375 10.14 -26.39 -38.09
C HIS C 375 9.96 -25.14 -37.25
N VAL C 376 10.89 -24.19 -37.37
CA VAL C 376 10.93 -22.99 -36.54
C VAL C 376 10.45 -21.82 -37.39
N ARG C 377 9.50 -21.05 -36.87
CA ARG C 377 9.02 -19.85 -37.52
C ARG C 377 9.08 -18.70 -36.52
N CYS C 378 9.61 -17.56 -36.96
CA CYS C 378 9.65 -16.35 -36.15
C CYS C 378 9.40 -15.16 -37.07
N GLY C 379 8.29 -14.47 -36.86
CA GLY C 379 7.92 -13.39 -37.75
C GLY C 379 7.80 -13.87 -39.19
N GLU C 380 8.79 -13.52 -40.01
CA GLU C 380 8.86 -14.02 -41.39
C GLU C 380 9.92 -15.10 -41.56
N CYS C 381 10.95 -15.10 -40.74
CA CYS C 381 12.04 -16.06 -40.91
C CYS C 381 11.58 -17.47 -40.58
N ARG C 382 12.03 -18.43 -41.39
CA ARG C 382 11.69 -19.83 -41.23
C ARG C 382 12.98 -20.63 -41.17
N GLY C 383 12.89 -21.85 -40.65
CA GLY C 383 14.06 -22.70 -40.60
C GLY C 383 13.75 -24.08 -40.05
N ILE C 384 14.78 -24.91 -40.03
CA ILE C 384 14.72 -26.25 -39.47
C ILE C 384 15.79 -26.33 -38.37
N LEU C 385 15.37 -26.73 -37.18
CA LEU C 385 16.23 -26.79 -36.01
C LEU C 385 16.44 -28.25 -35.62
N LYS C 386 17.69 -28.68 -35.56
CA LYS C 386 18.06 -30.01 -35.09
C LYS C 386 18.73 -29.85 -33.74
N LYS C 387 18.05 -30.33 -32.69
CA LYS C 387 18.48 -30.14 -31.31
C LYS C 387 18.79 -31.49 -30.69
N SER C 388 19.72 -31.49 -29.74
CA SER C 388 20.04 -32.65 -28.93
C SER C 388 20.05 -32.24 -27.46
N LYS C 389 20.31 -33.20 -26.59
CA LYS C 389 20.32 -32.94 -25.16
C LYS C 389 21.42 -31.93 -24.81
N MET C 390 21.01 -30.77 -24.30
CA MET C 390 21.92 -29.72 -23.84
C MET C 390 22.81 -29.18 -24.94
N LYS C 391 22.51 -29.49 -26.21
CA LYS C 391 23.34 -29.05 -27.32
C LYS C 391 22.46 -28.71 -28.51
N LEU C 392 22.84 -27.64 -29.21
CA LEU C 392 22.19 -27.24 -30.46
C LEU C 392 23.01 -27.82 -31.61
N GLU C 393 22.51 -28.88 -32.23
CA GLU C 393 23.27 -29.55 -33.28
C GLU C 393 23.35 -28.70 -34.54
N LYS C 394 22.21 -28.29 -35.09
CA LYS C 394 22.23 -27.53 -36.33
C LYS C 394 20.98 -26.68 -36.45
N LEU C 395 21.07 -25.67 -37.31
CA LEU C 395 19.94 -24.79 -37.60
C LEU C 395 20.09 -24.28 -39.03
N LEU C 396 19.21 -24.75 -39.91
CA LEU C 396 19.22 -24.37 -41.32
C LEU C 396 18.15 -23.31 -41.53
N ILE C 397 18.57 -22.12 -41.97
CA ILE C 397 17.71 -20.96 -42.01
C ILE C 397 17.65 -20.41 -43.43
N ASN C 398 16.57 -19.67 -43.71
CA ASN C 398 16.39 -18.98 -44.98
C ASN C 398 16.56 -17.48 -44.78
N SER C 399 17.03 -16.81 -45.82
CA SER C 399 17.29 -15.39 -45.74
C SER C 399 15.99 -14.62 -45.52
N ALA C 400 16.01 -13.72 -44.54
CA ALA C 400 14.86 -12.88 -44.23
C ALA C 400 15.40 -11.57 -43.65
N LYS C 401 14.52 -10.80 -43.00
CA LYS C 401 14.97 -9.58 -42.35
C LYS C 401 16.08 -9.90 -41.36
N LYS C 402 17.18 -9.14 -41.46
CA LYS C 402 18.33 -9.42 -40.62
C LYS C 402 17.96 -9.39 -39.14
N GLU C 403 17.16 -8.40 -38.74
CA GLU C 403 16.73 -8.33 -37.36
C GLU C 403 15.94 -9.58 -36.98
N ASP C 404 14.92 -9.91 -37.77
CA ASP C 404 14.14 -11.12 -37.49
C ASP C 404 15.01 -12.36 -37.53
N MET C 405 15.98 -12.40 -38.44
CA MET C 405 16.89 -13.54 -38.52
C MET C 405 17.65 -13.72 -37.21
N ARG C 406 18.19 -12.63 -36.65
CA ARG C 406 18.96 -12.79 -35.43
C ARG C 406 18.06 -13.08 -34.23
N ASP C 407 16.85 -12.50 -34.16
CA ASP C 407 15.96 -12.88 -33.07
C ASP C 407 15.62 -14.36 -33.16
N LEU C 408 15.35 -14.86 -34.37
CA LEU C 408 15.06 -16.29 -34.51
C LEU C 408 16.25 -17.13 -34.10
N ILE C 409 17.46 -16.72 -34.48
CA ILE C 409 18.64 -17.50 -34.15
C ILE C 409 18.82 -17.57 -32.65
N ILE C 410 18.72 -16.44 -31.95
CA ILE C 410 18.92 -16.44 -30.51
C ILE C 410 17.79 -17.20 -29.82
N LEU C 411 16.56 -17.08 -30.32
CA LEU C 411 15.45 -17.83 -29.75
C LEU C 411 15.66 -19.32 -29.90
N CYS C 412 16.18 -19.76 -31.05
CA CYS C 412 16.46 -21.17 -31.25
C CYS C 412 17.59 -21.64 -30.34
N MET C 413 18.64 -20.83 -30.19
CA MET C 413 19.73 -21.21 -29.31
C MET C 413 19.28 -21.34 -27.86
N VAL C 414 18.48 -20.40 -27.38
CA VAL C 414 18.00 -20.48 -26.01
C VAL C 414 17.03 -21.64 -25.86
N PHE C 415 16.20 -21.88 -26.88
CA PHE C 415 15.26 -22.99 -26.84
C PHE C 415 15.99 -24.32 -26.77
N SER C 416 17.21 -24.40 -27.32
CA SER C 416 17.96 -25.64 -27.33
C SER C 416 18.61 -25.97 -26.00
N GLN C 417 18.63 -25.03 -25.06
CA GLN C 417 19.26 -25.25 -23.75
C GLN C 417 20.72 -25.66 -23.90
N ASP C 418 21.42 -24.99 -24.83
CA ASP C 418 22.82 -25.31 -25.06
C ASP C 418 23.68 -24.84 -23.90
N THR C 419 24.80 -25.54 -23.69
CA THR C 419 25.72 -25.18 -22.61
C THR C 419 26.29 -23.79 -22.82
N ARG C 420 26.62 -23.45 -24.06
CA ARG C 420 27.13 -22.11 -24.35
C ARG C 420 26.13 -21.04 -23.96
N MET C 421 24.84 -21.28 -24.24
CA MET C 421 23.81 -20.31 -23.90
C MET C 421 23.76 -20.06 -22.39
N PHE C 422 23.77 -21.14 -21.60
CA PHE C 422 23.78 -20.97 -20.15
C PHE C 422 25.03 -20.24 -19.69
N GLN C 423 26.19 -20.64 -20.23
CA GLN C 423 27.44 -20.01 -19.84
C GLN C 423 27.59 -18.59 -20.37
N GLY C 424 26.74 -18.18 -21.31
CA GLY C 424 26.79 -16.84 -21.86
C GLY C 424 26.10 -15.78 -21.05
N VAL C 425 25.57 -16.12 -19.88
CA VAL C 425 24.89 -15.15 -19.03
C VAL C 425 25.93 -14.41 -18.21
N ARG C 426 25.93 -13.08 -18.32
CA ARG C 426 26.86 -12.23 -17.56
C ARG C 426 26.09 -10.98 -17.13
N GLY C 427 25.54 -11.02 -15.91
CA GLY C 427 24.78 -9.91 -15.39
C GLY C 427 23.87 -10.31 -14.25
N GLU C 428 22.63 -9.83 -14.29
CA GLU C 428 21.64 -10.11 -13.25
C GLU C 428 20.40 -10.71 -13.92
N ILE C 429 20.01 -11.90 -13.48
CA ILE C 429 18.80 -12.56 -13.95
C ILE C 429 17.97 -12.93 -12.73
N ASN C 430 16.69 -12.54 -12.75
CA ASN C 430 15.77 -12.85 -11.68
C ASN C 430 14.89 -14.02 -12.11
N PHE C 431 14.95 -15.12 -11.35
CA PHE C 431 14.07 -16.26 -11.57
C PHE C 431 12.95 -16.33 -10.55
N LEU C 432 12.90 -15.39 -9.61
CA LEU C 432 11.82 -15.29 -8.64
C LEU C 432 11.33 -13.85 -8.62
N ASN C 433 10.01 -13.68 -8.56
CA ASN C 433 9.47 -12.34 -8.38
C ASN C 433 9.62 -11.90 -6.93
N ARG C 434 9.25 -10.65 -6.66
CA ARG C 434 9.45 -10.09 -5.33
C ARG C 434 8.66 -10.85 -4.28
N ALA C 435 7.63 -11.61 -4.67
CA ALA C 435 6.86 -12.42 -3.76
C ALA C 435 7.44 -13.83 -3.58
N GLY C 436 8.57 -14.13 -4.22
CA GLY C 436 9.17 -15.44 -4.12
C GLY C 436 8.55 -16.50 -5.00
N GLN C 437 7.67 -16.12 -5.93
CA GLN C 437 7.07 -17.08 -6.84
C GLN C 437 8.02 -17.38 -8.00
N LEU C 438 8.00 -18.63 -8.45
CA LEU C 438 8.98 -19.12 -9.41
C LEU C 438 8.59 -18.70 -10.82
N LEU C 439 9.46 -17.90 -11.46
CA LEU C 439 9.29 -17.55 -12.86
C LEU C 439 9.94 -18.60 -13.75
N SER C 440 9.26 -18.92 -14.84
CA SER C 440 9.76 -19.93 -15.77
C SER C 440 11.19 -19.60 -16.19
N PRO C 441 12.18 -20.42 -15.84
CA PRO C 441 13.58 -20.04 -16.14
C PRO C 441 13.85 -19.80 -17.60
N MET C 442 13.27 -20.60 -18.49
CA MET C 442 13.62 -20.50 -19.91
C MET C 442 13.12 -19.19 -20.50
N TYR C 443 11.92 -18.75 -20.12
CA TYR C 443 11.42 -17.47 -20.61
C TYR C 443 12.27 -16.32 -20.08
N GLN C 444 12.70 -16.40 -18.82
CA GLN C 444 13.58 -15.37 -18.28
C GLN C 444 14.89 -15.32 -19.06
N LEU C 445 15.46 -16.49 -19.37
CA LEU C 445 16.68 -16.52 -20.16
C LEU C 445 16.46 -15.93 -21.55
N GLN C 446 15.32 -16.26 -22.16
CA GLN C 446 14.98 -15.71 -23.47
C GLN C 446 14.91 -14.18 -23.42
N ARG C 447 14.23 -13.66 -22.41
CA ARG C 447 14.10 -12.21 -22.27
C ARG C 447 15.47 -11.56 -22.04
N TYR C 448 16.30 -12.19 -21.21
CA TYR C 448 17.62 -11.63 -20.92
C TYR C 448 18.49 -11.60 -22.18
N PHE C 449 18.46 -12.68 -22.96
CA PHE C 449 19.31 -12.77 -24.14
C PHE C 449 18.73 -12.05 -25.36
N LEU C 450 17.45 -11.67 -25.31
CA LEU C 450 16.88 -10.93 -26.44
C LEU C 450 17.55 -9.58 -26.62
N ASN C 451 17.80 -8.86 -25.52
CA ASN C 451 18.33 -7.50 -25.59
C ASN C 451 19.84 -7.43 -25.43
N ARG C 452 20.51 -8.57 -25.20
CA ARG C 452 21.96 -8.59 -25.02
C ARG C 452 22.56 -9.76 -25.80
N SER C 453 22.16 -9.89 -27.06
CA SER C 453 22.65 -10.98 -27.91
C SER C 453 24.14 -10.88 -28.20
N ASN C 454 24.77 -9.73 -27.94
CA ASN C 454 26.19 -9.59 -28.21
C ASN C 454 27.00 -10.61 -27.41
N ASP C 455 26.75 -10.70 -26.10
CA ASP C 455 27.48 -11.64 -25.27
C ASP C 455 27.18 -13.08 -25.68
N LEU C 456 25.93 -13.36 -26.04
CA LEU C 456 25.58 -14.72 -26.47
C LEU C 456 26.37 -15.11 -27.71
N PHE C 457 26.42 -14.23 -28.71
CA PHE C 457 27.17 -14.51 -29.93
C PHE C 457 28.66 -14.63 -29.64
N ASP C 458 29.19 -13.78 -28.76
CA ASP C 458 30.61 -13.85 -28.43
C ASP C 458 30.94 -15.17 -27.74
N GLN C 459 30.08 -15.62 -26.83
CA GLN C 459 30.32 -16.87 -26.12
C GLN C 459 30.13 -18.08 -27.02
N TRP C 460 29.21 -17.99 -27.99
CA TRP C 460 28.89 -19.15 -28.81
C TRP C 460 30.11 -19.63 -29.60
N GLY C 461 30.84 -18.71 -30.20
CA GLY C 461 31.98 -19.02 -31.05
C GLY C 461 31.67 -18.75 -32.51
N TYR C 462 32.67 -19.04 -33.35
CA TYR C 462 32.55 -18.83 -34.78
C TYR C 462 33.39 -19.87 -35.51
N GLU C 463 33.07 -20.07 -36.78
CA GLU C 463 33.81 -21.01 -37.62
C GLU C 463 33.65 -20.58 -39.07
N GLU C 464 34.46 -21.19 -39.94
CA GLU C 464 34.47 -20.82 -41.34
C GLU C 464 33.08 -20.98 -41.96
N SER C 465 32.67 -19.98 -42.74
CA SER C 465 31.38 -20.03 -43.38
C SER C 465 31.35 -21.14 -44.43
N PRO C 466 30.24 -21.86 -44.57
CA PRO C 466 30.19 -22.92 -45.57
C PRO C 466 30.40 -22.38 -46.98
N LYS C 467 31.09 -23.15 -47.80
CA LYS C 467 31.41 -22.77 -49.17
C LYS C 467 30.58 -23.52 -50.20
N ALA C 468 29.53 -24.22 -49.78
CA ALA C 468 28.68 -24.92 -50.72
C ALA C 468 27.99 -23.93 -51.64
N SER C 469 27.35 -24.47 -52.69
CA SER C 469 26.72 -23.61 -53.69
C SER C 469 25.59 -22.78 -53.07
N GLU C 470 24.79 -23.38 -52.19
CA GLU C 470 23.62 -22.72 -51.64
C GLU C 470 23.75 -22.42 -50.15
N LEU C 471 24.87 -22.75 -49.52
CA LEU C 471 25.06 -22.59 -48.09
C LEU C 471 26.08 -21.49 -47.83
N HIS C 472 25.67 -20.48 -47.04
CA HIS C 472 26.57 -19.42 -46.62
C HIS C 472 26.28 -19.08 -45.17
N GLY C 473 27.32 -18.65 -44.45
CA GLY C 473 27.19 -18.34 -43.05
C GLY C 473 26.79 -16.89 -42.80
N ILE C 474 26.54 -16.59 -41.52
CA ILE C 474 26.20 -15.25 -41.08
C ILE C 474 26.94 -14.95 -39.78
N ASN C 475 27.50 -13.76 -39.67
CA ASN C 475 28.29 -13.36 -38.53
C ASN C 475 27.44 -12.57 -37.53
N GLU C 476 28.06 -12.19 -36.41
CA GLU C 476 27.38 -11.39 -35.40
C GLU C 476 27.06 -9.99 -35.89
N SER C 477 27.60 -9.58 -37.03
CA SER C 477 27.30 -8.29 -37.64
C SER C 477 26.06 -8.34 -38.50
N MET C 478 25.16 -9.30 -38.27
CA MET C 478 23.84 -9.32 -38.89
C MET C 478 23.95 -9.26 -40.42
N ASN C 479 25.04 -9.80 -40.95
CA ASN C 479 25.28 -9.81 -42.40
C ASN C 479 26.07 -11.07 -42.75
N ALA C 480 25.78 -11.62 -43.93
CA ALA C 480 26.51 -12.80 -44.39
C ALA C 480 27.99 -12.48 -44.58
N SER C 481 28.84 -13.40 -44.16
CA SER C 481 30.29 -13.20 -44.26
C SER C 481 30.97 -14.56 -44.20
N ASP C 482 32.30 -14.55 -44.35
CA ASP C 482 33.07 -15.79 -44.33
C ASP C 482 33.13 -16.42 -42.94
N TYR C 483 32.78 -15.67 -41.90
CA TYR C 483 32.73 -16.18 -40.54
C TYR C 483 31.28 -16.26 -40.08
N THR C 484 30.94 -17.32 -39.35
CA THR C 484 29.60 -17.49 -38.84
C THR C 484 29.64 -18.28 -37.54
N LEU C 485 28.63 -18.07 -36.70
CA LEU C 485 28.55 -18.79 -35.44
C LEU C 485 28.26 -20.26 -35.68
N LYS C 486 28.76 -21.10 -34.77
CA LYS C 486 28.68 -22.55 -34.96
C LYS C 486 27.23 -23.00 -35.04
N GLY C 487 26.94 -23.88 -35.98
CA GLY C 487 25.63 -24.49 -36.09
C GLY C 487 24.72 -23.85 -37.11
N VAL C 488 24.69 -22.52 -37.15
CA VAL C 488 23.76 -21.82 -38.04
C VAL C 488 24.29 -21.90 -39.47
N VAL C 489 23.42 -22.31 -40.39
CA VAL C 489 23.75 -22.40 -41.81
C VAL C 489 22.57 -21.86 -42.59
N VAL C 490 22.84 -20.94 -43.51
CA VAL C 490 21.79 -20.37 -44.35
C VAL C 490 21.65 -21.23 -45.59
N THR C 491 20.42 -21.31 -46.10
CA THR C 491 20.13 -22.07 -47.31
C THR C 491 19.22 -21.24 -48.21
N ARG C 492 19.30 -21.50 -49.51
CA ARG C 492 18.41 -20.89 -50.48
C ARG C 492 17.19 -21.75 -50.78
N ASN C 493 17.07 -22.91 -50.13
CA ASN C 493 15.94 -23.82 -50.35
C ASN C 493 14.72 -23.23 -49.68
N VAL C 494 13.90 -22.51 -50.47
CA VAL C 494 12.69 -21.91 -49.93
C VAL C 494 11.80 -22.99 -49.34
N ILE C 495 11.26 -22.72 -48.15
CA ILE C 495 10.30 -23.59 -47.49
C ILE C 495 9.04 -22.79 -47.22
N ASP C 496 7.88 -23.43 -47.38
CA ASP C 496 6.59 -22.75 -47.32
C ASP C 496 5.96 -22.88 -45.94
N ASP C 497 6.77 -22.83 -44.89
CA ASP C 497 6.26 -22.89 -43.52
C ASP C 497 5.70 -24.28 -43.23
N PHE C 498 4.73 -24.35 -42.32
CA PHE C 498 4.13 -25.62 -41.92
C PHE C 498 2.68 -25.63 -42.37
N SER C 499 2.29 -26.66 -43.10
CA SER C 499 0.93 -26.80 -43.61
C SER C 499 0.52 -28.26 -43.70
N THR C 503 1.70 -33.16 -41.21
CA THR C 503 0.52 -33.77 -40.61
C THR C 503 0.73 -35.27 -40.42
N GLU C 504 0.17 -35.82 -39.34
CA GLU C 504 0.30 -37.23 -39.01
C GLU C 504 -1.05 -37.77 -38.55
N LYS C 505 -1.19 -39.09 -38.66
CA LYS C 505 -2.39 -39.80 -38.23
C LYS C 505 -2.03 -40.77 -37.12
N VAL C 506 -2.72 -40.65 -35.99
CA VAL C 506 -2.49 -41.50 -34.83
C VAL C 506 -3.83 -41.97 -34.27
N SER C 507 -3.78 -43.05 -33.51
CA SER C 507 -4.94 -43.59 -32.82
C SER C 507 -4.66 -43.61 -31.33
N ILE C 508 -5.58 -43.03 -30.55
CA ILE C 508 -5.39 -42.92 -29.11
C ILE C 508 -5.78 -44.24 -28.45
N THR C 509 -4.90 -44.76 -27.61
CA THR C 509 -5.13 -46.04 -26.96
C THR C 509 -5.87 -45.83 -25.64
N LYS C 510 -6.01 -46.90 -24.87
CA LYS C 510 -6.80 -46.84 -23.64
C LYS C 510 -6.18 -45.88 -22.63
N ASN C 511 -4.86 -45.91 -22.48
CA ASN C 511 -4.16 -45.14 -21.46
C ASN C 511 -3.80 -43.73 -21.92
N LEU C 512 -4.49 -43.21 -22.93
CA LEU C 512 -4.25 -41.85 -23.42
C LEU C 512 -2.83 -41.71 -23.96
N SER C 513 -2.40 -42.71 -24.72
CA SER C 513 -1.12 -42.68 -25.42
C SER C 513 -1.38 -42.68 -26.93
N LEU C 514 -0.73 -41.76 -27.63
CA LEU C 514 -0.92 -41.60 -29.07
C LEU C 514 0.15 -42.41 -29.80
N ILE C 515 -0.28 -43.32 -30.68
CA ILE C 515 0.59 -44.23 -31.40
C ILE C 515 0.32 -44.10 -32.89
N LYS C 516 1.38 -44.16 -33.68
CA LYS C 516 1.24 -44.07 -35.14
C LYS C 516 0.74 -45.40 -35.69
N ARG C 517 0.65 -45.48 -37.02
CA ARG C 517 0.28 -46.74 -37.65
C ARG C 517 1.33 -47.82 -37.39
N THR C 518 2.60 -47.41 -37.21
CA THR C 518 3.65 -48.37 -36.91
C THR C 518 3.58 -48.88 -35.48
N GLY C 519 2.88 -48.16 -34.59
CA GLY C 519 2.73 -48.56 -33.21
C GLY C 519 3.60 -47.79 -32.24
N GLU C 520 4.63 -47.10 -32.72
CA GLU C 520 5.48 -46.31 -31.83
C GLU C 520 4.65 -45.25 -31.13
N VAL C 521 4.91 -45.07 -29.84
CA VAL C 521 4.23 -44.04 -29.06
C VAL C 521 4.87 -42.69 -29.36
N ILE C 522 4.05 -41.72 -29.76
CA ILE C 522 4.54 -40.39 -30.10
C ILE C 522 4.22 -39.44 -28.95
N MET C 523 3.18 -39.78 -28.17
CA MET C 523 2.76 -38.96 -27.05
C MET C 523 2.10 -39.85 -26.01
N GLY C 524 2.06 -39.35 -24.78
CA GLY C 524 1.46 -40.10 -23.70
C GLY C 524 1.12 -39.20 -22.53
N ALA C 525 0.27 -39.72 -21.66
CA ALA C 525 -0.18 -38.96 -20.49
C ALA C 525 0.97 -38.62 -19.54
N ASN C 526 2.09 -39.33 -19.62
CA ASN C 526 3.25 -39.05 -18.79
C ASN C 526 4.08 -37.89 -19.32
N ASP C 527 3.83 -37.44 -20.55
CA ASP C 527 4.50 -36.26 -21.09
C ASP C 527 3.80 -34.96 -20.75
N VAL C 528 2.60 -35.02 -20.14
CA VAL C 528 1.88 -33.80 -19.82
C VAL C 528 2.53 -33.11 -18.65
N SER C 529 2.74 -31.80 -18.78
CA SER C 529 3.35 -31.02 -17.71
C SER C 529 2.47 -31.05 -16.47
N GLU C 530 3.12 -31.19 -15.30
CA GLU C 530 2.40 -31.21 -14.04
C GLU C 530 2.19 -29.82 -13.45
N LEU C 531 2.67 -28.77 -14.11
CA LEU C 531 2.53 -27.42 -13.59
C LEU C 531 1.05 -27.02 -13.53
N GLU C 532 0.59 -26.69 -12.33
CA GLU C 532 -0.75 -26.15 -12.15
C GLU C 532 -0.74 -24.65 -12.43
N SER C 533 -1.64 -24.21 -13.30
CA SER C 533 -1.66 -22.83 -13.75
C SER C 533 -3.09 -22.31 -13.73
N GLN C 534 -3.20 -20.99 -13.67
CA GLN C 534 -4.50 -20.32 -13.67
C GLN C 534 -4.89 -19.98 -15.10
N ALA C 535 -6.03 -20.50 -15.53
CA ALA C 535 -6.53 -20.18 -16.86
C ALA C 535 -6.86 -18.70 -16.97
N GLN C 536 -6.59 -18.13 -18.15
CA GLN C 536 -6.94 -16.73 -18.37
C GLN C 536 -8.45 -16.54 -18.54
N LEU C 537 -9.14 -17.51 -19.12
CA LEU C 537 -10.58 -17.43 -19.33
C LEU C 537 -11.27 -18.46 -18.44
N MET C 538 -12.45 -18.08 -17.95
CA MET C 538 -13.21 -18.96 -17.07
C MET C 538 -13.50 -20.28 -17.77
N ILE C 539 -13.22 -21.39 -17.08
CA ILE C 539 -13.45 -22.73 -17.59
C ILE C 539 -14.58 -23.35 -16.80
N THR C 540 -15.55 -23.95 -17.49
CA THR C 540 -16.69 -24.58 -16.84
C THR C 540 -16.79 -26.03 -17.30
N TYR C 541 -17.26 -26.89 -16.40
CA TYR C 541 -17.56 -28.28 -16.71
C TYR C 541 -19.04 -28.49 -16.45
N ASP C 542 -19.80 -28.75 -17.52
CA ASP C 542 -21.26 -28.90 -17.43
C ASP C 542 -21.62 -30.31 -16.98
N THR C 543 -21.06 -30.70 -15.85
CA THR C 543 -21.27 -32.03 -15.29
C THR C 543 -21.45 -31.90 -13.78
N PRO C 544 -22.24 -32.78 -13.17
CA PRO C 544 -22.44 -32.68 -11.72
C PRO C 544 -21.16 -32.89 -10.92
N LYS C 545 -20.17 -33.56 -11.49
CA LYS C 545 -18.90 -33.82 -10.82
C LYS C 545 -17.82 -32.83 -11.25
N MET C 546 -18.21 -31.57 -11.46
CA MET C 546 -17.24 -30.56 -11.87
C MET C 546 -16.18 -30.34 -10.80
N TRP C 547 -16.55 -30.43 -9.52
CA TRP C 547 -15.60 -30.17 -8.45
C TRP C 547 -14.38 -31.08 -8.51
N GLU C 548 -14.50 -32.24 -9.16
CA GLU C 548 -13.39 -33.16 -9.27
C GLU C 548 -12.24 -32.60 -10.10
N MET C 549 -12.46 -31.51 -10.81
CA MET C 549 -11.40 -30.85 -11.58
C MET C 549 -10.78 -29.69 -10.82
N GLY C 550 -11.09 -29.54 -9.53
CA GLY C 550 -10.57 -28.44 -8.74
C GLY C 550 -9.17 -28.70 -8.21
N THR C 551 -8.72 -27.77 -7.37
CA THR C 551 -7.39 -27.85 -6.80
C THR C 551 -7.33 -28.91 -5.71
N THR C 552 -6.14 -29.07 -5.13
CA THR C 552 -5.94 -30.08 -4.09
C THR C 552 -6.82 -29.79 -2.88
N LYS C 553 -6.83 -28.55 -2.40
CA LYS C 553 -7.62 -28.23 -1.21
C LYS C 553 -9.11 -28.40 -1.46
N GLU C 554 -9.60 -27.93 -2.61
CA GLU C 554 -11.01 -28.10 -2.94
C GLU C 554 -11.37 -29.58 -3.02
N LEU C 555 -10.53 -30.38 -3.68
CA LEU C 555 -10.79 -31.80 -3.80
C LEU C 555 -10.80 -32.47 -2.42
N VAL C 556 -9.86 -32.11 -1.56
CA VAL C 556 -9.79 -32.72 -0.23
C VAL C 556 -11.04 -32.39 0.57
N GLN C 557 -11.43 -31.11 0.57
CA GLN C 557 -12.62 -30.72 1.32
C GLN C 557 -13.86 -31.42 0.79
N ASN C 558 -14.02 -31.46 -0.54
CA ASN C 558 -15.20 -32.10 -1.11
C ASN C 558 -15.23 -33.60 -0.79
N THR C 559 -14.08 -34.27 -0.88
CA THR C 559 -14.04 -35.69 -0.59
C THR C 559 -14.41 -35.97 0.86
N TYR C 560 -13.85 -35.19 1.79
CA TYR C 560 -14.15 -35.44 3.20
C TYR C 560 -15.59 -35.06 3.54
N GLN C 561 -16.13 -34.02 2.89
CA GLN C 561 -17.55 -33.71 3.07
C GLN C 561 -18.43 -34.84 2.57
N TRP C 562 -18.09 -35.44 1.43
CA TRP C 562 -18.85 -36.59 0.94
C TRP C 562 -18.77 -37.75 1.93
N VAL C 563 -17.58 -38.01 2.46
CA VAL C 563 -17.43 -39.07 3.45
C VAL C 563 -18.31 -38.79 4.66
N LEU C 564 -18.33 -37.55 5.12
CA LEU C 564 -19.15 -37.19 6.28
C LEU C 564 -20.63 -37.36 5.99
N LYS C 565 -21.07 -36.98 4.79
CA LYS C 565 -22.48 -37.07 4.45
C LYS C 565 -22.96 -38.51 4.47
N ASN C 566 -22.13 -39.44 3.98
CA ASN C 566 -22.44 -40.85 3.93
C ASN C 566 -21.77 -41.64 5.06
N LEU C 567 -21.51 -40.98 6.18
CA LEU C 567 -20.72 -41.61 7.23
C LEU C 567 -21.41 -42.86 7.78
N VAL C 568 -22.72 -42.80 8.01
CA VAL C 568 -23.42 -43.91 8.64
C VAL C 568 -23.41 -45.13 7.72
N THR C 569 -23.77 -44.93 6.46
CA THR C 569 -23.78 -46.05 5.50
C THR C 569 -22.36 -46.59 5.30
N LEU C 570 -21.37 -45.70 5.24
CA LEU C 570 -19.99 -46.15 5.08
C LEU C 570 -19.54 -47.00 6.25
N LYS C 571 -19.86 -46.58 7.48
CA LYS C 571 -19.49 -47.35 8.66
C LYS C 571 -20.21 -48.70 8.67
N ALA C 572 -21.49 -48.71 8.31
CA ALA C 572 -22.23 -49.97 8.28
C ALA C 572 -21.63 -50.93 7.25
N GLN C 573 -21.33 -50.42 6.06
CA GLN C 573 -20.70 -51.25 5.04
C GLN C 573 -19.34 -51.76 5.48
N PHE C 574 -18.58 -50.91 6.17
CA PHE C 574 -17.27 -51.32 6.67
C PHE C 574 -17.39 -52.46 7.67
N LEU C 575 -18.32 -52.32 8.63
CA LEU C 575 -18.50 -53.38 9.63
C LEU C 575 -18.98 -54.67 8.98
N LEU C 576 -19.93 -54.57 8.05
CA LEU C 576 -20.43 -55.76 7.38
C LEU C 576 -19.53 -56.15 6.21
N GLY C 577 -19.36 -55.25 5.24
CA GLY C 577 -18.51 -55.51 4.10
C GLY C 577 -17.04 -55.45 4.45
N LYS C 578 -16.21 -55.86 3.50
CA LYS C 578 -14.76 -55.92 3.68
C LYS C 578 -13.99 -55.00 2.76
N GLU C 579 -14.21 -55.11 1.45
CA GLU C 579 -13.41 -54.36 0.47
C GLU C 579 -14.23 -53.55 -0.52
N ASP C 580 -15.53 -53.82 -0.66
CA ASP C 580 -16.33 -53.06 -1.62
C ASP C 580 -16.48 -51.60 -1.22
N MET C 581 -16.24 -51.27 0.05
CA MET C 581 -16.36 -49.89 0.51
C MET C 581 -15.23 -49.00 0.02
N PHE C 582 -14.08 -49.57 -0.35
CA PHE C 582 -12.94 -48.80 -0.78
C PHE C 582 -13.07 -48.25 -2.18
N GLN C 583 -14.10 -48.65 -2.93
CA GLN C 583 -14.27 -48.26 -4.32
C GLN C 583 -15.42 -47.26 -4.41
N TRP C 584 -15.08 -46.00 -4.66
CA TRP C 584 -16.08 -44.96 -4.89
C TRP C 584 -15.50 -43.92 -5.84
N ASP C 585 -16.39 -43.24 -6.57
CA ASP C 585 -15.94 -42.23 -7.52
C ASP C 585 -15.36 -41.02 -6.80
N ALA C 586 -15.88 -40.68 -5.62
CA ALA C 586 -15.29 -39.60 -4.84
C ALA C 586 -13.85 -39.92 -4.48
N PHE C 587 -13.59 -41.15 -4.05
CA PHE C 587 -12.23 -41.56 -3.78
C PHE C 587 -11.40 -41.63 -5.05
N GLU C 588 -12.02 -41.92 -6.19
CA GLU C 588 -11.30 -41.89 -7.46
C GLU C 588 -10.80 -40.48 -7.76
N ALA C 589 -11.66 -39.48 -7.57
CA ALA C 589 -11.22 -38.09 -7.74
C ALA C 589 -10.13 -37.73 -6.74
N PHE C 590 -10.29 -38.19 -5.49
CA PHE C 590 -9.27 -37.92 -4.49
C PHE C 590 -7.93 -38.52 -4.88
N GLU C 591 -7.95 -39.70 -5.50
CA GLU C 591 -6.70 -40.36 -5.90
C GLU C 591 -5.89 -39.53 -6.87
N SER C 592 -6.50 -38.60 -7.60
CA SER C 592 -5.79 -37.84 -8.62
C SER C 592 -4.84 -36.81 -8.01
N ILE C 593 -5.06 -36.40 -6.76
CA ILE C 593 -4.18 -35.44 -6.09
C ILE C 593 -3.12 -36.12 -5.24
N ILE C 594 -3.10 -37.44 -5.20
CA ILE C 594 -2.02 -38.19 -4.54
C ILE C 594 -0.97 -38.49 -5.58
N PRO C 595 0.31 -38.17 -5.36
CA PRO C 595 1.33 -38.59 -6.31
C PRO C 595 1.31 -40.10 -6.50
N GLN C 596 1.42 -40.52 -7.76
CA GLN C 596 1.21 -41.93 -8.08
C GLN C 596 2.24 -42.84 -7.43
N LYS C 597 3.42 -42.30 -7.09
CA LYS C 597 4.45 -43.14 -6.48
C LYS C 597 3.99 -43.68 -5.13
N MET C 598 3.33 -42.85 -4.33
CA MET C 598 2.93 -43.21 -2.98
C MET C 598 1.49 -43.72 -2.87
N ALA C 599 0.72 -43.68 -3.96
CA ALA C 599 -0.69 -43.99 -3.87
C ALA C 599 -0.91 -45.42 -3.36
N GLY C 600 -0.18 -46.38 -3.93
CA GLY C 600 -0.32 -47.76 -3.48
C GLY C 600 0.16 -47.97 -2.06
N GLN C 601 1.27 -47.35 -1.69
CA GLN C 601 1.78 -47.49 -0.32
C GLN C 601 0.81 -46.88 0.68
N TYR C 602 0.28 -45.69 0.38
CA TYR C 602 -0.72 -45.09 1.24
C TYR C 602 -1.96 -45.97 1.33
N SER C 603 -2.38 -46.55 0.21
CA SER C 603 -3.54 -47.43 0.22
C SER C 603 -3.31 -48.63 1.14
N GLY C 604 -2.14 -49.26 1.03
CA GLY C 604 -1.86 -50.39 1.89
C GLY C 604 -1.85 -50.01 3.36
N PHE C 605 -1.19 -48.89 3.69
CA PHE C 605 -1.13 -48.44 5.07
C PHE C 605 -2.54 -48.17 5.61
N ALA C 606 -3.33 -47.39 4.88
CA ALA C 606 -4.66 -47.01 5.36
C ALA C 606 -5.57 -48.22 5.47
N ARG C 607 -5.52 -49.13 4.50
CA ARG C 607 -6.34 -50.33 4.56
C ARG C 607 -5.98 -51.17 5.77
N ALA C 608 -4.68 -51.34 6.04
CA ALA C 608 -4.28 -52.11 7.22
C ALA C 608 -4.76 -51.44 8.50
N VAL C 609 -4.63 -50.11 8.59
CA VAL C 609 -5.04 -49.42 9.81
C VAL C 609 -6.54 -49.57 10.02
N LEU C 610 -7.34 -49.39 8.96
CA LEU C 610 -8.79 -49.52 9.11
C LEU C 610 -9.18 -50.95 9.46
N LYS C 611 -8.53 -51.93 8.82
CA LYS C 611 -8.85 -53.33 9.12
C LYS C 611 -8.53 -53.67 10.56
N GLN C 612 -7.39 -53.17 11.07
CA GLN C 612 -7.06 -53.44 12.47
C GLN C 612 -8.01 -52.72 13.41
N MET C 613 -8.46 -51.52 13.05
CA MET C 613 -9.45 -50.84 13.88
C MET C 613 -10.74 -51.64 13.94
N ARG C 614 -11.17 -52.22 12.82
CA ARG C 614 -12.41 -52.99 12.80
C ARG C 614 -12.26 -54.30 13.57
N ASP C 615 -11.30 -55.13 13.15
CA ASP C 615 -11.20 -56.49 13.69
C ASP C 615 -10.97 -56.46 15.20
N GLN C 616 -10.11 -55.57 15.67
CA GLN C 616 -9.81 -55.49 17.10
C GLN C 616 -10.89 -54.77 17.89
N GLU C 617 -11.90 -54.21 17.22
CA GLU C 617 -13.05 -53.56 17.84
C GLU C 617 -12.70 -52.26 18.54
N VAL C 618 -11.49 -51.76 18.36
CA VAL C 618 -11.10 -50.44 18.87
C VAL C 618 -11.20 -49.50 17.67
N MET C 619 -12.38 -48.93 17.49
CA MET C 619 -12.68 -48.10 16.33
C MET C 619 -12.69 -46.63 16.74
N LYS C 620 -12.02 -45.79 15.96
CA LYS C 620 -12.02 -44.35 16.16
C LYS C 620 -12.56 -43.70 14.89
N THR C 621 -13.69 -42.98 15.04
CA THR C 621 -14.38 -42.45 13.86
C THR C 621 -13.53 -41.39 13.15
N ASP C 622 -12.86 -40.52 13.90
CA ASP C 622 -12.07 -39.46 13.29
C ASP C 622 -10.97 -40.04 12.40
N GLN C 623 -10.24 -41.02 12.91
CA GLN C 623 -9.17 -41.63 12.12
C GLN C 623 -9.72 -42.39 10.93
N PHE C 624 -10.84 -43.08 11.12
CA PHE C 624 -11.49 -43.79 10.02
C PHE C 624 -11.84 -42.83 8.89
N ILE C 625 -12.44 -41.69 9.23
CA ILE C 625 -12.79 -40.69 8.23
C ILE C 625 -11.53 -40.15 7.57
N LYS C 626 -10.49 -39.88 8.36
CA LYS C 626 -9.26 -39.35 7.81
C LYS C 626 -8.64 -40.30 6.79
N LEU C 627 -8.63 -41.59 7.09
CA LEU C 627 -7.90 -42.55 6.27
C LEU C 627 -8.71 -43.16 5.15
N LEU C 628 -10.04 -43.13 5.22
CA LEU C 628 -10.84 -43.83 4.21
C LEU C 628 -10.53 -43.40 2.78
N PRO C 629 -10.38 -42.10 2.47
CA PRO C 629 -10.11 -41.73 1.07
C PRO C 629 -8.81 -42.31 0.51
N PHE C 630 -7.84 -42.62 1.37
CA PHE C 630 -6.55 -43.11 0.89
C PHE C 630 -6.55 -44.60 0.55
N CYS C 631 -7.65 -45.31 0.82
CA CYS C 631 -7.72 -46.74 0.60
C CYS C 631 -8.21 -47.10 -0.80
N PHE C 632 -8.22 -46.16 -1.73
CA PHE C 632 -8.81 -46.41 -3.04
C PHE C 632 -7.83 -47.12 -3.97
N SER C 633 -6.58 -46.65 -4.02
CA SER C 633 -5.63 -47.21 -4.95
C SER C 633 -5.37 -48.68 -4.62
N PRO C 634 -4.98 -49.48 -5.61
CA PRO C 634 -4.61 -50.87 -5.33
C PRO C 634 -3.49 -50.92 -4.31
N PRO C 635 -3.55 -51.81 -3.31
CA PRO C 635 -2.53 -51.82 -2.27
C PRO C 635 -1.15 -52.14 -2.85
N LYS C 636 -0.09 -51.63 -2.20
CA LYS C 636 1.32 -51.85 -2.62
C LYS C 636 2.16 -52.08 -1.35
N LEU C 637 2.22 -53.32 -0.86
CA LEU C 637 2.96 -53.71 0.37
C LEU C 637 4.44 -53.93 0.06
N ARG C 638 5.22 -54.13 1.12
CA ARG C 638 6.66 -54.39 1.09
C ARG C 638 6.93 -55.82 0.65
N SER C 639 8.20 -56.10 0.34
CA SER C 639 8.59 -57.43 -0.10
C SER C 639 8.29 -58.48 0.95
N ASN C 640 8.31 -58.11 2.23
CA ASN C 640 8.09 -59.06 3.31
C ASN C 640 6.61 -59.26 3.62
N GLY C 641 5.71 -58.59 2.92
CA GLY C 641 4.29 -58.78 3.10
C GLY C 641 3.63 -57.84 4.08
N GLU C 642 4.31 -56.78 4.51
CA GLU C 642 3.75 -55.81 5.43
C GLU C 642 3.59 -54.45 4.74
N PRO C 643 2.62 -53.65 5.17
CA PRO C 643 2.45 -52.33 4.55
C PRO C 643 3.51 -51.33 5.02
N TYR C 644 3.72 -50.32 4.19
CA TYR C 644 4.58 -49.21 4.57
C TYR C 644 3.96 -48.43 5.71
N GLN C 645 4.81 -47.85 6.55
CA GLN C 645 4.39 -47.04 7.68
C GLN C 645 4.70 -45.57 7.39
N PHE C 646 3.78 -44.69 7.78
CA PHE C 646 3.89 -43.28 7.45
C PHE C 646 3.55 -42.42 8.66
N LEU C 647 4.22 -41.29 8.76
CA LEU C 647 3.85 -40.26 9.72
C LEU C 647 2.94 -39.21 9.11
N LYS C 648 3.06 -38.97 7.81
CA LYS C 648 2.16 -38.06 7.12
C LYS C 648 2.06 -38.47 5.65
N LEU C 649 0.88 -38.26 5.09
CA LEU C 649 0.58 -38.57 3.70
C LEU C 649 0.59 -37.26 2.92
N VAL C 650 1.53 -37.13 1.99
CA VAL C 650 1.75 -35.90 1.25
C VAL C 650 0.86 -35.89 0.02
N LEU C 651 0.34 -34.71 -0.31
CA LEU C 651 -0.52 -34.53 -1.47
C LEU C 651 0.08 -33.46 -2.39
N LYS C 652 -0.43 -33.41 -3.62
CA LYS C 652 0.15 -32.55 -4.64
C LYS C 652 0.00 -31.08 -4.30
N GLY C 653 1.06 -30.32 -4.56
CA GLY C 653 1.00 -28.87 -4.48
C GLY C 653 1.21 -28.32 -3.09
N GLY C 654 2.19 -27.42 -2.95
CA GLY C 654 2.39 -26.72 -1.69
C GLY C 654 2.92 -27.62 -0.60
N GLY C 655 3.66 -27.03 0.35
CA GLY C 655 4.15 -27.78 1.48
C GLY C 655 3.16 -27.93 2.61
N GLU C 656 2.03 -27.24 2.54
CA GLU C 656 1.00 -27.33 3.56
C GLU C 656 -0.10 -28.32 3.21
N ASN C 657 0.01 -29.01 2.07
CA ASN C 657 -0.99 -29.98 1.63
C ASN C 657 -0.52 -31.38 2.03
N PHE C 658 -0.82 -31.76 3.26
CA PHE C 658 -0.52 -33.10 3.74
C PHE C 658 -1.48 -33.44 4.88
N ILE C 659 -1.58 -34.74 5.15
CA ILE C 659 -2.44 -35.25 6.21
C ILE C 659 -1.56 -35.94 7.24
N GLU C 660 -1.68 -35.51 8.50
CA GLU C 660 -0.92 -36.12 9.59
C GLU C 660 -1.66 -37.36 10.10
N VAL C 661 -0.94 -38.48 10.16
CA VAL C 661 -1.57 -39.72 10.63
C VAL C 661 -1.99 -39.61 12.09
N ARG C 662 -1.11 -39.07 12.94
CA ARG C 662 -1.36 -39.00 14.38
C ARG C 662 -1.94 -37.66 14.79
N LYS C 663 -1.26 -36.57 14.47
CA LYS C 663 -1.68 -35.24 14.92
C LYS C 663 -2.60 -34.60 13.88
N GLY C 664 -2.98 -33.35 14.14
CA GLY C 664 -3.74 -32.60 13.16
C GLY C 664 -2.84 -32.04 12.07
N SER C 665 -3.48 -31.59 11.00
CA SER C 665 -2.80 -31.11 9.80
C SER C 665 -3.50 -29.86 9.32
N PRO C 666 -2.82 -29.05 8.49
CA PRO C 666 -3.50 -27.88 7.91
C PRO C 666 -4.74 -28.25 7.12
N LEU C 667 -4.79 -29.44 6.54
CA LEU C 667 -5.95 -29.88 5.79
C LEU C 667 -6.95 -30.67 6.63
N PHE C 668 -6.55 -31.20 7.78
CA PHE C 668 -7.40 -32.09 8.54
C PHE C 668 -6.99 -32.04 10.01
N SER C 669 -7.95 -31.74 10.89
CA SER C 669 -7.70 -31.77 12.32
C SER C 669 -8.99 -32.13 13.03
N TYR C 670 -8.86 -32.78 14.18
CA TYR C 670 -10.02 -33.21 14.96
C TYR C 670 -9.86 -32.75 16.41
N ASN C 671 -10.91 -32.14 16.94
CA ASN C 671 -10.97 -31.75 18.35
C ASN C 671 -11.92 -32.68 19.06
N PRO C 672 -11.43 -33.59 19.91
CA PRO C 672 -12.35 -34.51 20.61
C PRO C 672 -13.19 -33.83 21.67
N GLN C 673 -12.70 -32.76 22.28
CA GLN C 673 -13.47 -32.09 23.32
C GLN C 673 -14.79 -31.59 22.77
N THR C 674 -14.76 -30.90 21.64
CA THR C 674 -15.96 -30.41 20.98
C THR C 674 -16.42 -31.32 19.85
N GLU C 675 -15.69 -32.40 19.59
CA GLU C 675 -16.03 -33.33 18.51
C GLU C 675 -16.16 -32.58 17.18
N VAL C 676 -15.23 -31.67 16.93
CA VAL C 676 -15.30 -30.80 15.76
C VAL C 676 -14.18 -31.18 14.80
N LEU C 677 -14.53 -31.38 13.54
CA LEU C 677 -13.57 -31.70 12.48
C LEU C 677 -13.33 -30.44 11.66
N THR C 678 -12.07 -30.00 11.61
CA THR C 678 -11.68 -28.86 10.79
C THR C 678 -10.99 -29.39 9.54
N ILE C 679 -11.61 -29.17 8.38
CA ILE C 679 -11.08 -29.62 7.10
C ILE C 679 -10.90 -28.39 6.24
N CYS C 680 -9.64 -28.08 5.91
CA CYS C 680 -9.30 -26.93 5.06
C CYS C 680 -9.92 -25.65 5.59
N GLY C 681 -9.96 -25.52 6.91
CA GLY C 681 -10.48 -24.33 7.56
C GLY C 681 -11.97 -24.33 7.82
N ARG C 682 -12.71 -25.33 7.35
CA ARG C 682 -14.14 -25.39 7.54
C ARG C 682 -14.45 -26.33 8.70
N MET C 683 -15.32 -25.90 9.60
CA MET C 683 -15.67 -26.66 10.79
C MET C 683 -16.95 -27.45 10.57
N MET C 684 -16.90 -28.73 10.91
CA MET C 684 -18.06 -29.60 10.87
C MET C 684 -18.17 -30.32 12.21
N SER C 685 -19.38 -30.76 12.53
CA SER C 685 -19.66 -31.40 13.81
C SER C 685 -19.86 -32.90 13.61
N LEU C 686 -19.20 -33.68 14.46
CA LEU C 686 -19.41 -35.13 14.51
C LEU C 686 -20.42 -35.53 15.58
N LYS C 687 -21.04 -34.57 16.26
CA LYS C 687 -22.07 -34.90 17.24
C LYS C 687 -23.17 -35.72 16.58
N GLY C 688 -23.56 -36.80 17.23
CA GLY C 688 -24.51 -37.74 16.66
C GLY C 688 -23.84 -38.81 15.83
N LYS C 689 -22.94 -38.41 14.94
CA LYS C 689 -22.12 -39.35 14.18
C LYS C 689 -20.86 -39.69 14.95
N ILE C 690 -21.03 -40.14 16.19
CA ILE C 690 -19.89 -40.34 17.08
C ILE C 690 -20.39 -41.09 18.31
N GLU C 691 -19.49 -41.82 18.96
CA GLU C 691 -19.76 -42.46 20.23
C GLU C 691 -18.86 -41.81 21.28
N ASP C 692 -19.47 -41.30 22.36
CA ASP C 692 -18.68 -40.65 23.39
C ASP C 692 -17.62 -41.57 23.97
N GLU C 693 -17.88 -42.88 23.97
CA GLU C 693 -16.88 -43.84 24.43
C GLU C 693 -15.60 -43.77 23.62
N GLU C 694 -15.67 -43.25 22.39
CA GLU C 694 -14.46 -43.06 21.58
C GLU C 694 -13.50 -42.05 22.18
N ARG C 695 -13.95 -41.22 23.13
CA ARG C 695 -13.02 -40.33 23.82
C ARG C 695 -12.09 -41.13 24.74
N ASN C 696 -12.60 -42.19 25.37
CA ASN C 696 -11.76 -43.03 26.19
C ASN C 696 -10.90 -43.96 25.34
N ARG C 697 -11.27 -44.17 24.07
CA ARG C 697 -10.52 -45.09 23.22
C ARG C 697 -9.17 -44.50 22.86
N SER C 698 -8.19 -45.38 22.70
CA SER C 698 -6.80 -44.97 22.48
C SER C 698 -6.54 -44.79 21.00
N MET C 699 -5.88 -43.68 20.65
CA MET C 699 -5.49 -43.40 19.27
C MET C 699 -4.33 -44.26 18.82
N GLY C 700 -3.56 -44.83 19.76
CA GLY C 700 -2.41 -45.65 19.41
C GLY C 700 -2.74 -46.91 18.64
N ASN C 701 -4.01 -47.31 18.61
CA ASN C 701 -4.42 -48.47 17.83
C ASN C 701 -4.76 -48.12 16.39
N ALA C 702 -4.77 -46.84 16.03
CA ALA C 702 -5.17 -46.39 14.71
C ALA C 702 -4.12 -45.50 14.08
N VAL C 703 -2.84 -45.76 14.36
CA VAL C 703 -1.76 -44.96 13.81
C VAL C 703 -0.67 -45.79 13.14
N LEU C 704 -0.61 -47.09 13.38
CA LEU C 704 0.39 -47.96 12.76
C LEU C 704 -0.27 -49.27 12.36
N ALA C 705 0.08 -49.76 11.18
CA ALA C 705 -0.48 -51.01 10.68
C ALA C 705 0.19 -52.19 11.38
N GLY C 706 -0.63 -53.07 11.96
CA GLY C 706 -0.12 -54.22 12.66
C GLY C 706 0.32 -53.95 14.09
N PHE C 707 0.07 -52.76 14.62
CA PHE C 707 0.49 -52.38 15.96
C PHE C 707 -0.74 -52.11 16.82
N LEU C 708 -0.68 -52.56 18.06
CA LEU C 708 -1.75 -52.35 19.03
C LEU C 708 -1.14 -51.87 20.34
N VAL C 709 -1.80 -50.90 20.98
CA VAL C 709 -1.32 -50.39 22.25
C VAL C 709 -1.20 -51.53 23.25
N SER C 710 -0.02 -51.69 23.83
CA SER C 710 0.24 -52.78 24.77
C SER C 710 0.19 -52.35 26.22
N GLY C 711 0.33 -51.06 26.50
CA GLY C 711 0.30 -50.58 27.87
C GLY C 711 0.88 -49.19 27.96
N LYS C 712 1.28 -48.82 29.17
CA LYS C 712 1.86 -47.51 29.41
C LYS C 712 3.28 -47.43 28.85
N TYR C 713 3.75 -46.20 28.64
CA TYR C 713 5.07 -45.96 28.11
C TYR C 713 6.15 -46.48 29.05
N ASP C 714 6.85 -47.54 28.64
CA ASP C 714 7.85 -48.18 29.50
C ASP C 714 9.20 -47.50 29.32
N PRO C 715 9.79 -46.96 30.39
CA PRO C 715 11.13 -46.34 30.23
C PRO C 715 12.21 -47.34 29.81
N ASP C 716 12.00 -48.63 30.02
CA ASP C 716 13.03 -49.62 29.70
C ASP C 716 13.36 -49.60 28.21
N LEU C 717 12.34 -49.52 27.37
CA LEU C 717 12.58 -49.62 25.92
C LEU C 717 13.43 -48.46 25.40
N GLY C 718 13.43 -47.32 26.09
CA GLY C 718 14.26 -46.20 25.68
C GLY C 718 13.51 -45.12 24.93
N ASP C 719 14.19 -44.46 24.00
CA ASP C 719 13.58 -43.38 23.25
C ASP C 719 12.57 -43.93 22.25
N PHE C 720 11.67 -43.04 21.82
CA PHE C 720 10.64 -43.43 20.87
C PHE C 720 11.26 -43.83 19.54
N LYS C 721 10.75 -44.91 18.97
CA LYS C 721 11.28 -45.45 17.73
C LYS C 721 10.71 -44.70 16.53
N THR C 722 11.43 -44.79 15.41
CA THR C 722 11.09 -44.11 14.18
C THR C 722 10.35 -45.06 13.23
N ILE C 723 9.95 -44.52 12.08
CA ILE C 723 9.18 -45.31 11.13
C ILE C 723 9.99 -46.51 10.64
N GLU C 724 11.24 -46.27 10.22
CA GLU C 724 12.07 -47.36 9.74
C GLU C 724 12.41 -48.35 10.84
N GLU C 725 12.58 -47.86 12.07
CA GLU C 725 12.81 -48.76 13.20
C GLU C 725 11.58 -49.60 13.49
N LEU C 726 10.38 -49.00 13.39
CA LEU C 726 9.15 -49.77 13.55
C LEU C 726 9.02 -50.83 12.47
N GLU C 727 9.37 -50.49 11.23
CA GLU C 727 9.20 -51.39 10.11
C GLU C 727 10.04 -52.65 10.24
N LYS C 728 11.17 -52.58 10.96
CA LYS C 728 12.06 -53.72 11.11
C LYS C 728 11.81 -54.53 12.37
N LEU C 729 10.85 -54.13 13.20
CA LEU C 729 10.57 -54.87 14.42
C LEU C 729 9.98 -56.24 14.11
N LYS C 730 10.33 -57.21 14.94
CA LYS C 730 9.75 -58.53 14.80
C LYS C 730 8.35 -58.56 15.41
N PRO C 731 7.47 -59.44 14.94
CA PRO C 731 6.13 -59.53 15.52
C PRO C 731 6.18 -59.90 16.98
N GLY C 732 5.23 -59.37 17.75
CA GLY C 732 5.20 -59.61 19.18
C GLY C 732 6.23 -58.85 19.96
N GLU C 733 6.76 -57.76 19.41
CA GLU C 733 7.80 -56.97 20.05
C GLU C 733 7.26 -55.57 20.38
N LYS C 734 7.64 -55.07 21.55
CA LYS C 734 7.13 -53.79 22.02
C LYS C 734 7.96 -52.64 21.45
N ALA C 735 7.46 -51.42 21.65
CA ALA C 735 8.16 -50.22 21.24
C ALA C 735 7.45 -49.01 21.83
N ASN C 736 8.22 -48.00 22.20
CA ASN C 736 7.68 -46.76 22.73
C ASN C 736 7.38 -45.82 21.57
N ILE C 737 6.17 -45.28 21.54
CA ILE C 737 5.70 -44.44 20.46
C ILE C 737 5.19 -43.13 21.04
N LEU C 738 5.53 -42.02 20.40
CA LEU C 738 5.05 -40.70 20.78
C LEU C 738 3.93 -40.32 19.83
N LEU C 739 2.68 -40.47 20.27
CA LEU C 739 1.55 -40.08 19.45
C LEU C 739 1.59 -38.59 19.13
N TYR C 740 1.86 -37.78 20.15
CA TYR C 740 2.07 -36.35 19.98
C TYR C 740 2.52 -35.78 21.31
N GLN C 741 2.85 -34.50 21.31
CA GLN C 741 3.55 -33.88 22.43
C GLN C 741 2.78 -34.06 23.72
N GLY C 742 3.49 -34.52 24.75
CA GLY C 742 2.89 -34.72 26.05
C GLY C 742 2.04 -35.97 26.18
N LYS C 743 2.09 -36.88 25.21
CA LYS C 743 1.31 -38.11 25.29
C LYS C 743 2.08 -39.25 24.64
N PRO C 744 2.90 -39.97 25.40
CA PRO C 744 3.53 -41.19 24.88
C PRO C 744 2.65 -42.41 25.09
N VAL C 745 3.07 -43.51 24.44
CA VAL C 745 2.40 -44.80 24.56
C VAL C 745 3.36 -45.86 24.04
N LYS C 746 3.15 -47.10 24.47
CA LYS C 746 3.93 -48.24 23.99
C LYS C 746 3.02 -49.19 23.24
N VAL C 747 3.50 -49.69 22.10
CA VAL C 747 2.73 -50.54 21.21
C VAL C 747 3.49 -51.83 20.96
N VAL C 748 2.75 -52.85 20.55
CA VAL C 748 3.31 -54.16 20.23
C VAL C 748 2.77 -54.60 18.87
N LYS C 749 3.54 -55.44 18.19
CA LYS C 749 3.13 -55.97 16.89
C LYS C 749 2.38 -57.29 17.05
C02 K1F F 16 5.22 6.09 12.94
C04 K1F F 16 5.34 4.76 13.34
C06 K1F F 16 4.39 2.77 14.22
C07 K1F F 16 5.62 2.13 14.12
C1' K1F F 16 8.04 2.22 13.48
C4' K1F F 16 8.45 0.19 14.60
C5' K1F F 16 7.66 -1.01 15.01
C3' K1F F 16 8.52 1.34 15.60
C2' K1F F 16 8.93 2.51 14.71
C22 K1F F 16 6.57 4.12 13.24
N01 K1F F 16 6.37 6.65 12.57
N05 K1F F 16 4.27 4.11 13.83
N08 K1F F 16 6.71 2.85 13.62
O03 K1F F 16 4.14 6.66 12.94
O4' K1F F 16 7.88 0.82 13.42
O5' K1F F 16 6.44 -0.66 15.65
O3' K1F F 16 9.40 1.09 16.68
O2' K1F F 16 10.28 2.35 14.30
O23 K1F F 16 7.54 4.72 12.80
P K1F F 16 5.34 -1.76 15.97
OP1 K1F F 16 5.88 -2.70 16.98
OP3 K1F F 16 4.06 -1.07 16.25
C02 K1F F 19 7.94 5.15 33.70
C04 K1F F 19 8.51 4.05 34.32
C06 K1F F 19 10.23 3.09 35.63
C07 K1F F 19 9.60 1.85 35.54
C1' K1F F 19 7.77 0.41 34.75
C4' K1F F 19 6.84 -1.05 33.18
C5' K1F F 19 6.18 -0.63 31.89
C3' K1F F 19 5.94 -0.99 34.42
C2' K1F F 19 6.27 0.39 34.98
C22 K1F F 19 7.87 2.81 34.23
N01 K1F F 19 6.84 4.91 33.00
N05 K1F F 19 9.65 4.18 35.00
N08 K1F F 19 8.40 1.73 34.83
O03 K1F F 19 8.46 6.27 33.82
O4' K1F F 19 7.95 -0.14 33.46
O5' K1F F 19 5.80 -1.77 31.12
OP2 K1F F 19 3.58 -1.84 30.01
O3' K1F F 19 6.40 -1.97 35.35
O2' K1F F 19 5.91 0.60 36.33
O23 K1F F 19 6.82 2.71 33.59
P K1F F 19 5.01 -1.60 29.75
OP3 K1F F 19 5.72 -2.39 28.72
C02 K1F F 20 8.65 2.84 41.93
C04 K1F F 20 8.89 1.50 41.67
C06 K1F F 20 9.18 -0.73 42.43
C07 K1F F 20 9.37 -1.16 41.12
C1' K1F F 20 9.50 -0.64 38.69
C4' K1F F 20 8.47 -2.06 37.15
C5' K1F F 20 7.67 -3.27 37.54
C3' K1F F 20 9.98 -2.27 37.10
C2' K1F F 20 10.40 -1.85 38.50
C22 K1F F 20 9.08 1.08 40.36
N01 K1F F 20 8.59 3.62 40.86
N05 K1F F 20 8.94 0.62 42.69
N08 K1F F 20 9.31 -0.21 40.09
O03 K1F F 20 8.51 3.26 43.08
O4' K1F F 20 8.26 -1.02 38.15
O5' K1F F 20 6.28 -2.96 37.67
OP2 K1F F 20 4.38 -1.64 36.77
O3' K1F F 20 10.55 -1.34 36.18
O2' K1F F 20 11.77 -1.55 38.67
O23 K1F F 20 9.03 1.89 39.43
P K1F F 20 5.38 -2.66 36.39
OP3 K1F F 20 4.94 -3.95 35.82
MG MG G . 6.01 -4.77 16.82
MG MG H . 5.02 -9.71 16.64
N2 GTA I . 9.05 -31.39 -26.58
O6 GTA I . 13.08 -29.28 -25.76
C6 GTA I . 11.85 -29.24 -25.80
C5 GTA I . 11.18 -28.14 -25.48
N7 GTA I . 11.61 -26.94 -25.08
C7 GTA I . 13.01 -26.52 -24.89
C8 GTA I . 10.54 -26.16 -24.87
N9 GTA I . 9.46 -26.90 -25.15
C4 GTA I . 9.85 -28.11 -25.51
N3 GTA I . 9.14 -29.19 -25.88
C2 GTA I . 9.75 -30.32 -26.22
N1 GTA I . 11.14 -30.39 -26.18
O3A GTA I . 5.63 -26.43 -25.58
C1A GTA I . 8.06 -26.43 -25.06
C2A GTA I . 7.25 -27.17 -24.02
C3A GTA I . 6.02 -26.36 -24.21
C4A GTA I . 6.64 -25.00 -23.94
C5A GTA I . 6.94 -24.87 -22.44
O4A GTA I . 7.93 -25.05 -24.62
O2A GTA I . 7.05 -28.53 -24.42
P1 GTA I . 8.92 -25.23 -20.76
O11 GTA I . 8.33 -24.26 -19.82
O12 GTA I . 10.40 -25.30 -20.86
O13 GTA I . 8.39 -26.72 -20.41
O15 GTA I . 8.34 -25.01 -22.24
P2 GTA I . 6.84 -27.04 -20.04
O22 GTA I . 6.82 -27.87 -18.82
O21 GTA I . 6.14 -27.50 -21.25
O23 GTA I . 6.25 -25.59 -19.65
P3 GTA I . 4.95 -25.49 -18.71
O32 GTA I . 3.88 -26.34 -19.28
O31 GTA I . 5.37 -25.69 -17.31
O33 GTA I . 4.52 -23.96 -18.90
C5B GTA I . 4.40 -23.42 -20.22
C4B GTA I . 4.00 -21.95 -20.16
O4B GTA I . 3.88 -21.50 -21.53
C3B GTA I . 2.58 -21.84 -19.65
O3B GTA I . 2.14 -20.48 -19.69
C2B GTA I . 1.97 -22.61 -20.78
O2B GTA I . 0.54 -22.58 -20.76
C1B GTA I . 2.49 -21.78 -21.92
N9C GTA I . 2.39 -22.51 -23.20
C8C GTA I . 3.00 -23.66 -23.46
N7C GTA I . 2.67 -24.02 -24.70
C5C GTA I . 1.87 -23.09 -25.20
C6C GTA I . 1.27 -23.00 -26.39
N6C GTA I . 1.52 -23.99 -27.24
N1C GTA I . 0.49 -21.97 -26.71
C2C GTA I . 0.28 -20.97 -25.76
N3C GTA I . 0.91 -21.09 -24.52
C4C GTA I . 1.68 -22.16 -24.27
#